data_7RYR
#
_entry.id   7RYR
#
_cell.length_a   1.00
_cell.length_b   1.00
_cell.length_c   1.00
_cell.angle_alpha   90.00
_cell.angle_beta   90.00
_cell.angle_gamma   90.00
#
_symmetry.space_group_name_H-M   'P 1'
#
loop_
_entity.id
_entity.type
_entity.pdbx_description
1 polymer SthK
2 non-polymer "ADENOSINE-3',5'-CYCLIC-MONOPHOSPHATE"
3 non-polymer '(1R)-2-{[(S)-{[(2S)-2,3-dihydroxypropyl]oxy}(hydroxy)phosphoryl]oxy}-1-[(hexadecanoyloxy)methyl]ethyl (9Z)-octadec-9-enoate'
#
_entity_poly.entity_id   1
_entity_poly.type   'polypeptide(L)'
_entity_poly.pdbx_seq_one_letter_code
;MAKDIGINSDPNSSSVDKLMKSSGVSNPTYTLVWKVWILAVTLYYAIRIPLTLVFPSLFSPLLPLDILASLALIADIPLD
LAFESRRTSGRKPTLLAPSRLPDLLAALPLDLLVFALHLPSPLSLLSLVRLLKLISVQASATRILSYRINPALLRLLSLV
GFILLAAHGIACGWMSLQPPSENPAGTRYLSAFYWTITTLTTIGYGDITPSTPTQTVYTIVIELLGAAMYGLVIGNIASL
VSKLDAAKLLHRERVERVTAFLSYKRISPELQRRIIEYFDYLWETRRGYEEREVLKELPHPLRLAVAMEIHGDVIEKVPL
FKGAGEEFIRDIILHLEPVIYGPGEYIIRAGEMGSDVYFINRGSVEVLSADEKTRYAILSEGQFFGEMALILRAPRTATV
RARAFCDLYRLDKETFDRILSRYPEIAAQIQELAVRRKELESSGLVPRGSVKHHHH
;
_entity_poly.pdbx_strand_id   A,C,D,B
#
loop_
_chem_comp.id
_chem_comp.type
_chem_comp.name
_chem_comp.formula
CMP non-polymer ADENOSINE-3',5'-CYCLIC-MONOPHOSPHATE 'C10 H12 N5 O6 P'
PGW non-polymer '(1R)-2-{[(S)-{[(2S)-2,3-dihydroxypropyl]oxy}(hydroxy)phosphoryl]oxy}-1-[(hexadecanoyloxy)methyl]ethyl (9Z)-octadec-9-enoate' 'C40 H77 O10 P'
#
# COMPACT_ATOMS: atom_id res chain seq x y z
N THR A 29 14.96 39.47 -9.01
CA THR A 29 14.32 38.59 -9.98
C THR A 29 13.03 39.18 -10.51
N TYR A 30 12.61 38.73 -11.68
CA TYR A 30 11.36 39.19 -12.29
C TYR A 30 10.46 38.07 -12.78
N THR A 31 10.95 36.84 -12.90
CA THR A 31 10.08 35.72 -13.25
C THR A 31 9.05 35.46 -12.17
N LEU A 32 9.47 35.57 -10.90
CA LEU A 32 8.58 35.36 -9.76
C LEU A 32 7.42 36.35 -9.72
N VAL A 33 7.56 37.51 -10.37
CA VAL A 33 6.50 38.52 -10.37
C VAL A 33 5.68 38.35 -11.65
N TRP A 34 6.34 38.05 -12.76
CA TRP A 34 5.63 37.88 -14.02
C TRP A 34 4.70 36.66 -13.98
N LYS A 35 5.16 35.56 -13.41
CA LYS A 35 4.34 34.35 -13.33
C LYS A 35 3.27 34.43 -12.25
N VAL A 36 3.31 35.47 -11.40
CA VAL A 36 2.22 35.77 -10.49
C VAL A 36 1.20 36.70 -11.14
N TRP A 37 1.67 37.68 -11.91
CA TRP A 37 0.76 38.52 -12.70
C TRP A 37 -0.02 37.68 -13.71
N ILE A 38 0.65 36.70 -14.33
CA ILE A 38 -0.03 35.84 -15.30
C ILE A 38 -1.11 35.02 -14.60
N LEU A 39 -0.82 34.53 -13.40
CA LEU A 39 -1.84 33.80 -12.63
C LEU A 39 -3.01 34.70 -12.28
N ALA A 40 -2.73 35.93 -11.84
CA ALA A 40 -3.78 36.86 -11.48
C ALA A 40 -4.62 37.29 -12.68
N VAL A 41 -4.07 37.21 -13.88
CA VAL A 41 -4.82 37.53 -15.09
C VAL A 41 -5.63 36.34 -15.59
N THR A 42 -5.06 35.14 -15.54
CA THR A 42 -5.80 33.96 -15.98
C THR A 42 -6.89 33.56 -14.99
N LEU A 43 -6.79 34.00 -13.73
CA LEU A 43 -7.91 33.89 -12.82
C LEU A 43 -8.93 35.01 -13.04
N TYR A 44 -8.47 36.19 -13.45
CA TYR A 44 -9.38 37.27 -13.80
C TYR A 44 -10.30 36.86 -14.94
N TYR A 45 -9.73 36.26 -15.99
CA TYR A 45 -10.58 35.74 -17.07
C TYR A 45 -11.52 34.64 -16.58
N ALA A 46 -11.00 33.71 -15.78
CA ALA A 46 -11.82 32.58 -15.34
C ALA A 46 -12.99 33.03 -14.49
N ILE A 47 -12.86 34.16 -13.81
CA ILE A 47 -13.98 34.71 -13.06
C ILE A 47 -14.88 35.60 -13.92
N ARG A 48 -14.31 36.39 -14.83
CA ARG A 48 -15.06 37.42 -15.54
C ARG A 48 -15.82 36.90 -16.77
N ILE A 49 -15.23 35.95 -17.51
CA ILE A 49 -15.82 35.57 -18.81
C ILE A 49 -17.22 34.98 -18.69
N PRO A 50 -17.48 33.98 -17.82
CA PRO A 50 -18.87 33.48 -17.73
C PRO A 50 -19.84 34.52 -17.19
N LEU A 51 -19.39 35.35 -16.23
CA LEU A 51 -20.25 36.39 -15.68
C LEU A 51 -20.65 37.42 -16.73
N THR A 52 -19.76 37.70 -17.68
CA THR A 52 -20.10 38.54 -18.82
C THR A 52 -20.99 37.80 -19.82
N LEU A 53 -20.80 36.49 -19.97
CA LEU A 53 -21.64 35.71 -20.87
C LEU A 53 -23.09 35.69 -20.40
N VAL A 54 -23.33 35.62 -19.10
CA VAL A 54 -24.70 35.61 -18.60
C VAL A 54 -25.27 37.02 -18.44
N PHE A 55 -24.46 37.97 -17.97
CA PHE A 55 -24.94 39.35 -17.87
C PHE A 55 -24.33 40.18 -19.00
N PRO A 56 -25.11 40.54 -20.03
CA PRO A 56 -24.56 41.43 -21.07
C PRO A 56 -24.42 42.87 -20.62
N SER A 57 -24.91 43.23 -19.44
CA SER A 57 -24.78 44.60 -18.95
C SER A 57 -23.34 44.97 -18.66
N LEU A 58 -22.45 43.99 -18.56
CA LEU A 58 -21.02 44.24 -18.39
C LEU A 58 -20.39 44.54 -19.74
N PHE A 59 -19.05 44.48 -19.80
CA PHE A 59 -18.21 44.75 -20.97
C PHE A 59 -18.15 46.24 -21.28
N SER A 60 -19.02 47.04 -20.66
CA SER A 60 -18.91 48.49 -20.85
C SER A 60 -17.82 49.10 -19.99
N PRO A 61 -17.72 48.82 -18.66
CA PRO A 61 -16.64 49.42 -17.88
C PRO A 61 -15.34 48.63 -17.96
N LEU A 62 -15.44 47.33 -18.22
CA LEU A 62 -14.31 46.40 -18.06
C LEU A 62 -13.60 46.09 -19.37
N LEU A 63 -13.67 47.00 -20.35
CA LEU A 63 -12.98 46.84 -21.62
C LEU A 63 -11.50 47.20 -21.52
N PRO A 64 -11.12 48.36 -20.94
CA PRO A 64 -9.67 48.64 -20.81
C PRO A 64 -8.91 47.61 -19.99
N LEU A 65 -9.52 47.10 -18.92
CA LEU A 65 -8.87 46.05 -18.14
C LEU A 65 -8.68 44.79 -18.97
N ASP A 66 -9.68 44.43 -19.76
CA ASP A 66 -9.59 43.21 -20.56
C ASP A 66 -8.53 43.35 -21.65
N ILE A 67 -8.42 44.50 -22.29
CA ILE A 67 -7.39 44.68 -23.31
C ILE A 67 -6.01 44.76 -22.67
N LEU A 68 -5.91 45.36 -21.47
CA LEU A 68 -4.63 45.39 -20.76
C LEU A 68 -4.18 43.99 -20.36
N ALA A 69 -5.14 43.12 -20.03
CA ALA A 69 -4.79 41.73 -19.77
C ALA A 69 -4.40 41.02 -21.07
N SER A 70 -5.16 41.23 -22.14
CA SER A 70 -4.91 40.52 -23.38
C SER A 70 -3.55 40.87 -24.00
N LEU A 71 -3.10 42.11 -23.84
CA LEU A 71 -1.77 42.46 -24.35
C LEU A 71 -0.68 41.71 -23.59
N ALA A 72 -0.93 41.36 -22.33
CA ALA A 72 -0.01 40.49 -21.60
C ALA A 72 -0.16 39.03 -22.04
N LEU A 73 -1.38 38.63 -22.41
CA LEU A 73 -1.59 37.31 -23.01
C LEU A 73 -0.75 37.12 -24.27
N ILE A 74 -0.70 38.14 -25.12
CA ILE A 74 0.13 38.01 -26.33
C ILE A 74 1.59 38.35 -26.08
N ALA A 75 1.95 38.71 -24.86
CA ALA A 75 3.33 39.04 -24.51
C ALA A 75 4.04 37.91 -23.78
N ASP A 76 3.70 36.66 -24.09
CA ASP A 76 4.33 35.51 -23.46
C ASP A 76 4.97 34.53 -24.43
N ILE A 77 4.54 34.51 -25.70
CA ILE A 77 5.22 33.67 -26.69
C ILE A 77 6.68 34.06 -26.87
N PRO A 78 7.07 35.35 -26.99
CA PRO A 78 8.50 35.67 -26.98
C PRO A 78 9.22 35.25 -25.70
N LEU A 79 8.53 35.29 -24.56
CA LEU A 79 9.12 34.91 -23.28
C LEU A 79 8.89 33.42 -22.98
N ASP A 80 9.25 32.57 -23.93
CA ASP A 80 9.09 31.13 -23.77
C ASP A 80 10.32 30.45 -23.19
N LEU A 81 11.36 31.21 -22.86
CA LEU A 81 12.57 30.64 -22.27
C LEU A 81 13.09 31.53 -21.14
N ARG A 100 2.14 23.56 -24.25
CA ARG A 100 2.67 24.08 -25.50
C ARG A 100 1.59 24.74 -26.37
N LEU A 101 0.67 23.95 -26.91
CA LEU A 101 -0.40 24.42 -27.77
C LEU A 101 -1.54 25.14 -27.03
N PRO A 102 -1.93 24.72 -25.80
CA PRO A 102 -2.93 25.51 -25.06
C PRO A 102 -2.58 26.97 -24.88
N ASP A 103 -1.30 27.30 -24.70
CA ASP A 103 -0.92 28.71 -24.57
C ASP A 103 -1.11 29.44 -25.89
N LEU A 104 -0.86 28.76 -27.02
CA LEU A 104 -1.16 29.35 -28.32
C LEU A 104 -2.66 29.58 -28.48
N LEU A 105 -3.53 28.66 -28.04
CA LEU A 105 -4.98 28.91 -28.28
C LEU A 105 -5.39 30.14 -27.47
N ALA A 106 -4.90 30.25 -26.23
CA ALA A 106 -5.36 31.33 -25.32
C ALA A 106 -5.05 32.73 -25.86
N ALA A 107 -3.91 32.92 -26.50
CA ALA A 107 -3.57 34.31 -26.88
C ALA A 107 -4.60 34.90 -27.85
N LEU A 108 -5.07 34.12 -28.82
CA LEU A 108 -5.94 34.72 -29.85
C LEU A 108 -7.16 35.32 -29.15
N PRO A 109 -7.53 36.57 -29.46
CA PRO A 109 -8.61 37.22 -28.75
C PRO A 109 -10.01 36.87 -29.28
N LEU A 110 -10.51 35.66 -29.04
CA LEU A 110 -11.93 35.39 -29.39
C LEU A 110 -12.74 36.27 -28.43
N ASP A 111 -12.23 36.44 -27.22
CA ASP A 111 -12.87 37.39 -26.26
C ASP A 111 -12.58 38.76 -26.86
N LEU A 112 -13.45 39.76 -26.62
CA LEU A 112 -13.33 41.14 -27.17
C LEU A 112 -14.10 41.13 -28.49
N LEU A 113 -14.36 39.95 -29.03
CA LEU A 113 -15.05 39.87 -30.34
C LEU A 113 -16.49 39.45 -30.10
N VAL A 114 -16.66 38.36 -29.36
CA VAL A 114 -18.03 37.84 -29.10
C VAL A 114 -18.79 38.88 -28.28
N PHE A 115 -18.13 39.51 -27.32
CA PHE A 115 -18.82 40.45 -26.42
C PHE A 115 -19.18 41.72 -27.18
N ALA A 116 -18.30 42.14 -28.09
CA ALA A 116 -18.54 43.37 -28.88
C ALA A 116 -19.64 43.13 -29.90
N LEU A 117 -19.65 41.96 -30.54
CA LEU A 117 -20.59 41.76 -31.67
C LEU A 117 -21.88 41.08 -31.22
N HIS A 118 -22.09 40.92 -29.91
CA HIS A 118 -23.37 40.35 -29.41
C HIS A 118 -23.73 39.16 -30.28
N LEU A 119 -22.72 38.41 -30.71
CA LEU A 119 -22.92 37.22 -31.58
C LEU A 119 -23.90 36.27 -30.90
N PRO A 120 -24.59 35.39 -31.66
CA PRO A 120 -25.59 34.50 -31.09
C PRO A 120 -24.98 33.53 -30.07
N SER A 121 -25.82 32.98 -29.22
CA SER A 121 -25.30 32.16 -28.11
C SER A 121 -24.45 30.97 -28.52
N PRO A 122 -24.77 30.14 -29.56
CA PRO A 122 -23.95 28.96 -29.84
C PRO A 122 -22.50 29.28 -30.21
N LEU A 123 -22.29 30.29 -31.05
CA LEU A 123 -20.92 30.71 -31.41
C LEU A 123 -20.24 31.30 -30.17
N SER A 124 -20.97 32.13 -29.43
CA SER A 124 -20.34 32.86 -28.30
C SER A 124 -19.95 31.88 -27.21
N LEU A 125 -20.65 30.77 -27.09
CA LEU A 125 -20.22 29.93 -25.97
C LEU A 125 -18.76 29.51 -26.13
N LEU A 126 -18.24 29.49 -27.36
CA LEU A 126 -16.86 29.12 -27.62
C LEU A 126 -15.86 30.23 -27.29
N SER A 127 -16.27 31.25 -26.55
CA SER A 127 -15.36 32.29 -26.09
C SER A 127 -14.57 31.87 -24.85
N LEU A 128 -14.75 30.63 -24.39
CA LEU A 128 -14.07 30.11 -23.22
C LEU A 128 -12.65 29.61 -23.52
N VAL A 129 -12.09 29.98 -24.66
CA VAL A 129 -10.75 29.50 -25.02
C VAL A 129 -9.68 30.13 -24.13
N ARG A 130 -9.98 31.27 -23.52
CA ARG A 130 -9.00 31.91 -22.64
C ARG A 130 -8.82 31.16 -21.33
N LEU A 131 -9.74 30.23 -21.01
CA LEU A 131 -9.56 29.38 -19.84
C LEU A 131 -8.51 28.30 -20.06
N LEU A 132 -8.05 28.10 -21.29
CA LEU A 132 -7.05 27.08 -21.57
C LEU A 132 -5.68 27.42 -20.99
N LYS A 133 -5.46 28.68 -20.60
CA LYS A 133 -4.22 29.02 -19.91
C LYS A 133 -4.16 28.44 -18.51
N LEU A 134 -5.32 28.08 -17.92
CA LEU A 134 -5.32 27.49 -16.59
C LEU A 134 -4.59 26.15 -16.57
N ILE A 135 -4.79 25.34 -17.60
CA ILE A 135 -4.10 24.04 -17.67
C ILE A 135 -2.70 24.16 -18.23
N SER A 136 -2.22 25.38 -18.49
CA SER A 136 -0.85 25.61 -18.92
C SER A 136 -0.03 26.38 -17.90
N VAL A 137 -0.68 27.01 -16.92
CA VAL A 137 0.02 27.79 -15.90
C VAL A 137 0.26 27.01 -14.62
N GLN A 138 -0.67 26.13 -14.21
CA GLN A 138 -0.53 25.41 -12.95
C GLN A 138 0.72 24.55 -12.89
N ALA A 139 1.30 24.20 -14.03
CA ALA A 139 2.63 23.61 -14.09
C ALA A 139 3.73 24.61 -14.37
N SER A 140 3.43 25.69 -15.10
CA SER A 140 4.40 26.76 -15.29
C SER A 140 4.65 27.53 -14.00
N ALA A 141 3.61 27.73 -13.19
CA ALA A 141 3.75 28.35 -11.88
C ALA A 141 4.30 27.39 -10.84
N THR A 142 4.32 26.09 -11.14
CA THR A 142 4.94 25.10 -10.27
C THR A 142 6.47 25.19 -10.30
N ARG A 143 7.04 25.83 -11.33
CA ARG A 143 8.49 25.97 -11.43
C ARG A 143 8.99 27.08 -10.53
N ILE A 144 8.64 27.03 -9.25
CA ILE A 144 9.01 28.07 -8.30
C ILE A 144 9.34 27.44 -6.94
N ILE A 149 8.87 26.72 0.30
CA ILE A 149 7.47 26.23 0.19
C ILE A 149 7.49 24.71 -0.03
N ASN A 150 6.33 24.07 0.05
CA ASN A 150 6.24 22.60 -0.15
C ASN A 150 5.48 22.34 -1.45
N PRO A 151 5.95 21.43 -2.34
CA PRO A 151 5.23 21.11 -3.57
C PRO A 151 3.84 20.52 -3.23
N ALA A 152 3.76 19.70 -2.18
CA ALA A 152 2.46 19.12 -1.76
C ALA A 152 1.51 20.24 -1.34
N LEU A 153 2.01 21.26 -0.64
CA LEU A 153 1.15 22.40 -0.20
C LEU A 153 0.62 23.14 -1.43
N LEU A 154 1.48 23.35 -2.44
CA LEU A 154 1.04 24.06 -3.67
C LEU A 154 -0.04 23.22 -4.36
N ARG A 155 -0.01 21.90 -4.18
CA ARG A 155 -0.99 20.99 -4.84
C ARG A 155 -2.27 20.89 -4.02
N LEU A 156 -2.28 21.23 -2.72
CA LEU A 156 -3.53 21.42 -1.94
C LEU A 156 -4.17 22.77 -2.24
N LEU A 157 -3.40 23.85 -2.32
CA LEU A 157 -4.03 25.13 -2.70
C LEU A 157 -4.57 25.04 -4.13
N SER A 158 -3.87 24.39 -5.04
CA SER A 158 -4.34 24.36 -6.45
C SER A 158 -5.63 23.58 -6.56
N LEU A 159 -5.81 22.52 -5.79
CA LEU A 159 -7.02 21.67 -5.94
C LEU A 159 -8.21 22.37 -5.28
N VAL A 160 -8.00 23.36 -4.41
CA VAL A 160 -9.13 24.18 -3.87
C VAL A 160 -9.61 25.15 -4.96
N GLY A 161 -8.81 26.12 -5.37
CA GLY A 161 -9.16 27.08 -6.41
C GLY A 161 -9.87 26.45 -7.58
N PHE A 162 -9.47 25.22 -7.94
CA PHE A 162 -10.16 24.50 -9.01
C PHE A 162 -11.61 24.21 -8.64
N ILE A 163 -11.87 23.81 -7.39
CA ILE A 163 -13.23 23.57 -6.95
C ILE A 163 -14.04 24.86 -6.97
N LEU A 164 -13.45 25.94 -6.45
CA LEU A 164 -14.17 27.20 -6.37
C LEU A 164 -14.39 27.83 -7.75
N LEU A 165 -13.58 27.48 -8.74
CA LEU A 165 -13.81 27.94 -10.10
C LEU A 165 -14.84 27.08 -10.83
N ALA A 166 -14.77 25.75 -10.64
CA ALA A 166 -15.75 24.87 -11.26
C ALA A 166 -17.15 25.12 -10.71
N ALA A 167 -17.27 25.33 -9.40
CA ALA A 167 -18.57 25.62 -8.82
C ALA A 167 -19.13 26.94 -9.35
N HIS A 168 -18.27 27.96 -9.47
CA HIS A 168 -18.72 29.22 -10.04
C HIS A 168 -19.17 29.06 -11.48
N GLY A 169 -18.43 28.29 -12.27
CA GLY A 169 -18.84 28.06 -13.66
C GLY A 169 -20.16 27.33 -13.77
N ILE A 170 -20.35 26.29 -12.94
CA ILE A 170 -21.60 25.54 -12.98
C ILE A 170 -22.77 26.40 -12.52
N ALA A 171 -22.57 27.20 -11.47
CA ALA A 171 -23.64 28.08 -11.00
C ALA A 171 -23.99 29.14 -12.05
N CYS A 172 -22.98 29.69 -12.71
CA CYS A 172 -23.22 30.68 -13.75
C CYS A 172 -23.96 30.05 -14.93
N GLY A 173 -23.59 28.82 -15.31
CA GLY A 173 -24.32 28.12 -16.35
C GLY A 173 -25.76 27.84 -15.98
N TRP A 174 -25.98 27.45 -14.71
CA TRP A 174 -27.35 27.23 -14.24
C TRP A 174 -28.18 28.51 -14.30
N MET A 175 -27.66 29.68 -13.96
CA MET A 175 -28.53 30.88 -13.99
C MET A 175 -28.99 31.14 -15.42
N SER A 176 -28.17 30.88 -16.43
CA SER A 176 -28.49 31.22 -17.83
C SER A 176 -29.72 30.47 -18.32
N LEU A 177 -30.00 29.29 -17.78
CA LEU A 177 -31.11 28.44 -18.27
C LEU A 177 -32.45 28.76 -17.58
N GLN A 178 -32.45 29.57 -16.51
CA GLN A 178 -33.69 29.96 -15.81
C GLN A 178 -34.49 30.99 -16.61
N PRO A 179 -35.82 31.16 -16.41
CA PRO A 179 -36.64 32.08 -17.24
C PRO A 179 -36.40 33.57 -16.96
N PRO A 180 -36.93 34.58 -17.71
CA PRO A 180 -36.59 35.98 -17.36
C PRO A 180 -37.43 36.51 -16.21
N SER A 181 -36.79 36.75 -15.08
CA SER A 181 -37.47 37.22 -13.87
C SER A 181 -36.82 38.51 -13.38
N GLU A 182 -37.63 39.38 -12.80
CA GLU A 182 -37.16 40.66 -12.27
C GLU A 182 -36.58 40.41 -10.88
N ASN A 183 -35.30 40.03 -10.85
CA ASN A 183 -34.60 39.77 -9.60
C ASN A 183 -33.26 40.49 -9.61
N PRO A 184 -32.76 40.89 -8.44
CA PRO A 184 -31.40 41.43 -8.39
C PRO A 184 -30.38 40.37 -8.78
N ALA A 185 -29.27 40.83 -9.35
CA ALA A 185 -28.24 39.90 -9.82
C ALA A 185 -27.60 39.15 -8.65
N GLY A 186 -27.45 39.82 -7.50
CA GLY A 186 -26.83 39.18 -6.36
C GLY A 186 -27.64 38.00 -5.84
N THR A 187 -28.95 38.20 -5.67
CA THR A 187 -29.80 37.12 -5.18
C THR A 187 -29.87 35.97 -6.18
N ARG A 188 -29.97 36.30 -7.47
CA ARG A 188 -30.04 35.28 -8.51
C ARG A 188 -28.75 34.48 -8.60
N TYR A 189 -27.60 35.12 -8.35
CA TYR A 189 -26.34 34.38 -8.32
C TYR A 189 -26.20 33.56 -7.04
N LEU A 190 -26.67 34.10 -5.91
CA LEU A 190 -26.58 33.38 -4.65
C LEU A 190 -27.40 32.10 -4.69
N SER A 191 -28.61 32.17 -5.25
CA SER A 191 -29.44 30.97 -5.35
C SER A 191 -28.78 29.91 -6.25
N ALA A 192 -28.19 30.35 -7.37
CA ALA A 192 -27.53 29.41 -8.27
C ALA A 192 -26.32 28.76 -7.61
N PHE A 193 -25.52 29.55 -6.87
CA PHE A 193 -24.37 28.98 -6.18
C PHE A 193 -24.80 28.03 -5.08
N TYR A 194 -25.90 28.36 -4.37
CA TYR A 194 -26.43 27.46 -3.37
C TYR A 194 -26.87 26.14 -3.99
N TRP A 195 -27.55 26.20 -5.15
CA TRP A 195 -27.93 24.98 -5.84
C TRP A 195 -26.73 24.17 -6.28
N THR A 196 -25.69 24.84 -6.80
CA THR A 196 -24.51 24.13 -7.27
C THR A 196 -23.77 23.44 -6.12
N ILE A 197 -23.63 24.13 -4.99
CA ILE A 197 -22.97 23.51 -3.84
C ILE A 197 -23.82 22.36 -3.29
N THR A 198 -25.15 22.50 -3.30
CA THR A 198 -26.00 21.41 -2.86
C THR A 198 -25.87 20.19 -3.77
N THR A 199 -25.82 20.40 -5.08
CA THR A 199 -25.76 19.28 -6.02
C THR A 199 -24.39 18.60 -6.01
N LEU A 200 -23.31 19.39 -6.03
CA LEU A 200 -21.97 18.82 -6.09
C LEU A 200 -21.63 18.03 -4.84
N THR A 201 -22.01 18.54 -3.67
CA THR A 201 -21.72 17.88 -2.40
C THR A 201 -22.59 16.63 -2.18
N THR A 202 -23.58 16.42 -3.05
CA THR A 202 -24.56 15.33 -2.95
C THR A 202 -25.40 15.44 -1.68
N ILE A 203 -25.69 16.66 -1.24
CA ILE A 203 -26.65 16.86 -0.15
C ILE A 203 -28.06 16.62 -0.66
N GLY A 204 -28.48 17.38 -1.67
CA GLY A 204 -29.78 17.21 -2.27
C GLY A 204 -30.93 17.62 -1.37
N TYR A 205 -31.00 18.90 -1.03
CA TYR A 205 -32.11 19.39 -0.21
C TYR A 205 -33.42 19.30 -0.97
N GLY A 206 -33.42 19.63 -2.26
CA GLY A 206 -34.61 19.55 -3.07
C GLY A 206 -35.55 20.74 -2.99
N ASP A 207 -35.18 21.79 -2.26
CA ASP A 207 -36.03 22.97 -2.18
C ASP A 207 -36.16 23.69 -3.52
N ILE A 208 -35.10 23.68 -4.34
CA ILE A 208 -35.17 24.19 -5.71
C ILE A 208 -34.64 23.10 -6.63
N THR A 209 -35.40 22.80 -7.68
CA THR A 209 -35.16 21.67 -8.56
C THR A 209 -35.39 22.11 -10.00
N PRO A 210 -34.81 21.40 -10.97
CA PRO A 210 -35.12 21.70 -12.38
C PRO A 210 -36.59 21.48 -12.69
N SER A 211 -37.11 22.28 -13.62
CA SER A 211 -38.52 22.24 -13.97
C SER A 211 -38.79 22.15 -15.47
N THR A 212 -37.78 22.23 -16.32
CA THR A 212 -37.91 22.16 -17.76
C THR A 212 -37.01 21.06 -18.29
N PRO A 213 -37.34 20.48 -19.45
CA PRO A 213 -36.50 19.39 -19.99
C PRO A 213 -35.05 19.78 -20.20
N THR A 214 -34.77 21.00 -20.66
CA THR A 214 -33.38 21.42 -20.82
C THR A 214 -32.68 21.55 -19.47
N GLN A 215 -33.39 22.07 -18.46
CA GLN A 215 -32.82 22.11 -17.11
C GLN A 215 -32.65 20.70 -16.55
N THR A 216 -33.56 19.80 -16.90
CA THR A 216 -33.43 18.41 -16.47
C THR A 216 -32.18 17.77 -17.08
N VAL A 217 -31.93 18.01 -18.36
CA VAL A 217 -30.73 17.47 -19.00
C VAL A 217 -29.47 18.06 -18.38
N TYR A 218 -29.46 19.38 -18.13
CA TYR A 218 -28.32 20.01 -17.49
C TYR A 218 -28.07 19.43 -16.11
N THR A 219 -29.14 19.22 -15.34
CA THR A 219 -29.01 18.63 -14.00
C THR A 219 -28.49 17.20 -14.08
N ILE A 220 -28.94 16.43 -15.07
CA ILE A 220 -28.45 15.07 -15.24
C ILE A 220 -26.96 15.07 -15.53
N VAL A 221 -26.51 15.96 -16.42
CA VAL A 221 -25.09 16.03 -16.75
C VAL A 221 -24.27 16.42 -15.52
N ILE A 222 -24.75 17.42 -14.78
CA ILE A 222 -24.01 17.89 -13.60
C ILE A 222 -23.95 16.79 -12.54
N GLU A 223 -25.05 16.06 -12.34
CA GLU A 223 -25.05 14.97 -11.38
C GLU A 223 -24.10 13.85 -11.82
N LEU A 224 -24.09 13.54 -13.12
CA LEU A 224 -23.28 12.42 -13.59
C LEU A 224 -21.79 12.71 -13.53
N LEU A 225 -21.36 13.86 -14.04
CA LEU A 225 -19.93 14.11 -14.18
C LEU A 225 -19.45 15.31 -13.36
N GLY A 226 -20.27 15.80 -12.44
CA GLY A 226 -19.82 16.85 -11.53
C GLY A 226 -19.82 16.40 -10.09
N ALA A 227 -20.75 15.50 -9.75
CA ALA A 227 -20.83 14.99 -8.39
C ALA A 227 -19.84 13.85 -8.13
N ALA A 228 -19.23 13.31 -9.18
CA ALA A 228 -18.21 12.28 -9.01
C ALA A 228 -16.80 12.86 -9.05
N MET A 229 -16.58 13.90 -9.86
CA MET A 229 -15.28 14.55 -9.90
C MET A 229 -14.99 15.30 -8.61
N TYR A 230 -16.03 15.85 -7.98
CA TYR A 230 -15.86 16.52 -6.69
C TYR A 230 -15.34 15.54 -5.64
N GLY A 231 -15.87 14.32 -5.63
CA GLY A 231 -15.36 13.32 -4.71
C GLY A 231 -13.90 12.98 -4.98
N LEU A 232 -13.52 12.92 -6.25
CA LEU A 232 -12.12 12.66 -6.60
C LEU A 232 -11.21 13.77 -6.08
N VAL A 233 -11.62 15.02 -6.27
CA VAL A 233 -10.79 16.13 -5.84
C VAL A 233 -10.71 16.18 -4.32
N ILE A 234 -11.82 15.90 -3.63
CA ILE A 234 -11.80 15.87 -2.17
C ILE A 234 -10.91 14.76 -1.65
N GLY A 235 -10.98 13.58 -2.27
CA GLY A 235 -10.10 12.49 -1.87
C GLY A 235 -8.64 12.81 -2.12
N ASN A 236 -8.34 13.49 -3.22
CA ASN A 236 -6.97 13.91 -3.49
C ASN A 236 -6.49 14.92 -2.44
N ILE A 237 -7.37 15.85 -2.05
CA ILE A 237 -7.01 16.83 -1.03
C ILE A 237 -6.71 16.12 0.29
N ALA A 238 -7.52 15.13 0.65
CA ALA A 238 -7.27 14.36 1.86
C ALA A 238 -5.94 13.60 1.76
N SER A 239 -5.69 12.99 0.60
CA SER A 239 -4.48 12.18 0.44
C SER A 239 -3.23 13.03 0.54
N LEU A 240 -3.23 14.22 -0.06
CA LEU A 240 -2.05 15.07 -0.01
C LEU A 240 -2.04 16.07 1.14
N VAL A 241 -3.05 16.07 2.01
CA VAL A 241 -2.85 16.68 3.32
C VAL A 241 -2.34 15.63 4.31
N SER A 242 -2.64 14.35 4.06
CA SER A 242 -1.98 13.28 4.79
C SER A 242 -0.55 13.08 4.31
N LYS A 243 -0.27 13.43 3.05
CA LYS A 243 1.09 13.31 2.50
C LYS A 243 2.05 14.28 3.16
N LEU A 244 1.56 15.35 3.77
CA LEU A 244 2.42 16.28 4.50
C LEU A 244 3.06 15.59 5.69
N ASP A 245 4.18 16.17 6.14
CA ASP A 245 5.00 15.73 7.29
C ASP A 245 5.04 14.21 7.46
N ALA A 246 5.35 13.52 6.35
CA ALA A 246 5.32 12.06 6.33
C ALA A 246 6.42 11.45 7.20
N ALA A 247 7.48 12.19 7.51
CA ALA A 247 8.53 11.68 8.38
C ALA A 247 7.98 11.39 9.78
N LYS A 248 7.16 12.30 10.30
CA LYS A 248 6.52 12.07 11.59
C LYS A 248 5.56 10.90 11.53
N LEU A 249 4.79 10.79 10.45
CA LEU A 249 3.85 9.68 10.29
C LEU A 249 4.55 8.35 10.10
N LEU A 250 5.80 8.34 9.67
CA LEU A 250 6.59 7.11 9.59
C LEU A 250 7.22 6.75 10.93
N HIS A 251 7.80 7.75 11.61
CA HIS A 251 8.43 7.48 12.90
C HIS A 251 7.39 7.06 13.94
N ARG A 252 6.22 7.70 13.94
CA ARG A 252 5.17 7.32 14.87
C ARG A 252 4.69 5.90 14.64
N GLU A 253 4.54 5.51 13.37
CA GLU A 253 4.15 4.14 13.05
C GLU A 253 5.21 3.15 13.49
N ARG A 254 6.49 3.49 13.27
CA ARG A 254 7.58 2.60 13.66
C ARG A 254 7.62 2.41 15.18
N VAL A 255 7.51 3.51 15.94
CA VAL A 255 7.59 3.38 17.38
C VAL A 255 6.34 2.68 17.93
N GLU A 256 5.18 2.87 17.31
CA GLU A 256 3.98 2.15 17.70
C GLU A 256 4.14 0.65 17.45
N ARG A 257 4.70 0.28 16.30
CA ARG A 257 4.92 -1.12 15.98
C ARG A 257 5.89 -1.76 16.97
N VAL A 258 6.96 -1.05 17.33
CA VAL A 258 7.90 -1.59 18.31
C VAL A 258 7.24 -1.73 19.67
N THR A 259 6.50 -0.70 20.09
CA THR A 259 5.89 -0.67 21.41
C THR A 259 4.79 -1.71 21.58
N ALA A 260 4.08 -2.07 20.51
CA ALA A 260 3.06 -3.10 20.62
C ALA A 260 3.66 -4.43 21.06
N PHE A 261 4.73 -4.87 20.38
CA PHE A 261 5.39 -6.11 20.77
C PHE A 261 6.10 -5.96 22.11
N LEU A 262 6.70 -4.84 22.44
CA LEU A 262 7.44 -4.86 23.73
C LEU A 262 6.47 -5.11 24.89
N SER A 263 5.17 -5.20 24.65
CA SER A 263 4.24 -5.32 25.80
C SER A 263 3.52 -6.68 25.86
N TYR A 264 3.33 -7.39 24.74
CA TYR A 264 2.72 -8.76 24.82
C TYR A 264 3.68 -9.57 25.67
N LYS A 265 4.98 -9.47 25.43
CA LYS A 265 5.97 -10.12 26.29
C LYS A 265 6.14 -9.09 27.38
N ARG A 266 5.68 -9.34 28.60
CA ARG A 266 5.70 -8.25 29.62
C ARG A 266 7.15 -7.83 29.89
N ILE A 267 7.43 -6.53 29.83
CA ILE A 267 8.84 -6.03 29.96
C ILE A 267 8.88 -5.04 31.13
N SER A 268 9.89 -5.15 31.99
CA SER A 268 10.02 -4.30 33.20
C SER A 268 9.78 -2.82 32.89
N PRO A 269 9.06 -2.00 33.68
CA PRO A 269 8.92 -0.58 33.32
C PRO A 269 10.25 0.16 33.22
N GLU A 270 11.26 -0.24 33.99
CA GLU A 270 12.56 0.42 33.93
C GLU A 270 13.24 0.23 32.58
N LEU A 271 12.87 -0.80 31.83
CA LEU A 271 13.31 -0.95 30.45
C LEU A 271 12.26 -0.48 29.46
N GLN A 272 10.98 -0.59 29.80
CA GLN A 272 9.91 -0.15 28.91
C GLN A 272 9.96 1.36 28.69
N ARG A 273 10.38 2.11 29.70
CA ARG A 273 10.47 3.57 29.60
C ARG A 273 11.82 4.03 29.07
N ARG A 274 12.83 3.16 29.14
CA ARG A 274 14.17 3.47 28.64
C ARG A 274 14.24 3.49 27.12
N ILE A 275 13.39 2.74 26.43
CA ILE A 275 13.38 2.72 24.97
C ILE A 275 12.60 3.90 24.40
N ILE A 276 11.53 4.30 25.09
CA ILE A 276 10.76 5.47 24.67
C ILE A 276 11.62 6.71 24.74
N GLU A 277 12.49 6.81 25.75
CA GLU A 277 13.41 7.93 25.85
C GLU A 277 14.37 7.97 24.66
N TYR A 278 14.91 6.81 24.27
CA TYR A 278 15.81 6.75 23.13
C TYR A 278 15.09 7.13 21.84
N PHE A 279 13.87 6.63 21.65
CA PHE A 279 13.11 6.98 20.45
C PHE A 279 12.77 8.47 20.42
N ASP A 280 12.40 9.04 21.56
CA ASP A 280 12.13 10.48 21.63
C ASP A 280 13.38 11.28 21.30
N TYR A 281 14.54 10.87 21.82
CA TYR A 281 15.79 11.55 21.51
C TYR A 281 16.13 11.45 20.04
N LEU A 282 15.93 10.26 19.44
CA LEU A 282 16.23 10.08 18.02
C LEU A 282 15.33 10.96 17.15
N TRP A 283 14.04 11.01 17.46
CA TRP A 283 13.13 11.89 16.71
C TRP A 283 13.49 13.35 16.93
N GLU A 284 13.87 13.70 18.15
CA GLU A 284 14.14 15.09 18.53
C GLU A 284 15.48 15.61 18.00
N THR A 285 16.42 14.72 17.67
CA THR A 285 17.66 15.16 17.05
C THR A 285 17.77 14.83 15.57
N ARG A 286 16.88 14.01 15.03
CA ARG A 286 17.01 13.56 13.64
C ARG A 286 15.74 13.68 12.81
N ARG A 287 14.57 13.90 13.42
CA ARG A 287 13.28 14.02 12.74
C ARG A 287 12.90 12.76 11.97
N GLY A 288 13.45 11.60 12.38
CA GLY A 288 13.07 10.34 11.79
C GLY A 288 13.67 10.05 10.44
N TYR A 289 14.41 10.99 9.86
CA TYR A 289 15.04 10.76 8.57
C TYR A 289 16.24 9.83 8.73
N GLU A 290 16.46 9.00 7.70
CA GLU A 290 17.59 8.09 7.65
C GLU A 290 18.47 8.50 6.48
N GLU A 291 19.78 8.53 6.72
CA GLU A 291 20.73 9.06 5.76
C GLU A 291 21.14 8.04 4.69
N ARG A 292 20.63 6.81 4.73
CA ARG A 292 21.03 5.78 3.77
C ARG A 292 20.03 5.58 2.63
N GLU A 293 18.74 5.42 2.94
CA GLU A 293 17.78 5.18 1.88
C GLU A 293 17.55 6.40 1.02
N VAL A 294 17.69 7.61 1.59
CA VAL A 294 17.53 8.84 0.82
C VAL A 294 18.63 8.98 -0.22
N LEU A 295 19.87 8.62 0.15
CA LEU A 295 21.01 8.75 -0.75
C LEU A 295 21.22 7.52 -1.63
N LYS A 296 20.34 6.52 -1.53
CA LYS A 296 20.52 5.30 -2.31
C LYS A 296 20.39 5.55 -3.80
N GLU A 297 19.58 6.53 -4.20
CA GLU A 297 19.30 6.78 -5.60
C GLU A 297 20.21 7.83 -6.22
N LEU A 298 20.86 8.68 -5.41
CA LEU A 298 21.78 9.65 -5.96
C LEU A 298 23.04 8.94 -6.48
N PRO A 299 23.65 9.46 -7.54
CA PRO A 299 24.91 8.88 -8.02
C PRO A 299 26.04 9.13 -7.04
N HIS A 300 27.10 8.33 -7.18
CA HIS A 300 28.23 8.39 -6.25
C HIS A 300 28.88 9.77 -6.16
N PRO A 301 29.14 10.50 -7.26
CA PRO A 301 29.64 11.88 -7.08
C PRO A 301 28.67 12.79 -6.36
N LEU A 302 27.37 12.71 -6.67
CA LEU A 302 26.39 13.55 -5.98
C LEU A 302 26.23 13.13 -4.53
N ARG A 303 26.27 11.82 -4.25
CA ARG A 303 26.25 11.34 -2.87
C ARG A 303 27.47 11.84 -2.11
N LEU A 304 28.64 11.83 -2.77
CA LEU A 304 29.86 12.37 -2.16
C LEU A 304 29.72 13.85 -1.87
N ALA A 305 29.15 14.62 -2.80
CA ALA A 305 28.97 16.05 -2.60
C ALA A 305 28.01 16.33 -1.45
N VAL A 306 26.94 15.54 -1.33
CA VAL A 306 26.00 15.72 -0.25
C VAL A 306 26.65 15.36 1.09
N ALA A 307 27.41 14.26 1.13
CA ALA A 307 28.07 13.86 2.37
C ALA A 307 29.16 14.86 2.77
N MET A 308 29.74 15.57 1.79
CA MET A 308 30.64 16.67 2.10
C MET A 308 29.94 17.80 2.84
N GLU A 309 28.61 17.89 2.74
CA GLU A 309 27.84 18.92 3.41
C GLU A 309 27.21 18.44 4.72
N ILE A 310 26.69 17.21 4.76
CA ILE A 310 25.97 16.75 5.94
C ILE A 310 26.94 16.58 7.11
N HIS A 311 28.06 15.91 6.88
CA HIS A 311 29.06 15.69 7.92
C HIS A 311 30.10 16.82 7.92
N GLY A 312 29.59 18.05 7.93
CA GLY A 312 30.43 19.22 8.00
C GLY A 312 30.84 19.63 9.39
N ASP A 313 30.36 18.90 10.40
CA ASP A 313 30.65 19.25 11.78
C ASP A 313 31.79 18.42 12.38
N VAL A 314 31.87 17.13 12.06
CA VAL A 314 32.91 16.28 12.65
C VAL A 314 34.26 16.51 11.96
N ILE A 315 34.26 16.69 10.64
CA ILE A 315 35.46 17.20 9.97
C ILE A 315 35.71 18.61 10.47
N GLU A 316 36.98 19.02 10.43
CA GLU A 316 37.51 20.30 10.91
C GLU A 316 37.14 20.57 12.36
N LYS A 317 36.65 19.56 13.08
CA LYS A 317 36.51 19.64 14.53
C LYS A 317 37.61 18.86 15.25
N VAL A 318 37.75 17.57 14.95
CA VAL A 318 38.85 16.78 15.51
C VAL A 318 40.16 17.28 14.91
N PRO A 319 41.26 17.29 15.67
CA PRO A 319 42.50 17.93 15.18
C PRO A 319 43.06 17.32 13.90
N LEU A 320 42.95 16.01 13.70
CA LEU A 320 43.62 15.34 12.60
C LEU A 320 42.73 15.17 11.37
N PHE A 321 41.62 15.88 11.29
CA PHE A 321 40.83 15.98 10.06
C PHE A 321 41.02 17.30 9.34
N LYS A 322 41.10 18.41 10.08
CA LYS A 322 41.44 19.69 9.48
C LYS A 322 42.94 19.75 9.23
N GLY A 323 43.31 20.08 7.99
CA GLY A 323 44.71 20.04 7.60
C GLY A 323 45.21 18.69 7.17
N ALA A 324 44.37 17.66 7.22
CA ALA A 324 44.77 16.33 6.76
C ALA A 324 44.77 16.23 5.24
N GLY A 325 44.29 17.26 4.53
CA GLY A 325 44.28 17.28 3.09
C GLY A 325 42.87 17.43 2.54
N GLU A 326 42.67 16.89 1.33
CA GLU A 326 41.36 16.87 0.71
C GLU A 326 41.02 15.46 0.27
N GLU A 327 42.04 14.71 -0.15
CA GLU A 327 41.80 13.39 -0.74
C GLU A 327 41.52 12.35 0.34
N PHE A 328 42.15 12.50 1.52
CA PHE A 328 41.90 11.59 2.63
C PHE A 328 40.47 11.74 3.17
N ILE A 329 40.05 12.99 3.40
CA ILE A 329 38.70 13.25 3.88
C ILE A 329 37.67 12.78 2.86
N ARG A 330 37.94 13.03 1.57
CA ARG A 330 37.08 12.51 0.52
C ARG A 330 37.05 10.99 0.51
N ASP A 331 38.14 10.34 0.89
CA ASP A 331 38.15 8.88 0.99
C ASP A 331 37.28 8.39 2.16
N ILE A 332 37.34 9.07 3.31
CA ILE A 332 36.73 8.54 4.52
C ILE A 332 35.30 9.03 4.78
N ILE A 333 34.85 10.06 4.08
CA ILE A 333 33.59 10.72 4.46
C ILE A 333 32.37 9.83 4.25
N LEU A 334 32.48 8.81 3.41
CA LEU A 334 31.35 7.93 3.11
C LEU A 334 31.32 6.66 3.96
N HIS A 335 32.22 6.52 4.92
CA HIS A 335 32.33 5.29 5.70
C HIS A 335 32.05 5.47 7.18
N LEU A 336 31.76 6.70 7.62
CA LEU A 336 31.40 7.00 9.01
C LEU A 336 29.89 6.87 9.16
N GLU A 337 29.43 6.08 10.15
CA GLU A 337 27.98 6.05 10.40
C GLU A 337 27.65 6.86 11.64
N PRO A 338 26.55 7.60 11.65
CA PRO A 338 26.00 8.07 12.92
C PRO A 338 25.61 6.87 13.78
N VAL A 339 25.70 7.06 15.08
CA VAL A 339 25.17 6.09 16.03
C VAL A 339 24.91 6.84 17.32
N ILE A 340 23.93 6.38 18.08
CA ILE A 340 23.47 7.05 19.29
C ILE A 340 23.56 6.05 20.43
N TYR A 341 24.22 6.46 21.52
CA TYR A 341 24.37 5.62 22.70
C TYR A 341 23.74 6.36 23.88
N GLY A 342 22.94 5.64 24.68
CA GLY A 342 22.24 6.23 25.79
C GLY A 342 23.13 6.44 27.00
N PRO A 343 22.56 6.97 28.07
CA PRO A 343 23.33 7.21 29.29
C PRO A 343 23.51 5.94 30.13
N GLY A 344 24.71 5.79 30.66
CA GLY A 344 25.04 4.57 31.40
C GLY A 344 24.98 3.33 30.54
N GLU A 345 25.50 3.41 29.32
CA GLU A 345 25.32 2.36 28.33
C GLU A 345 26.69 2.05 27.72
N TYR A 346 27.19 0.84 27.99
CA TYR A 346 28.56 0.49 27.64
C TYR A 346 28.74 0.39 26.14
N ILE A 347 29.96 0.69 25.68
CA ILE A 347 30.35 0.63 24.28
C ILE A 347 31.45 -0.39 24.06
N ILE A 348 32.46 -0.39 24.93
CA ILE A 348 33.59 -1.31 24.84
C ILE A 348 33.68 -2.05 26.17
N ARG A 349 33.89 -3.37 26.11
CA ARG A 349 33.83 -4.22 27.29
C ARG A 349 35.19 -4.78 27.70
N ALA A 350 36.30 -4.22 27.20
CA ALA A 350 37.65 -4.47 27.71
C ALA A 350 38.03 -5.95 27.64
N GLY A 351 38.22 -6.42 26.41
CA GLY A 351 38.76 -7.74 26.22
C GLY A 351 38.28 -8.53 25.02
N GLU A 352 37.29 -8.01 24.31
CA GLU A 352 36.80 -8.70 23.12
C GLU A 352 37.70 -8.40 21.92
N MET A 353 37.40 -9.10 20.82
CA MET A 353 38.13 -8.96 19.57
C MET A 353 37.58 -7.76 18.79
N GLY A 354 38.32 -7.31 17.79
CA GLY A 354 37.87 -6.25 16.91
C GLY A 354 38.29 -4.87 17.38
N SER A 355 38.26 -3.91 16.44
CA SER A 355 38.69 -2.54 16.72
C SER A 355 37.89 -1.61 15.82
N ASP A 356 36.82 -1.05 16.38
CA ASP A 356 36.02 -0.02 15.72
C ASP A 356 36.26 1.29 16.44
N VAL A 357 36.60 2.34 15.70
CA VAL A 357 36.94 3.62 16.30
C VAL A 357 35.70 4.51 16.32
N TYR A 358 35.49 5.18 17.45
CA TYR A 358 34.30 5.97 17.67
C TYR A 358 34.71 7.43 17.75
N PHE A 359 34.38 8.20 16.72
CA PHE A 359 34.66 9.63 16.69
C PHE A 359 33.51 10.35 17.38
N ILE A 360 33.79 10.93 18.54
CA ILE A 360 32.75 11.57 19.33
C ILE A 360 32.35 12.88 18.66
N ASN A 361 31.05 13.02 18.38
CA ASN A 361 30.50 14.25 17.85
C ASN A 361 29.90 15.13 18.95
N ARG A 362 29.05 14.56 19.80
CA ARG A 362 28.55 15.28 20.96
C ARG A 362 28.27 14.29 22.08
N GLY A 363 28.60 14.69 23.32
CA GLY A 363 28.42 13.87 24.49
C GLY A 363 29.74 13.73 25.23
N SER A 364 29.80 12.74 26.11
CA SER A 364 31.00 12.47 26.88
C SER A 364 30.99 11.02 27.32
N VAL A 365 32.18 10.42 27.40
CA VAL A 365 32.35 9.04 27.82
C VAL A 365 33.11 9.01 29.13
N GLU A 366 33.06 7.85 29.79
CA GLU A 366 33.55 7.66 31.15
C GLU A 366 34.42 6.42 31.23
N VAL A 367 35.42 6.34 30.35
CA VAL A 367 36.30 5.18 30.20
C VAL A 367 36.81 4.66 31.55
N LEU A 368 36.66 3.34 31.76
CA LEU A 368 37.02 2.69 33.00
C LEU A 368 37.84 1.45 32.69
N SER A 369 38.48 0.90 33.73
CA SER A 369 39.17 -0.37 33.62
C SER A 369 38.16 -1.51 33.77
N ALA A 370 38.65 -2.73 34.03
CA ALA A 370 37.77 -3.90 34.16
C ALA A 370 36.67 -3.65 35.19
N ASP A 371 37.05 -3.13 36.34
CA ASP A 371 36.10 -2.53 37.29
C ASP A 371 36.52 -1.07 37.50
N GLU A 372 35.86 -0.38 38.43
CA GLU A 372 36.03 1.07 38.52
C GLU A 372 37.47 1.48 38.87
N LYS A 373 37.93 1.17 40.09
CA LYS A 373 39.32 1.30 40.55
C LYS A 373 40.08 2.52 40.01
N THR A 374 39.64 3.72 40.40
CA THR A 374 40.31 4.99 40.05
C THR A 374 40.33 5.19 38.53
N ARG A 375 39.14 5.50 38.01
CA ARG A 375 38.88 5.73 36.59
C ARG A 375 40.00 6.47 35.89
N TYR A 376 40.31 6.03 34.67
CA TYR A 376 41.46 6.52 33.93
C TYR A 376 41.35 8.01 33.63
N ALA A 377 40.36 8.39 32.82
CA ALA A 377 40.21 9.78 32.39
C ALA A 377 38.79 9.98 31.87
N ILE A 378 38.55 11.12 31.25
CA ILE A 378 37.26 11.46 30.67
C ILE A 378 37.51 12.14 29.32
N LEU A 379 36.65 11.83 28.34
CA LEU A 379 36.75 12.42 27.01
C LEU A 379 35.51 13.26 26.73
N SER A 380 35.63 14.13 25.73
CA SER A 380 34.58 15.10 25.41
C SER A 380 34.46 15.19 23.89
N GLU A 381 33.79 16.25 23.44
CA GLU A 381 33.55 16.44 22.02
C GLU A 381 34.87 16.68 21.27
N GLY A 382 34.87 16.34 19.99
CA GLY A 382 36.06 16.47 19.18
C GLY A 382 37.20 15.56 19.57
N GLN A 383 36.89 14.35 20.02
CA GLN A 383 37.90 13.37 20.40
C GLN A 383 37.44 11.99 19.93
N PHE A 384 38.36 11.04 19.95
CA PHE A 384 38.07 9.68 19.53
C PHE A 384 38.79 8.69 20.45
N PHE A 385 38.26 7.47 20.49
CA PHE A 385 38.83 6.42 21.32
C PHE A 385 38.72 5.10 20.57
N GLY A 386 39.18 4.03 21.19
CA GLY A 386 39.10 2.70 20.61
C GLY A 386 39.92 2.51 19.35
N GLU A 387 41.09 3.13 19.28
CA GLU A 387 41.95 3.05 18.11
C GLU A 387 43.20 2.22 18.32
N MET A 388 43.64 2.05 19.56
CA MET A 388 44.87 1.33 19.85
C MET A 388 44.66 -0.18 19.95
N ALA A 389 43.42 -0.66 19.80
CA ALA A 389 43.19 -2.09 19.70
C ALA A 389 43.74 -2.67 18.40
N LEU A 390 43.74 -1.89 17.32
CA LEU A 390 44.35 -2.31 16.07
C LEU A 390 45.79 -1.84 15.89
N ILE A 391 46.19 -0.79 16.60
CA ILE A 391 47.57 -0.32 16.50
C ILE A 391 48.53 -1.34 17.08
N LEU A 392 48.20 -1.88 18.25
CA LEU A 392 49.07 -2.84 18.94
C LEU A 392 48.65 -4.28 18.72
N ARG A 393 47.64 -4.54 17.88
CA ARG A 393 47.13 -5.88 17.58
C ARG A 393 46.77 -6.63 18.87
N ALA A 394 46.10 -5.93 19.76
CA ALA A 394 45.74 -6.44 21.08
C ALA A 394 44.26 -6.21 21.33
N PRO A 395 43.63 -7.05 22.16
CA PRO A 395 42.22 -6.83 22.51
C PRO A 395 42.04 -5.56 23.33
N ARG A 396 40.77 -5.25 23.61
CA ARG A 396 40.43 -4.04 24.34
C ARG A 396 40.98 -4.10 25.76
N THR A 397 41.41 -2.94 26.25
CA THR A 397 42.08 -2.85 27.55
C THR A 397 41.30 -2.05 28.59
N ALA A 398 40.19 -1.41 28.20
CA ALA A 398 39.48 -0.56 29.14
C ALA A 398 38.02 -0.44 28.71
N THR A 399 37.10 -0.53 29.67
CA THR A 399 35.69 -0.34 29.39
C THR A 399 35.39 1.13 29.13
N VAL A 400 34.42 1.38 28.25
CA VAL A 400 33.96 2.73 27.94
C VAL A 400 32.45 2.75 28.13
N ARG A 401 31.96 3.75 28.86
CA ARG A 401 30.52 3.92 29.04
C ARG A 401 30.17 5.40 28.90
N ALA A 402 29.03 5.66 28.26
CA ALA A 402 28.59 7.03 28.05
C ALA A 402 28.04 7.63 29.33
N ARG A 403 28.11 8.97 29.41
CA ARG A 403 27.57 9.70 30.54
C ARG A 403 26.26 10.43 30.22
N ALA A 404 25.93 10.60 28.95
CA ALA A 404 24.69 11.23 28.53
C ALA A 404 24.28 10.62 27.20
N PHE A 405 23.34 11.25 26.50
CA PHE A 405 22.90 10.79 25.20
C PHE A 405 23.95 11.19 24.16
N CYS A 406 24.91 10.30 23.96
CA CYS A 406 26.02 10.60 23.06
C CYS A 406 25.65 10.27 21.62
N ASP A 407 25.99 11.20 20.73
CA ASP A 407 25.89 10.98 19.28
C ASP A 407 27.30 10.98 18.72
N LEU A 408 27.68 9.90 18.05
CA LEU A 408 29.06 9.76 17.60
C LEU A 408 29.11 8.91 16.34
N TYR A 409 30.21 9.05 15.60
CA TYR A 409 30.40 8.41 14.31
C TYR A 409 31.36 7.24 14.43
N ARG A 410 30.97 6.09 13.89
CA ARG A 410 31.84 4.91 13.95
C ARG A 410 32.33 4.57 12.55
N LEU A 411 33.64 4.28 12.46
CA LEU A 411 34.28 3.80 11.24
C LEU A 411 34.84 2.41 11.51
N ASP A 412 34.59 1.49 10.59
CA ASP A 412 34.89 0.08 10.79
C ASP A 412 36.40 -0.18 10.72
N LYS A 413 36.79 -1.38 11.15
CA LYS A 413 38.21 -1.75 11.19
C LYS A 413 38.81 -1.82 9.80
N GLU A 414 38.04 -2.29 8.81
CA GLU A 414 38.59 -2.53 7.47
C GLU A 414 39.10 -1.24 6.84
N THR A 415 38.27 -0.20 6.81
CA THR A 415 38.67 1.06 6.21
C THR A 415 39.81 1.69 7.00
N PHE A 416 39.81 1.44 8.31
CA PHE A 416 40.85 2.04 9.19
C PHE A 416 42.20 1.46 8.82
N ASP A 417 42.29 0.14 8.75
CA ASP A 417 43.56 -0.47 8.37
C ASP A 417 43.94 -0.13 6.94
N ARG A 418 42.94 0.04 6.06
CA ARG A 418 43.22 0.50 4.70
C ARG A 418 43.89 1.87 4.71
N ILE A 419 43.38 2.81 5.52
CA ILE A 419 43.93 4.16 5.50
C ILE A 419 45.23 4.23 6.30
N LEU A 420 45.44 3.30 7.23
CA LEU A 420 46.76 3.16 7.85
C LEU A 420 47.79 2.73 6.82
N SER A 421 47.45 1.72 6.01
CA SER A 421 48.38 1.23 5.01
C SER A 421 48.46 2.15 3.80
N ARG A 422 47.58 3.14 3.69
CA ARG A 422 47.56 4.03 2.54
C ARG A 422 48.18 5.40 2.80
N TYR A 423 48.14 5.89 4.05
CA TYR A 423 48.61 7.24 4.34
C TYR A 423 49.65 7.20 5.45
N PRO A 424 50.83 7.80 5.27
CA PRO A 424 51.85 7.77 6.33
C PRO A 424 51.67 8.77 7.48
N GLU A 425 51.21 10.00 7.22
CA GLU A 425 51.14 10.97 8.32
C GLU A 425 50.05 10.59 9.32
N ILE A 426 48.88 10.20 8.81
CA ILE A 426 47.79 9.78 9.68
C ILE A 426 48.19 8.54 10.47
N ALA A 427 48.83 7.57 9.81
CA ALA A 427 49.26 6.36 10.50
C ALA A 427 50.27 6.69 11.58
N ALA A 428 51.24 7.57 11.29
CA ALA A 428 52.23 7.96 12.28
C ALA A 428 51.59 8.69 13.45
N GLN A 429 50.63 9.56 13.18
CA GLN A 429 49.96 10.30 14.24
C GLN A 429 49.18 9.37 15.16
N ILE A 430 48.42 8.43 14.58
CA ILE A 430 47.68 7.48 15.41
C ILE A 430 48.64 6.58 16.17
N GLN A 431 49.75 6.18 15.56
CA GLN A 431 50.72 5.32 16.23
C GLN A 431 51.33 6.04 17.44
N GLU A 432 51.77 7.29 17.26
CA GLU A 432 52.39 8.01 18.37
C GLU A 432 51.37 8.34 19.45
N LEU A 433 50.13 8.64 19.06
CA LEU A 433 49.09 8.91 20.06
C LEU A 433 48.77 7.66 20.86
N ALA A 434 48.72 6.50 20.20
CA ALA A 434 48.40 5.26 20.89
C ALA A 434 49.54 4.84 21.81
N VAL A 435 50.79 5.00 21.37
CA VAL A 435 51.91 4.61 22.21
C VAL A 435 52.10 5.61 23.35
N ARG A 436 51.68 6.87 23.14
CA ARG A 436 51.76 7.85 24.22
C ARG A 436 50.67 7.62 25.27
N ARG A 437 49.47 7.26 24.84
CA ARG A 437 48.37 7.05 25.78
C ARG A 437 48.49 5.63 26.32
N LYS A 438 49.48 5.41 27.19
CA LYS A 438 49.65 4.13 27.87
C LYS A 438 50.19 4.44 29.27
N GLU A 439 49.29 4.58 30.24
CA GLU A 439 49.68 4.86 31.62
C GLU A 439 48.49 4.69 32.56
N THR B 29 -20.19 -37.30 8.78
CA THR B 29 -19.94 -36.24 9.76
C THR B 29 -21.25 -35.65 10.26
N TYR B 30 -21.20 -35.04 11.45
CA TYR B 30 -22.36 -34.40 12.04
C TYR B 30 -22.11 -32.98 12.52
N THR B 31 -20.85 -32.55 12.67
CA THR B 31 -20.58 -31.17 13.03
C THR B 31 -21.04 -30.21 11.94
N LEU B 32 -20.83 -30.60 10.67
CA LEU B 32 -21.23 -29.78 9.54
C LEU B 32 -22.74 -29.55 9.47
N VAL B 33 -23.54 -30.42 10.10
CA VAL B 33 -24.99 -30.27 10.10
C VAL B 33 -25.43 -29.53 11.36
N TRP B 34 -24.77 -29.85 12.49
CA TRP B 34 -25.12 -29.20 13.74
C TRP B 34 -24.82 -27.70 13.71
N LYS B 35 -23.67 -27.33 13.15
CA LYS B 35 -23.29 -25.92 13.08
C LYS B 35 -24.03 -25.16 12.00
N VAL B 36 -24.78 -25.86 11.14
CA VAL B 36 -25.71 -25.23 10.21
C VAL B 36 -27.09 -25.06 10.85
N TRP B 37 -27.54 -26.05 11.61
CA TRP B 37 -28.77 -25.92 12.38
C TRP B 37 -28.66 -24.78 13.40
N ILE B 38 -27.50 -24.65 14.03
CA ILE B 38 -27.29 -23.59 15.01
C ILE B 38 -27.36 -22.22 14.31
N LEU B 39 -26.79 -22.12 13.12
CA LEU B 39 -26.89 -20.88 12.35
C LEU B 39 -28.33 -20.58 11.98
N ALA B 40 -29.07 -21.58 11.52
CA ALA B 40 -30.47 -21.39 11.15
C ALA B 40 -31.35 -21.04 12.33
N VAL B 41 -30.95 -21.41 13.55
CA VAL B 41 -31.70 -21.06 14.75
C VAL B 41 -31.33 -19.66 15.24
N THR B 42 -30.04 -19.32 15.22
CA THR B 42 -29.63 -17.98 15.68
C THR B 42 -30.03 -16.90 14.68
N LEU B 43 -30.28 -17.25 13.42
CA LEU B 43 -30.92 -16.33 12.49
C LEU B 43 -32.43 -16.28 12.70
N TYR B 44 -33.04 -17.40 13.09
CA TYR B 44 -34.46 -17.43 13.42
C TYR B 44 -34.76 -16.46 14.56
N TYR B 45 -33.94 -16.50 15.62
CA TYR B 45 -34.11 -15.52 16.71
C TYR B 45 -33.89 -14.10 16.21
N ALA B 46 -32.83 -13.88 15.44
CA ALA B 46 -32.50 -12.52 15.01
C ALA B 46 -33.60 -11.92 14.15
N ILE B 47 -34.36 -12.76 13.44
CA ILE B 47 -35.50 -12.26 12.68
C ILE B 47 -36.77 -12.16 13.53
N ARG B 48 -37.01 -13.11 14.44
CA ARG B 48 -38.29 -13.21 15.12
C ARG B 48 -38.41 -12.31 16.36
N ILE B 49 -37.32 -12.13 17.12
CA ILE B 49 -37.43 -11.45 18.41
C ILE B 49 -37.89 -10.00 18.28
N PRO B 50 -37.29 -9.15 17.44
CA PRO B 50 -37.82 -7.78 17.34
C PRO B 50 -39.24 -7.71 16.77
N LEU B 51 -39.56 -8.58 15.81
CA LEU B 51 -40.90 -8.60 15.24
C LEU B 51 -41.95 -8.98 16.27
N THR B 52 -41.59 -9.84 17.23
CA THR B 52 -42.48 -10.12 18.35
C THR B 52 -42.50 -8.98 19.36
N LEU B 53 -41.39 -8.27 19.52
CA LEU B 53 -41.37 -7.12 20.42
C LEU B 53 -42.29 -6.01 19.95
N VAL B 54 -42.37 -5.79 18.65
CA VAL B 54 -43.25 -4.73 18.13
C VAL B 54 -44.68 -5.23 17.96
N PHE B 55 -44.88 -6.46 17.48
CA PHE B 55 -46.22 -7.00 17.36
C PHE B 55 -46.47 -7.99 18.48
N PRO B 56 -47.27 -7.64 19.51
CA PRO B 56 -47.61 -8.62 20.54
C PRO B 56 -48.59 -9.69 20.08
N SER B 57 -49.17 -9.54 18.88
CA SER B 57 -50.12 -10.53 18.38
C SER B 57 -49.46 -11.88 18.09
N LEU B 58 -48.14 -11.92 18.00
CA LEU B 58 -47.39 -13.15 17.84
C LEU B 58 -47.22 -13.83 19.20
N PHE B 59 -46.30 -14.80 19.26
CA PHE B 59 -45.98 -15.62 20.43
C PHE B 59 -47.08 -16.64 20.73
N SER B 60 -48.24 -16.50 20.10
CA SER B 60 -49.27 -17.53 20.27
C SER B 60 -49.01 -18.76 19.40
N PRO B 61 -48.71 -18.64 18.08
CA PRO B 61 -48.45 -19.86 17.30
C PRO B 61 -47.00 -20.32 17.39
N LEU B 62 -46.08 -19.41 17.68
CA LEU B 62 -44.65 -19.65 17.54
C LEU B 62 -43.97 -19.99 18.86
N LEU B 63 -44.71 -20.53 19.82
CA LEU B 63 -44.16 -20.95 21.10
C LEU B 63 -43.47 -22.32 21.00
N PRO B 64 -44.08 -23.35 20.41
CA PRO B 64 -43.36 -24.64 20.30
C PRO B 64 -42.07 -24.53 19.49
N LEU B 65 -42.06 -23.74 18.42
CA LEU B 65 -40.83 -23.54 17.66
C LEU B 65 -39.76 -22.87 18.50
N ASP B 66 -40.16 -21.87 19.30
CA ASP B 66 -39.19 -21.16 20.11
C ASP B 66 -38.61 -22.05 21.20
N ILE B 67 -39.44 -22.88 21.83
CA ILE B 67 -38.91 -23.79 22.86
C ILE B 67 -38.06 -24.89 22.23
N LEU B 68 -38.42 -25.35 21.03
CA LEU B 68 -37.61 -26.33 20.32
C LEU B 68 -36.25 -25.76 19.94
N ALA B 69 -36.21 -24.47 19.61
CA ALA B 69 -34.93 -23.82 19.37
C ALA B 69 -34.15 -23.66 20.67
N SER B 70 -34.82 -23.24 21.75
CA SER B 70 -34.14 -22.96 23.01
C SER B 70 -33.53 -24.21 23.62
N LEU B 71 -34.16 -25.37 23.44
CA LEU B 71 -33.57 -26.60 23.96
C LEU B 71 -32.28 -26.94 23.22
N ALA B 72 -32.17 -26.51 21.96
CA ALA B 72 -30.89 -26.64 21.25
C ALA B 72 -29.90 -25.59 21.71
N LEU B 73 -30.38 -24.40 22.07
CA LEU B 73 -29.53 -23.38 22.68
C LEU B 73 -28.86 -23.89 23.95
N ILE B 74 -29.60 -24.60 24.80
CA ILE B 74 -28.99 -25.15 26.00
C ILE B 74 -28.30 -26.47 25.77
N ALA B 75 -28.31 -26.98 24.53
CA ALA B 75 -27.66 -28.24 24.20
C ALA B 75 -26.33 -28.04 23.48
N ASP B 76 -25.61 -26.97 23.81
CA ASP B 76 -24.31 -26.70 23.19
C ASP B 76 -23.17 -26.55 24.18
N ILE B 77 -23.45 -26.22 25.45
CA ILE B 77 -22.38 -26.19 26.47
C ILE B 77 -21.72 -27.55 26.64
N PRO B 78 -22.46 -28.67 26.74
CA PRO B 78 -21.76 -29.97 26.74
C PRO B 78 -20.96 -30.23 25.48
N LEU B 79 -21.43 -29.75 24.33
CA LEU B 79 -20.72 -29.93 23.06
C LEU B 79 -19.76 -28.79 22.78
N ASP B 80 -18.88 -28.50 23.74
CA ASP B 80 -17.89 -27.45 23.60
C ASP B 80 -16.56 -27.94 23.04
N LEU B 81 -16.46 -29.22 22.70
CA LEU B 81 -15.24 -29.76 22.13
C LEU B 81 -15.56 -30.73 20.99
N ARG B 100 -16.69 -17.24 24.13
CA ARG B 100 -16.75 -17.99 25.37
C ARG B 100 -17.97 -17.61 26.23
N LEU B 101 -17.98 -16.40 26.76
CA LEU B 101 -19.06 -15.89 27.62
C LEU B 101 -20.33 -15.49 26.85
N PRO B 102 -20.24 -14.93 25.63
CA PRO B 102 -21.48 -14.67 24.88
C PRO B 102 -22.37 -15.90 24.68
N ASP B 103 -21.77 -17.09 24.50
CA ASP B 103 -22.59 -18.28 24.36
C ASP B 103 -23.30 -18.63 25.67
N LEU B 104 -22.64 -18.37 26.81
CA LEU B 104 -23.30 -18.52 28.10
C LEU B 104 -24.45 -17.54 28.24
N LEU B 105 -24.31 -16.29 27.82
CA LEU B 105 -25.45 -15.35 28.04
C LEU B 105 -26.64 -15.83 27.20
N ALA B 106 -26.38 -16.28 25.97
CA ALA B 106 -27.48 -16.63 25.05
C ALA B 106 -28.35 -17.78 25.56
N ALA B 107 -27.77 -18.77 26.22
CA ALA B 107 -28.61 -19.93 26.58
C ALA B 107 -29.74 -19.55 27.54
N LEU B 108 -29.45 -18.68 28.50
CA LEU B 108 -30.50 -18.41 29.53
C LEU B 108 -31.73 -17.88 28.82
N PRO B 109 -32.94 -18.40 29.10
CA PRO B 109 -34.13 -18.01 28.39
C PRO B 109 -34.78 -16.72 28.90
N LEU B 110 -34.18 -15.56 28.67
CA LEU B 110 -34.91 -14.31 29.01
C LEU B 110 -36.08 -14.27 28.04
N ASP B 111 -35.87 -14.76 26.83
CA ASP B 111 -36.99 -14.89 25.87
C ASP B 111 -37.85 -16.01 26.43
N LEU B 112 -39.16 -15.99 26.18
CA LEU B 112 -40.14 -16.98 26.72
C LEU B 112 -40.65 -16.40 28.03
N LEU B 113 -39.93 -15.43 28.59
CA LEU B 113 -40.34 -14.86 29.89
C LEU B 113 -40.96 -13.50 29.64
N VAL B 114 -40.24 -12.65 28.92
CA VAL B 114 -40.74 -11.28 28.65
C VAL B 114 -42.00 -11.37 27.82
N PHE B 115 -42.04 -12.29 26.85
CA PHE B 115 -43.20 -12.37 25.94
C PHE B 115 -44.40 -12.94 26.68
N ALA B 116 -44.15 -13.88 27.59
CA ALA B 116 -45.25 -14.49 28.37
C ALA B 116 -45.81 -13.51 29.39
N LEU B 117 -44.93 -12.74 30.03
CA LEU B 117 -45.41 -11.90 31.15
C LEU B 117 -45.74 -10.47 30.71
N HIS B 118 -45.73 -10.21 29.40
CA HIS B 118 -46.12 -8.87 28.89
C HIS B 118 -45.46 -7.82 29.77
N LEU B 119 -44.24 -8.09 30.23
CA LEU B 119 -43.50 -7.17 31.12
C LEU B 119 -43.39 -5.82 30.44
N PRO B 120 -43.19 -4.71 31.20
CA PRO B 120 -43.16 -3.37 30.63
C PRO B 120 -42.02 -3.20 29.63
N SER B 121 -42.13 -2.20 28.78
CA SER B 121 -41.16 -2.06 27.67
C SER B 121 -39.69 -1.92 28.13
N PRO B 122 -39.30 -1.16 29.16
CA PRO B 122 -37.88 -1.00 29.46
C PRO B 122 -37.18 -2.31 29.84
N LEU B 123 -37.82 -3.13 30.67
CA LEU B 123 -37.24 -4.44 31.03
C LEU B 123 -37.24 -5.34 29.80
N SER B 124 -38.33 -5.33 29.04
CA SER B 124 -38.45 -6.28 27.90
C SER B 124 -37.45 -5.93 26.82
N LEU B 125 -37.06 -4.67 26.72
CA LEU B 125 -36.13 -4.45 25.62
C LEU B 125 -34.86 -5.29 25.78
N LEU B 126 -34.52 -5.67 27.01
CA LEU B 126 -33.33 -6.48 27.29
C LEU B 126 -33.52 -7.95 26.95
N SER B 127 -34.56 -8.32 26.20
CA SER B 127 -34.76 -9.67 25.72
C SER B 127 -33.91 -10.00 24.51
N LEU B 128 -33.07 -9.05 24.06
CA LEU B 128 -32.21 -9.22 22.90
C LEU B 128 -30.91 -9.98 23.22
N VAL B 129 -30.84 -10.65 24.36
CA VAL B 129 -29.61 -11.34 24.73
C VAL B 129 -29.37 -12.57 23.84
N ARG B 130 -30.43 -13.09 23.22
CA ARG B 130 -30.26 -14.25 22.33
C ARG B 130 -29.56 -13.88 21.04
N LEU B 131 -29.45 -12.59 20.72
CA LEU B 131 -28.68 -12.15 19.56
C LEU B 131 -27.17 -12.25 19.80
N LEU B 132 -26.74 -12.48 21.04
CA LEU B 132 -25.31 -12.56 21.33
C LEU B 132 -24.67 -13.82 20.76
N LYS B 133 -25.48 -14.81 20.35
CA LYS B 133 -24.92 -15.97 19.67
C LYS B 133 -24.43 -15.63 18.28
N LEU B 134 -24.90 -14.52 17.69
CA LEU B 134 -24.43 -14.13 16.36
C LEU B 134 -22.94 -13.82 16.36
N ILE B 135 -22.46 -13.13 17.40
CA ILE B 135 -21.04 -12.81 17.50
C ILE B 135 -20.21 -13.96 18.07
N SER B 136 -20.84 -15.11 18.32
CA SER B 136 -20.12 -16.30 18.75
C SER B 136 -20.15 -17.42 17.72
N VAL B 137 -21.04 -17.34 16.73
CA VAL B 137 -21.16 -18.37 15.71
C VAL B 137 -20.40 -18.04 14.44
N GLN B 138 -20.34 -16.76 14.04
CA GLN B 138 -19.68 -16.39 12.78
C GLN B 138 -18.21 -16.79 12.74
N ALA B 139 -17.58 -17.00 13.90
CA ALA B 139 -16.26 -17.62 13.97
C ALA B 139 -16.32 -19.12 14.24
N SER B 140 -17.34 -19.59 14.96
CA SER B 140 -17.51 -21.03 15.14
C SER B 140 -17.91 -21.71 13.84
N ALA B 141 -18.74 -21.05 13.03
CA ALA B 141 -19.10 -21.56 11.71
C ALA B 141 -18.00 -21.34 10.68
N THR B 142 -17.00 -20.51 11.00
CA THR B 142 -15.83 -20.34 10.15
C THR B 142 -14.91 -21.56 10.18
N ARG B 143 -15.03 -22.41 11.21
CA ARG B 143 -14.20 -23.60 11.32
C ARG B 143 -14.71 -24.70 10.40
N ILE B 144 -14.88 -24.39 9.12
CA ILE B 144 -15.41 -25.35 8.16
C ILE B 144 -14.70 -25.18 6.82
N ILE B 149 -14.35 -24.35 -0.42
CA ILE B 149 -14.90 -22.96 -0.32
C ILE B 149 -13.74 -21.99 -0.07
N ASN B 150 -14.01 -20.69 -0.15
CA ASN B 150 -12.96 -19.66 0.07
C ASN B 150 -13.26 -18.92 1.37
N PRO B 151 -12.29 -18.69 2.26
CA PRO B 151 -12.53 -17.92 3.49
C PRO B 151 -12.99 -16.50 3.15
N ALA B 152 -12.40 -15.89 2.11
CA ALA B 152 -12.81 -14.53 1.69
C ALA B 152 -14.27 -14.54 1.25
N LEU B 153 -14.71 -15.58 0.54
CA LEU B 153 -16.12 -15.68 0.08
C LEU B 153 -17.04 -15.76 1.30
N LEU B 154 -16.66 -16.55 2.31
CA LEU B 154 -17.50 -16.68 3.53
C LEU B 154 -17.58 -15.31 4.22
N ARG B 155 -16.55 -14.48 4.06
CA ARG B 155 -16.51 -13.14 4.72
C ARG B 155 -17.26 -12.10 3.90
N LEU B 156 -17.49 -12.31 2.60
CA LEU B 156 -18.46 -11.48 1.80
C LEU B 156 -19.90 -11.89 2.08
N LEU B 157 -20.22 -13.17 2.16
CA LEU B 157 -21.60 -13.54 2.52
C LEU B 157 -21.90 -13.07 3.94
N SER B 158 -20.97 -13.18 4.86
CA SER B 158 -21.27 -12.81 6.26
C SER B 158 -21.54 -11.32 6.37
N LEU B 159 -20.83 -10.48 5.62
CA LEU B 159 -20.98 -9.01 5.78
C LEU B 159 -22.28 -8.56 5.09
N VAL B 160 -22.88 -9.36 4.22
CA VAL B 160 -24.22 -9.05 3.65
C VAL B 160 -25.29 -9.32 4.73
N GLY B 161 -25.51 -10.56 5.14
CA GLY B 161 -26.48 -10.93 6.16
C GLY B 161 -26.48 -9.97 7.34
N PHE B 162 -25.29 -9.48 7.71
CA PHE B 162 -25.21 -8.49 8.79
C PHE B 162 -25.94 -7.20 8.42
N ILE B 163 -25.78 -6.74 7.17
CA ILE B 163 -26.47 -5.55 6.72
C ILE B 163 -27.98 -5.78 6.72
N LEU B 164 -28.41 -6.92 6.19
CA LEU B 164 -29.84 -7.21 6.09
C LEU B 164 -30.48 -7.45 7.45
N LEU B 165 -29.70 -7.84 8.45
CA LEU B 165 -30.22 -7.97 9.81
C LEU B 165 -30.24 -6.63 10.54
N ALA B 166 -29.19 -5.81 10.37
CA ALA B 166 -29.17 -4.49 11.00
C ALA B 166 -30.26 -3.59 10.43
N ALA B 167 -30.47 -3.64 9.12
CA ALA B 167 -31.55 -2.85 8.52
C ALA B 167 -32.91 -3.28 9.03
N HIS B 168 -33.13 -4.59 9.15
CA HIS B 168 -34.39 -5.09 9.69
C HIS B 168 -34.58 -4.63 11.14
N GLY B 169 -33.52 -4.70 11.94
CA GLY B 169 -33.63 -4.25 13.33
C GLY B 169 -33.94 -2.77 13.44
N ILE B 170 -33.27 -1.94 12.62
CA ILE B 170 -33.51 -0.51 12.66
C ILE B 170 -34.93 -0.18 12.19
N ALA B 171 -35.39 -0.84 11.13
CA ALA B 171 -36.74 -0.61 10.64
C ALA B 171 -37.79 -1.03 11.67
N CYS B 172 -37.56 -2.16 12.34
CA CYS B 172 -38.47 -2.62 13.36
C CYS B 172 -38.50 -1.66 14.55
N GLY B 173 -37.34 -1.14 14.93
CA GLY B 173 -37.29 -0.14 15.99
C GLY B 173 -38.01 1.14 15.60
N TRP B 174 -37.85 1.56 14.34
CA TRP B 174 -38.56 2.75 13.87
C TRP B 174 -40.07 2.55 13.90
N MET B 175 -40.60 1.39 13.55
CA MET B 175 -42.09 1.26 13.56
C MET B 175 -42.61 1.44 14.97
N SER B 176 -41.89 0.98 16.00
CA SER B 176 -42.38 1.01 17.40
C SER B 176 -42.62 2.42 17.89
N LEU B 177 -41.90 3.41 17.36
CA LEU B 177 -41.99 4.80 17.86
C LEU B 177 -43.09 5.60 17.14
N GLN B 178 -43.69 5.08 16.07
CA GLN B 178 -44.79 5.77 15.35
C GLN B 178 -46.11 5.70 16.14
N PRO B 179 -47.10 6.60 15.93
CA PRO B 179 -48.34 6.63 16.74
C PRO B 179 -49.30 5.47 16.44
N PRO B 180 -50.43 5.20 17.17
CA PRO B 180 -51.26 4.04 16.81
C PRO B 180 -52.20 4.34 15.65
N SER B 181 -51.94 3.71 14.51
CA SER B 181 -52.72 3.91 13.30
C SER B 181 -53.27 2.57 12.81
N GLU B 182 -54.46 2.63 12.21
CA GLU B 182 -55.11 1.43 11.66
C GLU B 182 -54.53 1.16 10.28
N ASN B 183 -53.41 0.45 10.26
CA ASN B 183 -52.73 0.08 9.01
C ASN B 183 -52.41 -1.40 9.03
N PRO B 184 -52.36 -2.04 7.86
CA PRO B 184 -51.88 -3.43 7.80
C PRO B 184 -50.41 -3.51 8.22
N ALA B 185 -50.05 -4.65 8.79
CA ALA B 185 -48.68 -4.83 9.27
C ALA B 185 -47.68 -4.82 8.12
N GLY B 186 -48.08 -5.37 6.97
CA GLY B 186 -47.17 -5.41 5.84
C GLY B 186 -46.80 -4.03 5.33
N THR B 187 -47.80 -3.17 5.15
CA THR B 187 -47.54 -1.82 4.66
C THR B 187 -46.73 -1.01 5.68
N ARG B 188 -47.05 -1.16 6.97
CA ARG B 188 -46.34 -0.44 8.01
C ARG B 188 -44.89 -0.90 8.12
N TYR B 189 -44.62 -2.19 7.87
CA TYR B 189 -43.24 -2.66 7.87
C TYR B 189 -42.51 -2.23 6.59
N LEU B 190 -43.21 -2.22 5.46
CA LEU B 190 -42.58 -1.83 4.20
C LEU B 190 -42.16 -0.36 4.24
N SER B 191 -43.00 0.51 4.81
CA SER B 191 -42.63 1.92 4.92
C SER B 191 -41.42 2.10 5.83
N ALA B 192 -41.38 1.38 6.95
CA ALA B 192 -40.26 1.48 7.87
C ALA B 192 -38.96 0.98 7.22
N PHE B 193 -39.03 -0.13 6.48
CA PHE B 193 -37.84 -0.62 5.80
C PHE B 193 -37.38 0.32 4.71
N TYR B 194 -38.33 0.94 4.00
CA TYR B 194 -37.98 1.94 3.00
C TYR B 194 -37.27 3.13 3.63
N TRP B 195 -37.78 3.60 4.78
CA TRP B 195 -37.12 4.69 5.49
C TRP B 195 -35.72 4.30 5.94
N THR B 196 -35.56 3.08 6.46
CA THR B 196 -34.26 2.64 6.95
C THR B 196 -33.25 2.53 5.82
N ILE B 197 -33.66 1.97 4.67
CA ILE B 197 -32.75 1.88 3.54
C ILE B 197 -32.42 3.26 3.00
N THR B 198 -33.39 4.19 3.00
CA THR B 198 -33.11 5.56 2.57
C THR B 198 -32.11 6.24 3.49
N THR B 199 -32.26 6.07 4.80
CA THR B 199 -31.39 6.74 5.76
C THR B 199 -29.98 6.14 5.76
N LEU B 200 -29.88 4.82 5.78
CA LEU B 200 -28.57 4.17 5.86
C LEU B 200 -27.73 4.44 4.61
N THR B 201 -28.34 4.40 3.43
CA THR B 201 -27.64 4.61 2.18
C THR B 201 -27.25 6.07 1.98
N THR B 202 -27.75 6.97 2.83
CA THR B 202 -27.56 8.42 2.74
C THR B 202 -28.17 8.99 1.46
N ILE B 203 -29.29 8.41 1.00
CA ILE B 203 -30.04 9.02 -0.08
C ILE B 203 -30.80 10.24 0.41
N GLY B 204 -31.66 10.06 1.41
CA GLY B 204 -32.39 11.16 2.00
C GLY B 204 -33.43 11.76 1.10
N TYR B 205 -34.45 10.98 0.72
CA TYR B 205 -35.53 11.50 -0.09
C TYR B 205 -36.32 12.56 0.65
N GLY B 206 -36.59 12.34 1.93
CA GLY B 206 -37.31 13.29 2.75
C GLY B 206 -38.82 13.23 2.64
N ASP B 207 -39.38 12.27 1.90
CA ASP B 207 -40.83 12.14 1.80
C ASP B 207 -41.47 11.76 3.12
N ILE B 208 -40.79 10.98 3.95
CA ILE B 208 -41.23 10.68 5.31
C ILE B 208 -40.08 10.99 6.25
N THR B 209 -40.36 11.75 7.30
CA THR B 209 -39.35 12.30 8.20
C THR B 209 -39.86 12.20 9.63
N PRO B 210 -38.97 12.22 10.62
CA PRO B 210 -39.41 12.25 12.01
C PRO B 210 -40.20 13.51 12.31
N SER B 211 -41.16 13.37 13.23
CA SER B 211 -42.06 14.47 13.58
C SER B 211 -42.19 14.74 15.07
N THR B 212 -41.60 13.91 15.93
CA THR B 212 -41.65 14.06 17.37
C THR B 212 -40.23 14.09 17.92
N PRO B 213 -40.03 14.71 19.09
CA PRO B 213 -38.67 14.78 19.65
C PRO B 213 -38.01 13.43 19.86
N THR B 214 -38.77 12.41 20.31
CA THR B 214 -38.18 11.09 20.47
C THR B 214 -37.81 10.48 19.12
N GLN B 215 -38.65 10.67 18.10
CA GLN B 215 -38.28 10.23 16.75
C GLN B 215 -37.11 11.01 16.22
N THR B 216 -37.02 12.30 16.56
CA THR B 216 -35.87 13.11 16.16
C THR B 216 -34.58 12.57 16.78
N VAL B 217 -34.62 12.21 18.06
CA VAL B 217 -33.43 11.66 18.72
C VAL B 217 -33.05 10.32 18.11
N TYR B 218 -34.05 9.46 17.84
CA TYR B 218 -33.77 8.19 17.19
C TYR B 218 -33.14 8.37 15.82
N THR B 219 -33.67 9.33 15.04
CA THR B 219 -33.12 9.62 13.72
C THR B 219 -31.70 10.14 13.82
N ILE B 220 -31.43 11.00 14.82
CA ILE B 220 -30.07 11.52 15.00
C ILE B 220 -29.11 10.38 15.31
N VAL B 221 -29.50 9.45 16.19
CA VAL B 221 -28.63 8.33 16.53
C VAL B 221 -28.38 7.46 15.31
N ILE B 222 -29.44 7.16 14.54
CA ILE B 222 -29.30 6.31 13.36
C ILE B 222 -28.41 6.97 12.31
N GLU B 223 -28.57 8.28 12.12
CA GLU B 223 -27.72 9.00 11.17
C GLU B 223 -26.27 9.01 11.64
N LEU B 224 -26.04 9.20 12.93
CA LEU B 224 -24.68 9.33 13.42
C LEU B 224 -23.91 8.00 13.37
N LEU B 225 -24.52 6.93 13.87
CA LEU B 225 -23.78 5.68 14.02
C LEU B 225 -24.36 4.53 13.19
N GLY B 226 -25.26 4.83 12.24
CA GLY B 226 -25.75 3.81 11.34
C GLY B 226 -25.39 4.11 9.90
N ALA B 227 -25.31 5.40 9.57
CA ALA B 227 -24.94 5.80 8.21
C ALA B 227 -23.44 5.79 7.97
N ALA B 228 -22.64 5.68 9.03
CA ALA B 228 -21.19 5.57 8.89
C ALA B 228 -20.72 4.13 8.93
N MET B 229 -21.38 3.29 9.73
CA MET B 229 -21.02 1.88 9.77
C MET B 229 -21.38 1.17 8.47
N TYR B 230 -22.47 1.60 7.82
CA TYR B 230 -22.85 1.04 6.52
C TYR B 230 -21.75 1.28 5.50
N GLY B 231 -21.17 2.48 5.50
CA GLY B 231 -20.07 2.76 4.60
C GLY B 231 -18.87 1.87 4.87
N LEU B 232 -18.58 1.61 6.14
CA LEU B 232 -17.48 0.73 6.51
C LEU B 232 -17.71 -0.68 5.98
N VAL B 233 -18.94 -1.19 6.15
CA VAL B 233 -19.23 -2.56 5.72
C VAL B 233 -19.19 -2.64 4.19
N ILE B 234 -19.69 -1.61 3.51
CA ILE B 234 -19.65 -1.61 2.04
C ILE B 234 -18.21 -1.56 1.54
N GLY B 235 -17.37 -0.73 2.18
CA GLY B 235 -15.97 -0.69 1.80
C GLY B 235 -15.26 -2.00 2.05
N ASN B 236 -15.60 -2.68 3.15
CA ASN B 236 -15.02 -4.00 3.42
C ASN B 236 -15.47 -5.01 2.37
N ILE B 237 -16.74 -4.96 1.96
CA ILE B 237 -17.23 -5.86 0.92
C ILE B 237 -16.48 -5.63 -0.38
N ALA B 238 -16.26 -4.35 -0.74
CA ALA B 238 -15.48 -4.04 -1.93
C ALA B 238 -14.04 -4.55 -1.82
N SER B 239 -13.43 -4.35 -0.65
CA SER B 239 -12.04 -4.74 -0.47
C SER B 239 -11.86 -6.25 -0.57
N LEU B 240 -12.77 -7.02 0.01
CA LEU B 240 -12.66 -8.47 -0.04
C LEU B 240 -13.38 -9.12 -1.20
N VAL B 241 -14.03 -8.36 -2.08
CA VAL B 241 -14.35 -8.91 -3.39
C VAL B 241 -13.20 -8.60 -4.36
N SER B 242 -12.43 -7.53 -4.10
CA SER B 242 -11.19 -7.34 -4.82
C SER B 242 -10.11 -8.29 -4.32
N LYS B 243 -10.20 -8.74 -3.06
CA LYS B 243 -9.24 -9.69 -2.51
C LYS B 243 -9.33 -11.06 -3.17
N LEU B 244 -10.46 -11.37 -3.79
CA LEU B 244 -10.59 -12.63 -4.53
C LEU B 244 -9.63 -12.67 -5.70
N ASP B 245 -9.34 -13.89 -6.16
CA ASP B 245 -8.46 -14.22 -7.31
C ASP B 245 -7.27 -13.26 -7.45
N ALA B 246 -6.57 -13.05 -6.33
CA ALA B 246 -5.47 -12.09 -6.30
C ALA B 246 -4.29 -12.51 -7.14
N ALA B 247 -4.15 -13.79 -7.45
CA ALA B 247 -3.06 -14.25 -8.31
C ALA B 247 -3.18 -13.64 -9.71
N LYS B 248 -4.40 -13.62 -10.25
CA LYS B 248 -4.63 -12.98 -11.55
C LYS B 248 -4.37 -11.48 -11.47
N LEU B 249 -4.80 -10.83 -10.40
CA LEU B 249 -4.58 -9.40 -10.23
C LEU B 249 -3.11 -9.06 -10.02
N LEU B 250 -2.29 -10.02 -9.59
CA LEU B 250 -0.85 -9.80 -9.48
C LEU B 250 -0.15 -10.04 -10.81
N HIS B 251 -0.51 -11.13 -11.50
CA HIS B 251 0.12 -11.43 -12.78
C HIS B 251 -0.22 -10.38 -13.82
N ARG B 252 -1.47 -9.89 -13.83
CA ARG B 252 -1.87 -8.84 -14.78
C ARG B 252 -1.09 -7.56 -14.53
N GLU B 253 -0.92 -7.20 -13.25
CA GLU B 253 -0.15 -6.00 -12.92
C GLU B 253 1.31 -6.17 -13.33
N ARG B 254 1.88 -7.36 -13.11
CA ARG B 254 3.27 -7.60 -13.49
C ARG B 254 3.47 -7.50 -15.01
N VAL B 255 2.58 -8.14 -15.77
CA VAL B 255 2.73 -8.10 -17.22
C VAL B 255 2.47 -6.70 -17.76
N GLU B 256 1.55 -5.95 -17.15
CA GLU B 256 1.34 -4.56 -17.55
C GLU B 256 2.56 -3.71 -17.28
N ARG B 257 3.18 -3.91 -16.12
CA ARG B 257 4.39 -3.15 -15.78
C ARG B 257 5.52 -3.46 -16.75
N VAL B 258 5.69 -4.74 -17.11
CA VAL B 258 6.72 -5.10 -18.08
C VAL B 258 6.41 -4.50 -19.45
N THR B 259 5.15 -4.61 -19.88
CA THR B 259 4.75 -4.17 -21.21
C THR B 259 4.84 -2.66 -21.37
N ALA B 260 4.62 -1.89 -20.30
CA ALA B 260 4.75 -0.43 -20.40
C ALA B 260 6.15 -0.03 -20.83
N PHE B 261 7.17 -0.55 -20.13
CA PHE B 261 8.55 -0.24 -20.50
C PHE B 261 8.91 -0.88 -21.84
N LEU B 262 8.46 -2.05 -22.18
CA LEU B 262 8.98 -2.60 -23.47
C LEU B 262 8.54 -1.71 -24.62
N SER B 263 7.77 -0.65 -24.39
CA SER B 263 7.28 0.13 -25.55
C SER B 263 7.83 1.57 -25.60
N TYR B 264 8.24 2.17 -24.48
CA TYR B 264 8.88 3.52 -24.53
C TYR B 264 10.13 3.33 -25.38
N LYS B 265 10.89 2.28 -25.12
CA LYS B 265 12.05 1.94 -25.97
C LYS B 265 11.38 1.15 -27.07
N ARG B 266 11.29 1.67 -28.29
CA ARG B 266 10.50 0.95 -29.32
C ARG B 266 11.13 -0.42 -29.59
N ILE B 267 10.33 -1.49 -29.54
CA ILE B 267 10.85 -2.88 -29.67
C ILE B 267 10.16 -3.56 -30.85
N SER B 268 10.91 -4.25 -31.70
CA SER B 268 10.37 -4.90 -32.93
C SER B 268 9.09 -5.68 -32.63
N PRO B 269 8.00 -5.67 -33.44
CA PRO B 269 6.83 -6.50 -33.10
C PRO B 269 7.14 -7.97 -32.99
N GLU B 270 8.11 -8.48 -33.75
CA GLU B 270 8.45 -9.90 -33.70
C GLU B 270 9.02 -10.30 -32.34
N LEU B 271 9.56 -9.35 -31.58
CA LEU B 271 9.94 -9.58 -30.19
C LEU B 271 8.89 -9.10 -29.21
N GLN B 272 8.14 -8.05 -29.56
CA GLN B 272 7.09 -7.53 -28.68
C GLN B 272 5.98 -8.55 -28.48
N ARG B 273 5.68 -9.36 -29.49
CA ARG B 273 4.64 -10.38 -29.41
C ARG B 273 5.18 -11.71 -28.88
N ARG B 274 6.50 -11.90 -28.93
CA ARG B 274 7.12 -13.12 -28.43
C ARG B 274 7.13 -13.19 -26.90
N ILE B 275 7.14 -12.06 -26.22
CA ILE B 275 7.13 -12.05 -24.75
C ILE B 275 5.71 -12.22 -24.21
N ILE B 276 4.72 -11.66 -24.91
CA ILE B 276 3.32 -11.85 -24.52
C ILE B 276 2.94 -13.32 -24.59
N GLU B 277 3.46 -14.04 -25.59
CA GLU B 277 3.20 -15.47 -25.70
C GLU B 277 3.78 -16.22 -24.50
N TYR B 278 5.01 -15.87 -24.10
CA TYR B 278 5.62 -16.53 -22.94
C TYR B 278 4.85 -16.22 -21.67
N PHE B 279 4.42 -14.97 -21.48
CA PHE B 279 3.65 -14.63 -20.29
C PHE B 279 2.30 -15.34 -20.27
N ASP B 280 1.64 -15.43 -21.43
CA ASP B 280 0.39 -16.17 -21.51
C ASP B 280 0.58 -17.64 -21.19
N TYR B 281 1.66 -18.24 -21.70
CA TYR B 281 1.94 -19.63 -21.39
C TYR B 281 2.23 -19.83 -19.90
N LEU B 282 2.98 -18.90 -19.30
CA LEU B 282 3.30 -19.02 -17.88
C LEU B 282 2.04 -18.92 -17.02
N TRP B 283 1.17 -17.97 -17.34
CA TRP B 283 -0.11 -17.86 -16.62
C TRP B 283 -0.98 -19.08 -16.84
N GLU B 284 -0.99 -19.60 -18.07
CA GLU B 284 -1.85 -20.71 -18.45
C GLU B 284 -1.37 -22.06 -17.94
N THR B 285 -0.09 -22.19 -17.57
CA THR B 285 0.38 -23.42 -16.96
C THR B 285 0.68 -23.29 -15.47
N ARG B 286 0.70 -22.08 -14.92
CA ARG B 286 1.11 -21.90 -13.53
C ARG B 286 0.18 -21.01 -12.72
N ARG B 287 -0.74 -20.27 -13.34
CA ARG B 287 -1.68 -19.38 -12.66
C ARG B 287 -0.98 -18.27 -11.89
N GLY B 288 0.25 -17.92 -12.27
CA GLY B 288 0.96 -16.81 -11.67
C GLY B 288 1.56 -17.09 -10.32
N TYR B 289 1.31 -18.26 -9.74
CA TYR B 289 1.87 -18.59 -8.44
C TYR B 289 3.36 -18.89 -8.57
N GLU B 290 4.12 -18.52 -7.55
CA GLU B 290 5.55 -18.78 -7.47
C GLU B 290 5.81 -19.72 -6.31
N GLU B 291 6.65 -20.73 -6.53
CA GLU B 291 6.85 -21.80 -5.57
C GLU B 291 7.86 -21.46 -4.49
N ARG B 292 8.46 -20.27 -4.52
CA ARG B 292 9.49 -19.90 -3.54
C ARG B 292 8.97 -19.01 -2.41
N GLU B 293 8.26 -17.93 -2.73
CA GLU B 293 7.81 -17.05 -1.67
C GLU B 293 6.71 -17.67 -0.82
N VAL B 294 5.90 -18.56 -1.40
CA VAL B 294 4.85 -19.25 -0.65
C VAL B 294 5.46 -20.18 0.39
N LEU B 295 6.53 -20.88 0.04
CA LEU B 295 7.17 -21.83 0.94
C LEU B 295 8.22 -21.19 1.84
N LYS B 296 8.42 -19.87 1.74
CA LYS B 296 9.45 -19.21 2.54
C LYS B 296 9.14 -19.29 4.03
N GLU B 297 7.87 -19.30 4.40
CA GLU B 297 7.47 -19.27 5.81
C GLU B 297 7.27 -20.65 6.42
N LEU B 298 7.06 -21.68 5.61
CA LEU B 298 6.91 -23.02 6.15
C LEU B 298 8.26 -23.51 6.68
N PRO B 299 8.26 -24.32 7.74
CA PRO B 299 9.51 -24.89 8.23
C PRO B 299 10.07 -25.92 7.25
N HIS B 300 11.36 -26.19 7.42
CA HIS B 300 12.06 -27.09 6.49
C HIS B 300 11.46 -28.48 6.39
N PRO B 301 11.06 -29.16 7.48
CA PRO B 301 10.33 -30.44 7.30
C PRO B 301 9.01 -30.29 6.56
N LEU B 302 8.23 -29.24 6.85
CA LEU B 302 6.97 -29.06 6.15
C LEU B 302 7.20 -28.66 4.70
N ARG B 303 8.22 -27.83 4.44
CA ARG B 303 8.59 -27.51 3.06
C ARG B 303 9.02 -28.76 2.31
N LEU B 304 9.77 -29.63 2.97
CA LEU B 304 10.17 -30.91 2.38
C LEU B 304 8.96 -31.76 2.06
N ALA B 305 8.00 -31.83 2.97
CA ALA B 305 6.80 -32.64 2.75
C ALA B 305 5.98 -32.09 1.60
N VAL B 306 5.88 -30.76 1.49
CA VAL B 306 5.14 -30.15 0.38
C VAL B 306 5.86 -30.41 -0.94
N ALA B 307 7.18 -30.27 -0.96
CA ALA B 307 7.93 -30.52 -2.19
C ALA B 307 7.90 -31.99 -2.59
N MET B 308 7.72 -32.89 -1.62
CA MET B 308 7.49 -34.29 -1.94
C MET B 308 6.19 -34.49 -2.70
N GLU B 309 5.25 -33.55 -2.60
CA GLU B 309 3.96 -33.64 -3.29
C GLU B 309 3.93 -32.84 -4.60
N ILE B 310 4.53 -31.64 -4.63
CA ILE B 310 4.43 -30.79 -5.82
C ILE B 310 5.21 -31.40 -6.97
N HIS B 311 6.44 -31.84 -6.72
CA HIS B 311 7.27 -32.44 -7.76
C HIS B 311 7.09 -33.96 -7.76
N GLY B 312 5.84 -34.38 -7.80
CA GLY B 312 5.49 -35.78 -7.86
C GLY B 312 5.47 -36.35 -9.26
N ASP B 313 5.71 -35.51 -10.27
CA ASP B 313 5.67 -35.96 -11.66
C ASP B 313 7.04 -36.28 -12.23
N VAL B 314 8.07 -35.49 -11.89
CA VAL B 314 9.40 -35.74 -12.47
C VAL B 314 10.10 -36.90 -11.77
N ILE B 315 9.95 -37.02 -10.46
CA ILE B 315 10.34 -38.26 -9.78
C ILE B 315 9.43 -39.38 -10.29
N GLU B 316 9.95 -40.61 -10.25
CA GLU B 316 9.34 -41.84 -10.74
C GLU B 316 8.90 -41.74 -12.20
N LYS B 317 9.36 -40.71 -12.92
CA LYS B 317 9.23 -40.64 -14.37
C LYS B 317 10.56 -40.96 -15.07
N VAL B 318 11.61 -40.23 -14.74
CA VAL B 318 12.94 -40.56 -15.29
C VAL B 318 13.41 -41.88 -14.68
N PRO B 319 14.13 -42.71 -15.44
CA PRO B 319 14.45 -44.06 -14.95
C PRO B 319 15.25 -44.10 -13.66
N LEU B 320 16.17 -43.16 -13.45
CA LEU B 320 17.09 -43.24 -12.32
C LEU B 320 16.63 -42.45 -11.11
N PHE B 321 15.35 -42.08 -11.04
CA PHE B 321 14.76 -41.55 -9.82
C PHE B 321 13.87 -42.56 -9.11
N LYS B 322 13.09 -43.34 -9.87
CA LYS B 322 12.33 -44.42 -9.28
C LYS B 322 13.26 -45.61 -9.02
N GLY B 323 13.25 -46.11 -7.79
CA GLY B 323 14.17 -47.14 -7.38
C GLY B 323 15.52 -46.65 -6.93
N ALA B 324 15.76 -45.33 -6.97
CA ALA B 324 17.01 -44.77 -6.49
C ALA B 324 17.06 -44.71 -4.96
N GLY B 325 15.96 -45.01 -4.28
CA GLY B 325 15.93 -45.03 -2.84
C GLY B 325 14.89 -44.05 -2.30
N GLU B 326 15.14 -43.57 -1.09
CA GLU B 326 14.29 -42.55 -0.48
C GLU B 326 15.15 -41.37 -0.02
N GLU B 327 16.36 -41.66 0.41
CA GLU B 327 17.21 -40.62 1.02
C GLU B 327 17.83 -39.73 -0.06
N PHE B 328 18.14 -40.29 -1.23
CA PHE B 328 18.68 -39.51 -2.33
C PHE B 328 17.64 -38.53 -2.89
N ILE B 329 16.42 -39.02 -3.13
CA ILE B 329 15.35 -38.17 -3.62
C ILE B 329 15.02 -37.09 -2.60
N ARG B 330 14.99 -37.46 -1.31
CA ARG B 330 14.81 -36.46 -0.26
C ARG B 330 15.94 -35.45 -0.23
N ASP B 331 17.15 -35.86 -0.60
CA ASP B 331 18.27 -34.91 -0.68
C ASP B 331 18.09 -33.93 -1.85
N ILE B 332 17.62 -34.42 -3.00
CA ILE B 332 17.65 -33.59 -4.21
C ILE B 332 16.35 -32.83 -4.49
N ILE B 333 15.25 -33.17 -3.81
CA ILE B 333 13.94 -32.65 -4.20
C ILE B 333 13.83 -31.14 -3.99
N LEU B 334 14.66 -30.55 -3.14
CA LEU B 334 14.58 -29.12 -2.83
C LEU B 334 15.53 -28.28 -3.66
N HIS B 335 16.25 -28.86 -4.63
CA HIS B 335 17.27 -28.14 -5.38
C HIS B 335 16.95 -28.05 -6.87
N LEU B 336 15.85 -28.63 -7.32
CA LEU B 336 15.41 -28.55 -8.71
C LEU B 336 14.52 -27.31 -8.88
N GLU B 337 14.82 -26.44 -9.87
CA GLU B 337 13.92 -25.32 -10.12
C GLU B 337 13.10 -25.61 -11.37
N PRO B 338 11.82 -25.25 -11.41
CA PRO B 338 11.13 -25.13 -12.69
C PRO B 338 11.79 -24.06 -13.53
N VAL B 339 11.72 -24.24 -14.84
CA VAL B 339 12.12 -23.21 -15.78
C VAL B 339 11.40 -23.50 -17.08
N ILE B 340 11.12 -22.45 -17.83
CA ILE B 340 10.34 -22.53 -19.06
C ILE B 340 11.18 -21.95 -20.19
N TYR B 341 11.32 -22.71 -21.27
CA TYR B 341 12.05 -22.28 -22.45
C TYR B 341 11.09 -22.27 -23.64
N GLY B 342 11.14 -21.21 -24.43
CA GLY B 342 10.25 -21.05 -25.56
C GLY B 342 10.69 -21.86 -26.76
N PRO B 343 9.92 -21.77 -27.85
CA PRO B 343 10.27 -22.51 -29.07
C PRO B 343 11.36 -21.81 -29.88
N GLY B 344 12.27 -22.61 -30.41
CA GLY B 344 13.41 -22.08 -31.12
C GLY B 344 14.30 -21.22 -30.26
N GLU B 345 14.56 -21.67 -29.03
CA GLU B 345 15.22 -20.85 -28.02
C GLU B 345 16.34 -21.69 -27.41
N TYR B 346 17.58 -21.28 -27.66
CA TYR B 346 18.74 -22.10 -27.29
C TYR B 346 18.91 -22.17 -25.78
N ILE B 347 19.48 -23.30 -25.33
CA ILE B 347 19.76 -23.55 -23.91
C ILE B 347 21.25 -23.73 -23.67
N ILE B 348 21.92 -24.48 -24.54
CA ILE B 348 23.35 -24.75 -24.45
C ILE B 348 24.00 -24.33 -25.76
N ARG B 349 25.12 -23.62 -25.67
CA ARG B 349 25.75 -23.03 -26.85
C ARG B 349 27.07 -23.68 -27.25
N ALA B 350 27.35 -24.89 -26.73
CA ALA B 350 28.43 -25.75 -27.24
C ALA B 350 29.81 -25.08 -27.14
N GLY B 351 30.26 -24.91 -25.90
CA GLY B 351 31.62 -24.47 -25.70
C GLY B 351 31.88 -23.59 -24.49
N GLU B 352 30.83 -23.18 -23.80
CA GLU B 352 31.03 -22.36 -22.61
C GLU B 352 31.36 -23.24 -21.39
N MET B 353 31.68 -22.56 -20.29
CA MET B 353 32.04 -23.21 -19.04
C MET B 353 30.76 -23.58 -18.28
N GLY B 354 30.88 -24.43 -17.27
CA GLY B 354 29.77 -24.79 -16.42
C GLY B 354 29.01 -26.00 -16.90
N SER B 355 28.26 -26.60 -15.97
CA SER B 355 27.50 -27.82 -16.26
C SER B 355 26.26 -27.83 -15.38
N ASP B 356 25.13 -27.38 -15.95
CA ASP B 356 23.83 -27.45 -15.31
C ASP B 356 23.01 -28.48 -16.05
N VAL B 357 22.43 -29.42 -15.31
CA VAL B 357 21.68 -30.51 -15.93
C VAL B 357 20.20 -30.16 -15.97
N TYR B 358 19.57 -30.43 -17.10
CA TYR B 358 18.19 -30.04 -17.34
C TYR B 358 17.36 -31.30 -17.44
N PHE B 359 16.55 -31.56 -16.42
CA PHE B 359 15.65 -32.70 -16.42
C PHE B 359 14.36 -32.30 -17.11
N ILE B 360 14.12 -32.89 -18.28
CA ILE B 360 12.96 -32.51 -19.08
C ILE B 360 11.70 -33.06 -18.44
N ASN B 361 10.74 -32.18 -18.18
CA ASN B 361 9.43 -32.57 -17.66
C ASN B 361 8.40 -32.68 -18.77
N ARG B 362 8.28 -31.67 -19.62
CA ARG B 362 7.43 -31.75 -20.80
C ARG B 362 8.02 -30.88 -21.91
N GLY B 363 7.95 -31.39 -23.13
CA GLY B 363 8.48 -30.73 -24.31
C GLY B 363 9.44 -31.63 -25.03
N SER B 364 10.25 -31.03 -25.90
CA SER B 364 11.24 -31.76 -26.67
C SER B 364 12.35 -30.80 -27.09
N VAL B 365 13.57 -31.32 -27.15
CA VAL B 365 14.73 -30.54 -27.54
C VAL B 365 15.27 -31.10 -28.86
N GLU B 366 16.13 -30.30 -29.50
CA GLU B 366 16.61 -30.55 -30.86
C GLU B 366 18.12 -30.39 -30.91
N VAL B 367 18.82 -31.10 -30.03
CA VAL B 367 20.28 -31.02 -29.86
C VAL B 367 21.01 -31.05 -31.20
N LEU B 368 21.92 -30.09 -31.39
CA LEU B 368 22.68 -29.93 -32.62
C LEU B 368 24.15 -29.74 -32.28
N SER B 369 24.98 -29.87 -33.31
CA SER B 369 26.40 -29.56 -33.19
C SER B 369 26.61 -28.05 -33.32
N ALA B 370 27.86 -27.63 -33.56
CA ALA B 370 28.17 -26.20 -33.68
C ALA B 370 27.28 -25.53 -34.73
N ASP B 371 27.14 -26.15 -35.89
CA ASP B 371 26.09 -25.82 -36.84
C ASP B 371 25.26 -27.08 -37.07
N GLU B 372 24.31 -27.03 -38.01
CA GLU B 372 23.33 -28.10 -38.13
C GLU B 372 23.96 -29.46 -38.47
N LYS B 373 24.51 -29.61 -39.68
CA LYS B 373 25.33 -30.75 -40.13
C LYS B 373 24.89 -32.11 -39.60
N THR B 374 23.69 -32.58 -40.01
CA THR B 374 23.17 -33.90 -39.67
C THR B 374 23.02 -34.06 -38.16
N ARG B 375 22.00 -33.35 -37.65
CA ARG B 375 21.63 -33.30 -36.23
C ARG B 375 21.78 -34.65 -35.53
N TYR B 376 22.30 -34.59 -34.30
CA TYR B 376 22.67 -35.79 -33.56
C TYR B 376 21.47 -36.68 -33.29
N ALA B 377 20.52 -36.18 -32.48
CA ALA B 377 19.37 -36.97 -32.07
C ALA B 377 18.29 -36.02 -31.57
N ILE B 378 17.25 -36.60 -30.95
CA ILE B 378 16.14 -35.84 -30.38
C ILE B 378 15.77 -36.46 -29.05
N LEU B 379 15.44 -35.62 -28.08
CA LEU B 379 15.03 -36.08 -26.75
C LEU B 379 13.58 -35.69 -26.49
N SER B 380 12.99 -36.35 -25.50
CA SER B 380 11.56 -36.20 -25.21
C SER B 380 11.39 -36.16 -23.69
N GLU B 381 10.15 -36.35 -23.25
CA GLU B 381 9.83 -36.30 -21.82
C GLU B 381 10.50 -37.45 -21.08
N GLY B 382 10.74 -37.23 -19.80
CA GLY B 382 11.39 -38.22 -18.97
C GLY B 382 12.84 -38.50 -19.34
N GLN B 383 13.57 -37.47 -19.79
CA GLN B 383 14.98 -37.59 -20.14
C GLN B 383 15.70 -36.35 -19.67
N PHE B 384 17.03 -36.42 -19.66
CA PHE B 384 17.87 -35.32 -19.23
C PHE B 384 19.10 -35.22 -20.13
N PHE B 385 19.67 -34.02 -20.16
CA PHE B 385 20.86 -33.77 -20.97
C PHE B 385 21.78 -32.81 -20.20
N GLY B 386 22.90 -32.48 -20.81
CA GLY B 386 23.85 -31.54 -20.22
C GLY B 386 24.51 -32.05 -18.95
N GLU B 387 24.80 -33.34 -18.88
CA GLU B 387 25.40 -33.94 -17.70
C GLU B 387 26.85 -34.35 -17.90
N MET B 388 27.28 -34.57 -19.13
CA MET B 388 28.64 -35.02 -19.39
C MET B 388 29.64 -33.88 -19.49
N ALA B 389 29.20 -32.64 -19.33
CA ALA B 389 30.13 -31.53 -19.22
C ALA B 389 30.92 -31.58 -17.92
N LEU B 390 30.30 -32.09 -16.84
CA LEU B 390 31.00 -32.28 -15.58
C LEU B 390 31.57 -33.67 -15.39
N ILE B 391 31.06 -34.67 -16.12
CA ILE B 391 31.60 -36.01 -16.01
C ILE B 391 33.00 -36.07 -16.57
N LEU B 392 33.22 -35.47 -17.74
CA LEU B 392 34.52 -35.50 -18.41
C LEU B 392 35.34 -34.24 -18.18
N ARG B 393 34.86 -33.32 -17.34
CA ARG B 393 35.55 -32.06 -17.03
C ARG B 393 35.89 -31.29 -18.30
N ALA B 394 34.94 -31.23 -19.21
CA ALA B 394 35.12 -30.62 -20.52
C ALA B 394 33.98 -29.65 -20.79
N PRO B 395 34.21 -28.62 -21.61
CA PRO B 395 33.14 -27.69 -21.98
C PRO B 395 32.06 -28.38 -22.81
N ARG B 396 31.01 -27.62 -23.11
CA ARG B 396 29.87 -28.15 -23.85
C ARG B 396 30.29 -28.53 -25.27
N THR B 397 29.70 -29.61 -25.77
CA THR B 397 30.08 -30.17 -27.06
C THR B 397 28.98 -30.09 -28.12
N ALA B 398 27.78 -29.67 -27.75
CA ALA B 398 26.68 -29.68 -28.70
C ALA B 398 25.64 -28.66 -28.28
N THR B 399 25.12 -27.91 -29.24
CA THR B 399 24.04 -26.95 -28.98
C THR B 399 22.73 -27.68 -28.74
N VAL B 400 21.91 -27.12 -27.88
CA VAL B 400 20.58 -27.65 -27.58
C VAL B 400 19.58 -26.52 -27.77
N ARG B 401 18.50 -26.79 -28.52
CA ARG B 401 17.44 -25.82 -28.71
C ARG B 401 16.09 -26.51 -28.60
N ALA B 402 15.14 -25.81 -27.97
CA ALA B 402 13.81 -26.38 -27.77
C ALA B 402 13.01 -26.35 -29.08
N ARG B 403 12.05 -27.27 -29.17
CA ARG B 403 11.15 -27.34 -30.31
C ARG B 403 9.76 -26.83 -30.02
N ALA B 404 9.39 -26.69 -28.75
CA ALA B 404 8.10 -26.16 -28.35
C ALA B 404 8.28 -25.46 -27.01
N PHE B 405 7.16 -25.17 -26.33
CA PHE B 405 7.22 -24.52 -25.02
C PHE B 405 7.58 -25.58 -23.97
N CYS B 406 8.88 -25.74 -23.77
CA CYS B 406 9.37 -26.77 -22.86
C CYS B 406 9.35 -26.29 -21.41
N ASP B 407 8.86 -27.14 -20.53
CA ASP B 407 8.93 -26.93 -19.09
C ASP B 407 9.84 -28.01 -18.51
N LEU B 408 10.90 -27.58 -17.82
CA LEU B 408 11.90 -28.54 -17.37
C LEU B 408 12.57 -28.03 -16.10
N TYR B 409 13.16 -28.96 -15.35
CA TYR B 409 13.75 -28.69 -14.04
C TYR B 409 15.27 -28.65 -14.15
N ARG B 410 15.89 -27.61 -13.59
CA ARG B 410 17.34 -27.51 -13.63
C ARG B 410 17.90 -27.66 -12.22
N LEU B 411 18.97 -28.45 -12.12
CA LEU B 411 19.74 -28.63 -10.89
C LEU B 411 21.16 -28.15 -11.14
N ASP B 412 21.68 -27.35 -10.20
CA ASP B 412 22.95 -26.67 -10.39
C ASP B 412 24.13 -27.66 -10.31
N LYS B 413 25.30 -27.16 -10.73
CA LYS B 413 26.51 -27.99 -10.75
C LYS B 413 26.93 -28.41 -9.35
N GLU B 414 26.77 -27.52 -8.36
CA GLU B 414 27.29 -27.78 -7.02
C GLU B 414 26.64 -29.01 -6.39
N THR B 415 25.30 -29.05 -6.39
CA THR B 415 24.60 -30.19 -5.81
C THR B 415 24.88 -31.47 -6.59
N PHE B 416 25.08 -31.30 -7.90
CA PHE B 416 25.31 -32.48 -8.77
C PHE B 416 26.64 -33.13 -8.39
N ASP B 417 27.69 -32.32 -8.30
CA ASP B 417 28.99 -32.89 -7.91
C ASP B 417 28.95 -33.41 -6.47
N ARG B 418 28.16 -32.76 -5.61
CA ARG B 418 27.98 -33.29 -4.26
C ARG B 418 27.37 -34.68 -4.27
N ILE B 419 26.35 -34.90 -5.10
CA ILE B 419 25.68 -36.20 -5.09
C ILE B 419 26.48 -37.23 -5.88
N LEU B 420 27.34 -36.78 -6.80
CA LEU B 420 28.31 -37.69 -7.40
C LEU B 420 29.29 -38.19 -6.36
N SER B 421 29.83 -37.28 -5.55
CA SER B 421 30.79 -37.66 -4.53
C SER B 421 30.13 -38.34 -3.33
N ARG B 422 28.80 -38.31 -3.25
CA ARG B 422 28.10 -38.89 -2.11
C ARG B 422 27.46 -40.24 -2.39
N TYR B 423 27.08 -40.54 -3.63
CA TYR B 423 26.38 -41.76 -3.94
C TYR B 423 27.10 -42.52 -5.05
N PRO B 424 27.41 -43.81 -4.85
CA PRO B 424 28.11 -44.56 -5.91
C PRO B 424 27.26 -45.07 -7.07
N GLU B 425 26.02 -45.53 -6.84
CA GLU B 425 25.25 -46.10 -7.95
C GLU B 425 24.84 -45.03 -8.94
N ILE B 426 24.37 -43.89 -8.43
CA ILE B 426 23.98 -42.79 -9.31
C ILE B 426 25.20 -42.27 -10.09
N ALA B 427 26.34 -42.13 -9.41
CA ALA B 427 27.55 -41.67 -10.07
C ALA B 427 27.98 -42.64 -11.17
N ALA B 428 27.94 -43.94 -10.86
CA ALA B 428 28.31 -44.95 -11.86
C ALA B 428 27.36 -44.94 -13.04
N GLN B 429 26.05 -44.78 -12.79
CA GLN B 429 25.07 -44.75 -13.87
C GLN B 429 25.29 -43.55 -14.77
N ILE B 430 25.49 -42.37 -14.19
CA ILE B 430 25.74 -41.18 -15.01
C ILE B 430 27.06 -41.32 -15.77
N GLN B 431 28.08 -41.90 -15.13
CA GLN B 431 29.36 -42.09 -15.79
C GLN B 431 29.24 -43.00 -17.00
N GLU B 432 28.57 -44.15 -16.84
CA GLU B 432 28.46 -45.09 -17.95
C GLU B 432 27.54 -44.54 -19.04
N LEU B 433 26.51 -43.79 -18.67
CA LEU B 433 25.64 -43.18 -19.68
C LEU B 433 26.39 -42.11 -20.46
N ALA B 434 27.22 -41.31 -19.77
CA ALA B 434 27.98 -40.27 -20.46
C ALA B 434 29.04 -40.86 -21.37
N VAL B 435 29.73 -41.90 -20.92
CA VAL B 435 30.77 -42.50 -21.75
C VAL B 435 30.15 -43.30 -22.90
N ARG B 436 28.92 -43.79 -22.72
CA ARG B 436 28.24 -44.49 -23.81
C ARG B 436 27.72 -43.51 -24.85
N ARG B 437 27.21 -42.37 -24.43
CA ARG B 437 26.65 -41.40 -25.37
C ARG B 437 27.82 -40.56 -25.90
N LYS B 438 28.65 -41.17 -26.75
CA LYS B 438 29.73 -40.46 -27.42
C LYS B 438 29.88 -41.06 -28.81
N GLU B 439 29.20 -40.47 -29.79
CA GLU B 439 29.25 -40.94 -31.17
C GLU B 439 28.63 -39.93 -32.12
N THR C 29 -6.03 -6.86 -42.27
CA THR C 29 -6.64 -7.66 -41.20
C THR C 29 -8.15 -7.53 -41.21
N TYR C 30 -8.83 -8.53 -40.63
CA TYR C 30 -10.29 -8.53 -40.54
C TYR C 30 -10.81 -8.82 -39.16
N THR C 31 -10.00 -9.34 -38.23
CA THR C 31 -10.45 -9.54 -36.86
C THR C 31 -10.75 -8.20 -36.19
N LEU C 32 -9.91 -7.20 -36.46
CA LEU C 32 -10.09 -5.86 -35.89
C LEU C 32 -11.40 -5.21 -36.31
N VAL C 33 -11.99 -5.64 -37.42
CA VAL C 33 -13.24 -5.07 -37.91
C VAL C 33 -14.41 -5.93 -37.42
N TRP C 34 -14.21 -7.25 -37.43
CA TRP C 34 -15.26 -8.16 -36.99
C TRP C 34 -15.56 -7.98 -35.50
N LYS C 35 -14.53 -7.85 -34.68
CA LYS C 35 -14.72 -7.67 -33.24
C LYS C 35 -15.19 -6.27 -32.87
N VAL C 36 -15.19 -5.33 -33.82
CA VAL C 36 -15.82 -4.04 -33.64
C VAL C 36 -17.28 -4.07 -34.06
N TRP C 37 -17.59 -4.78 -35.15
CA TRP C 37 -18.97 -5.00 -35.54
C TRP C 37 -19.74 -5.77 -34.47
N ILE C 38 -19.08 -6.76 -33.87
CA ILE C 38 -19.73 -7.54 -32.81
C ILE C 38 -20.02 -6.65 -31.60
N LEU C 39 -19.10 -5.75 -31.26
CA LEU C 39 -19.34 -4.80 -30.18
C LEU C 39 -20.50 -3.87 -30.52
N ALA C 40 -20.53 -3.35 -31.74
CA ALA C 40 -21.61 -2.46 -32.16
C ALA C 40 -22.97 -3.16 -32.21
N VAL C 41 -22.99 -4.47 -32.37
CA VAL C 41 -24.23 -5.23 -32.37
C VAL C 41 -24.67 -5.58 -30.94
N THR C 42 -23.73 -5.98 -30.09
CA THR C 42 -24.09 -6.31 -28.72
C THR C 42 -24.42 -5.08 -27.90
N LEU C 43 -23.97 -3.89 -28.32
CA LEU C 43 -24.49 -2.65 -27.76
C LEU C 43 -25.84 -2.27 -28.34
N TYR C 44 -26.06 -2.59 -29.62
CA TYR C 44 -27.37 -2.38 -30.23
C TYR C 44 -28.45 -3.14 -29.49
N TYR C 45 -28.20 -4.41 -29.18
CA TYR C 45 -29.16 -5.17 -28.37
C TYR C 45 -29.32 -4.55 -26.98
N ALA C 46 -28.21 -4.20 -26.32
CA ALA C 46 -28.28 -3.70 -24.96
C ALA C 46 -29.07 -2.40 -24.88
N ILE C 47 -29.09 -1.62 -25.96
CA ILE C 47 -29.91 -0.42 -25.99
C ILE C 47 -31.35 -0.70 -26.44
N ARG C 48 -31.55 -1.61 -27.40
CA ARG C 48 -32.86 -1.78 -28.03
C ARG C 48 -33.80 -2.69 -27.26
N ILE C 49 -33.28 -3.76 -26.64
CA ILE C 49 -34.17 -4.79 -26.07
C ILE C 49 -35.06 -4.26 -24.94
N PRO C 50 -34.53 -3.55 -23.92
CA PRO C 50 -35.47 -3.03 -22.89
C PRO C 50 -36.43 -1.98 -23.43
N LEU C 51 -35.97 -1.13 -24.34
CA LEU C 51 -36.82 -0.11 -24.94
C LEU C 51 -37.97 -0.73 -25.73
N THR C 52 -37.75 -1.88 -26.35
CA THR C 52 -38.82 -2.64 -26.99
C THR C 52 -39.70 -3.34 -25.96
N LEU C 53 -39.12 -3.78 -24.84
CA LEU C 53 -39.91 -4.42 -23.79
C LEU C 53 -40.90 -3.45 -23.17
N VAL C 54 -40.52 -2.19 -23.00
CA VAL C 54 -41.45 -1.22 -22.42
C VAL C 54 -42.37 -0.61 -23.47
N PHE C 55 -41.87 -0.31 -24.67
CA PHE C 55 -42.72 0.20 -25.72
C PHE C 55 -43.01 -0.90 -26.73
N PRO C 56 -44.22 -1.48 -26.75
CA PRO C 56 -44.54 -2.47 -27.78
C PRO C 56 -44.76 -1.86 -29.16
N SER C 57 -44.81 -0.53 -29.27
CA SER C 57 -45.01 0.12 -30.56
C SER C 57 -43.83 -0.10 -31.51
N LEU C 58 -42.69 -0.53 -30.98
CA LEU C 58 -41.51 -0.86 -31.80
C LEU C 58 -41.68 -2.28 -32.34
N PHE C 59 -40.57 -2.85 -32.84
CA PHE C 59 -40.48 -4.18 -33.44
C PHE C 59 -41.11 -4.23 -34.83
N SER C 60 -41.87 -3.18 -35.20
CA SER C 60 -42.40 -3.14 -36.56
C SER C 60 -41.35 -2.66 -37.55
N PRO C 61 -40.61 -1.54 -37.33
CA PRO C 61 -39.61 -1.13 -38.32
C PRO C 61 -38.27 -1.84 -38.14
N LEU C 62 -37.98 -2.28 -36.92
CA LEU C 62 -36.64 -2.73 -36.54
C LEU C 62 -36.49 -4.25 -36.56
N LEU C 63 -37.29 -4.94 -37.36
CA LEU C 63 -37.19 -6.39 -37.51
C LEU C 63 -36.05 -6.78 -38.46
N PRO C 64 -35.93 -6.19 -39.66
CA PRO C 64 -34.79 -6.58 -40.52
C PRO C 64 -33.43 -6.31 -39.88
N LEU C 65 -33.29 -5.20 -39.16
CA LEU C 65 -32.03 -4.93 -38.46
C LEU C 65 -31.76 -5.98 -37.41
N ASP C 66 -32.79 -6.38 -36.67
CA ASP C 66 -32.59 -7.36 -35.61
C ASP C 66 -32.21 -8.73 -36.18
N ILE C 67 -32.84 -9.13 -37.28
CA ILE C 67 -32.48 -10.42 -37.88
C ILE C 67 -31.09 -10.35 -38.52
N LEU C 68 -30.73 -9.20 -39.09
CA LEU C 68 -29.39 -9.03 -39.64
C LEU C 68 -28.33 -9.08 -38.55
N ALA C 69 -28.64 -8.58 -37.36
CA ALA C 69 -27.74 -8.73 -36.23
C ALA C 69 -27.69 -10.18 -35.76
N SER C 70 -28.85 -10.84 -35.66
CA SER C 70 -28.90 -12.18 -35.11
C SER C 70 -28.17 -13.19 -36.00
N LEU C 71 -28.18 -13.00 -37.31
CA LEU C 71 -27.43 -13.89 -38.18
C LEU C 71 -25.93 -13.76 -37.95
N ALA C 72 -25.48 -12.58 -37.51
CA ALA C 72 -24.09 -12.43 -37.10
C ALA C 72 -23.86 -13.03 -35.72
N LEU C 73 -24.87 -12.98 -34.85
CA LEU C 73 -24.80 -13.67 -33.56
C LEU C 73 -24.56 -15.18 -33.75
N ILE C 74 -25.26 -15.79 -34.70
CA ILE C 74 -25.04 -17.22 -34.94
C ILE C 74 -23.85 -17.49 -35.84
N ALA C 75 -23.16 -16.44 -36.31
CA ALA C 75 -22.01 -16.59 -37.19
C ALA C 75 -20.68 -16.40 -36.45
N ASP C 76 -20.63 -16.78 -35.17
CA ASP C 76 -19.42 -16.65 -34.37
C ASP C 76 -18.94 -17.96 -33.76
N ILE C 77 -19.81 -18.96 -33.57
CA ILE C 77 -19.35 -20.26 -33.10
C ILE C 77 -18.36 -20.90 -34.05
N PRO C 78 -18.57 -20.92 -35.38
CA PRO C 78 -17.50 -21.40 -36.27
C PRO C 78 -16.22 -20.59 -36.17
N LEU C 79 -16.32 -19.29 -35.93
CA LEU C 79 -15.15 -18.42 -35.80
C LEU C 79 -14.67 -18.33 -34.35
N ASP C 80 -14.44 -19.48 -33.73
CA ASP C 80 -13.98 -19.54 -32.36
C ASP C 80 -12.46 -19.60 -32.24
N LEU C 81 -11.75 -19.55 -33.36
CA LEU C 81 -10.29 -19.57 -33.34
C LEU C 81 -9.71 -18.58 -34.35
N ARG C 100 -17.11 -18.70 -22.59
CA ARG C 100 -17.39 -19.95 -23.29
C ARG C 100 -18.90 -20.20 -23.46
N LEU C 101 -19.59 -20.48 -22.36
CA LEU C 101 -21.02 -20.78 -22.37
C LEU C 101 -21.91 -19.54 -22.54
N PRO C 102 -21.56 -18.36 -21.99
CA PRO C 102 -22.37 -17.16 -22.28
C PRO C 102 -22.55 -16.87 -23.75
N ASP C 103 -21.53 -17.13 -24.58
CA ASP C 103 -21.70 -16.90 -26.01
C ASP C 103 -22.69 -17.90 -26.63
N LEU C 104 -22.69 -19.14 -26.12
CA LEU C 104 -23.72 -20.09 -26.54
C LEU C 104 -25.11 -19.63 -26.13
N LEU C 105 -25.30 -19.08 -24.93
CA LEU C 105 -26.69 -18.69 -24.57
C LEU C 105 -27.14 -17.58 -25.49
N ALA C 106 -26.26 -16.62 -25.79
CA ALA C 106 -26.66 -15.43 -26.57
C ALA C 106 -27.15 -15.78 -27.98
N ALA C 107 -26.56 -16.75 -28.64
CA ALA C 107 -26.95 -16.98 -30.05
C ALA C 107 -28.42 -17.37 -30.16
N LEU C 108 -28.93 -18.21 -29.26
CA LEU C 108 -30.31 -18.71 -29.45
C LEU C 108 -31.24 -17.50 -29.50
N PRO C 109 -32.16 -17.42 -30.48
CA PRO C 109 -33.00 -16.24 -30.61
C PRO C 109 -34.24 -16.25 -29.73
N LEU C 110 -34.10 -16.06 -28.42
CA LEU C 110 -35.33 -15.90 -27.59
C LEU C 110 -35.92 -14.56 -28.05
N ASP C 111 -35.04 -13.62 -28.40
CA ASP C 111 -35.53 -12.35 -28.99
C ASP C 111 -36.05 -12.74 -30.37
N LEU C 112 -37.04 -12.02 -30.92
CA LEU C 112 -37.69 -12.31 -32.21
C LEU C 112 -38.88 -13.22 -31.91
N LEU C 113 -38.87 -13.83 -30.72
CA LEU C 113 -39.97 -14.77 -30.38
C LEU C 113 -40.90 -14.08 -29.41
N VAL C 114 -40.34 -13.54 -28.34
CA VAL C 114 -41.16 -12.88 -27.30
C VAL C 114 -41.83 -11.66 -27.92
N PHE C 115 -41.11 -10.93 -28.76
CA PHE C 115 -41.67 -9.67 -29.32
C PHE C 115 -42.75 -10.01 -30.34
N ALA C 116 -42.56 -11.09 -31.09
CA ALA C 116 -43.55 -11.49 -32.11
C ALA C 116 -44.80 -12.05 -31.45
N LEU C 117 -44.64 -12.82 -30.39
CA LEU C 117 -45.81 -13.52 -29.82
C LEU C 117 -46.45 -12.76 -28.67
N HIS C 118 -46.01 -11.52 -28.43
CA HIS C 118 -46.64 -10.67 -27.37
C HIS C 118 -46.86 -11.56 -26.14
N LEU C 119 -45.93 -12.46 -25.88
CA LEU C 119 -46.03 -13.39 -24.74
C LEU C 119 -46.19 -12.57 -23.45
N PRO C 120 -46.75 -13.16 -22.37
CA PRO C 120 -47.01 -12.42 -21.14
C PRO C 120 -45.73 -11.90 -20.51
N SER C 121 -45.85 -10.91 -19.64
CA SER C 121 -44.64 -10.23 -19.10
C SER C 121 -43.68 -11.16 -18.37
N PRO C 122 -44.06 -12.12 -17.51
CA PRO C 122 -43.06 -12.91 -16.76
C PRO C 122 -42.14 -13.74 -17.66
N LEU C 123 -42.70 -14.40 -18.68
CA LEU C 123 -41.87 -15.17 -19.63
C LEU C 123 -41.01 -14.19 -20.43
N SER C 124 -41.61 -13.09 -20.88
CA SER C 124 -40.88 -12.18 -21.79
C SER C 124 -39.74 -11.50 -21.06
N LEU C 125 -39.86 -11.34 -19.75
CA LEU C 125 -38.72 -10.64 -19.17
C LEU C 125 -37.42 -11.40 -19.39
N LEU C 126 -37.49 -12.73 -19.60
CA LEU C 126 -36.32 -13.55 -19.83
C LEU C 126 -35.77 -13.43 -21.24
N SER C 127 -36.18 -12.42 -22.01
CA SER C 127 -35.63 -12.15 -23.32
C SER C 127 -34.30 -11.41 -23.26
N LEU C 128 -33.79 -11.16 -22.05
CA LEU C 128 -32.54 -10.44 -21.85
C LEU C 128 -31.31 -11.33 -21.98
N VAL C 129 -31.45 -12.53 -22.56
CA VAL C 129 -30.32 -13.44 -22.68
C VAL C 129 -29.29 -12.92 -23.68
N ARG C 130 -29.71 -12.05 -24.60
CA ARG C 130 -28.76 -11.51 -25.58
C ARG C 130 -27.79 -10.52 -24.95
N LEU C 131 -28.07 -10.06 -23.74
CA LEU C 131 -27.12 -9.21 -23.01
C LEU C 131 -25.94 -10.00 -22.47
N LEU C 132 -26.00 -11.34 -22.50
CA LEU C 132 -24.91 -12.15 -21.97
C LEU C 132 -23.66 -12.09 -22.85
N LYS C 133 -23.78 -11.57 -24.08
CA LYS C 133 -22.59 -11.36 -24.90
C LYS C 133 -21.74 -10.21 -24.39
N LEU C 134 -22.31 -9.31 -23.58
CA LEU C 134 -21.54 -8.21 -23.03
C LEU C 134 -20.42 -8.71 -22.11
N ILE C 135 -20.72 -9.72 -21.29
CA ILE C 135 -19.69 -10.27 -20.40
C ILE C 135 -18.81 -11.29 -21.10
N SER C 136 -18.99 -11.50 -22.40
CA SER C 136 -18.11 -12.36 -23.18
C SER C 136 -17.30 -11.60 -24.22
N VAL C 137 -17.66 -10.36 -24.51
CA VAL C 137 -16.94 -9.55 -25.50
C VAL C 137 -15.91 -8.63 -24.88
N GLN C 138 -16.18 -8.06 -23.70
CA GLN C 138 -15.27 -7.10 -23.08
C GLN C 138 -13.88 -7.67 -22.82
N ALA C 139 -13.75 -9.00 -22.75
CA ALA C 139 -12.45 -9.66 -22.75
C ALA C 139 -12.04 -10.14 -24.14
N SER C 140 -13.00 -10.50 -25.00
CA SER C 140 -12.67 -10.85 -26.37
C SER C 140 -12.21 -9.64 -27.16
N ALA C 141 -12.81 -8.47 -26.92
CA ALA C 141 -12.36 -7.22 -27.53
C ALA C 141 -11.12 -6.66 -26.86
N THR C 142 -10.74 -7.18 -25.70
CA THR C 142 -9.49 -6.80 -25.04
C THR C 142 -8.28 -7.39 -25.76
N ARG C 143 -8.47 -8.41 -26.59
CA ARG C 143 -7.38 -9.03 -27.32
C ARG C 143 -6.99 -8.20 -28.53
N ILE C 144 -6.73 -6.92 -28.32
CA ILE C 144 -6.40 -6.01 -29.41
C ILE C 144 -5.33 -5.03 -28.96
N ILE C 149 -2.41 1.60 -28.06
CA ILE C 149 -3.43 1.95 -27.03
C ILE C 149 -2.95 1.46 -25.67
N ASN C 150 -3.63 1.86 -24.60
CA ASN C 150 -3.25 1.44 -23.23
C ASN C 150 -4.33 0.50 -22.69
N PRO C 151 -3.96 -0.64 -22.06
CA PRO C 151 -4.96 -1.54 -21.47
C PRO C 151 -5.74 -0.81 -20.37
N ALA C 152 -5.07 0.02 -19.58
CA ALA C 152 -5.75 0.80 -18.50
C ALA C 152 -6.79 1.74 -19.13
N LEU C 153 -6.45 2.37 -20.26
CA LEU C 153 -7.40 3.29 -20.94
C LEU C 153 -8.64 2.51 -21.40
N LEU C 154 -8.43 1.32 -21.96
CA LEU C 154 -9.57 0.48 -22.43
C LEU C 154 -10.44 0.12 -21.22
N ARG C 155 -9.84 0.03 -20.04
CA ARG C 155 -10.60 -0.35 -18.81
C ARG C 155 -11.27 0.85 -18.17
N LEU C 156 -10.86 2.09 -18.47
CA LEU C 156 -11.66 3.31 -18.12
C LEU C 156 -12.81 3.53 -19.10
N LEU C 157 -12.60 3.35 -20.39
CA LEU C 157 -13.76 3.48 -21.31
C LEU C 157 -14.77 2.37 -21.01
N SER C 158 -14.33 1.16 -20.71
CA SER C 158 -15.30 0.06 -20.50
C SER C 158 -16.13 0.31 -19.26
N LEU C 159 -15.56 0.89 -18.20
CA LEU C 159 -16.31 1.05 -16.94
C LEU C 159 -17.27 2.23 -17.08
N VAL C 160 -17.11 3.12 -18.05
CA VAL C 160 -18.12 4.18 -18.33
C VAL C 160 -19.33 3.55 -19.03
N GLY C 161 -19.21 3.05 -20.24
CA GLY C 161 -20.29 2.41 -20.99
C GLY C 161 -21.13 1.50 -20.11
N PHE C 162 -20.49 0.81 -19.17
CA PHE C 162 -21.24 -0.03 -18.23
C PHE C 162 -22.19 0.79 -17.38
N ILE C 163 -21.72 1.95 -16.90
CA ILE C 163 -22.58 2.84 -16.10
C ILE C 163 -23.73 3.36 -16.94
N LEU C 164 -23.44 3.79 -18.17
CA LEU C 164 -24.47 4.36 -19.02
C LEU C 164 -25.46 3.31 -19.51
N LEU C 165 -25.07 2.04 -19.54
CA LEU C 165 -26.01 0.98 -19.87
C LEU C 165 -26.84 0.55 -18.67
N ALA C 166 -26.22 0.46 -17.49
CA ALA C 166 -26.96 0.11 -16.28
C ALA C 166 -27.98 1.18 -15.93
N ALA C 167 -27.61 2.45 -16.06
CA ALA C 167 -28.54 3.54 -15.78
C ALA C 167 -29.72 3.50 -16.75
N HIS C 168 -29.44 3.24 -18.04
CA HIS C 168 -30.52 3.13 -19.01
C HIS C 168 -31.45 1.97 -18.68
N GLY C 169 -30.87 0.83 -18.29
CA GLY C 169 -31.70 -0.32 -17.94
C GLY C 169 -32.57 -0.04 -16.72
N ILE C 170 -32.00 0.59 -15.69
CA ILE C 170 -32.77 0.88 -14.49
C ILE C 170 -33.86 1.90 -14.78
N ALA C 171 -33.56 2.92 -15.58
CA ALA C 171 -34.58 3.92 -15.94
C ALA C 171 -35.69 3.29 -16.76
N CYS C 172 -35.34 2.40 -17.69
CA CYS C 172 -36.35 1.73 -18.50
C CYS C 172 -37.23 0.83 -17.63
N GLY C 173 -36.62 0.13 -16.68
CA GLY C 173 -37.39 -0.68 -15.74
C GLY C 173 -38.32 0.17 -14.88
N TRP C 174 -37.84 1.32 -14.43
CA TRP C 174 -38.69 2.23 -13.65
C TRP C 174 -39.87 2.72 -14.48
N MET C 175 -39.74 3.04 -15.75
CA MET C 175 -40.91 3.56 -16.49
C MET C 175 -41.99 2.49 -16.55
N SER C 176 -41.65 1.22 -16.66
CA SER C 176 -42.63 0.12 -16.85
C SER C 176 -43.58 0.01 -15.66
N LEU C 177 -43.14 0.39 -14.47
CA LEU C 177 -43.95 0.22 -13.24
C LEU C 177 -44.87 1.41 -12.97
N GLN C 178 -44.73 2.52 -13.70
CA GLN C 178 -45.61 3.71 -13.53
C GLN C 178 -46.99 3.46 -14.15
N PRO C 179 -48.08 4.17 -13.76
CA PRO C 179 -49.45 3.91 -14.25
C PRO C 179 -49.68 4.34 -15.71
N PRO C 180 -50.81 4.04 -16.42
CA PRO C 180 -50.90 4.48 -17.82
C PRO C 180 -51.31 5.94 -17.95
N SER C 181 -50.39 6.77 -18.42
CA SER C 181 -50.62 8.19 -18.56
C SER C 181 -50.36 8.63 -20.00
N GLU C 182 -51.12 9.62 -20.46
CA GLU C 182 -50.98 10.16 -21.81
C GLU C 182 -49.83 11.15 -21.81
N ASN C 183 -48.61 10.63 -21.98
CA ASN C 183 -47.41 11.46 -22.04
C ASN C 183 -46.58 11.06 -23.26
N PRO C 184 -45.81 12.00 -23.82
CA PRO C 184 -44.87 11.63 -24.87
C PRO C 184 -43.79 10.70 -24.32
N ALA C 185 -43.29 9.84 -25.20
CA ALA C 185 -42.28 8.87 -24.79
C ALA C 185 -40.98 9.55 -24.36
N GLY C 186 -40.63 10.66 -25.03
CA GLY C 186 -39.40 11.35 -24.69
C GLY C 186 -39.41 11.91 -23.28
N THR C 187 -40.50 12.59 -22.92
CA THR C 187 -40.60 13.16 -21.57
C THR C 187 -40.65 12.07 -20.51
N ARG C 188 -41.39 11.00 -20.78
CA ARG C 188 -41.50 9.90 -19.82
C ARG C 188 -40.17 9.19 -19.63
N TYR C 189 -39.36 9.10 -20.69
CA TYR C 189 -38.03 8.51 -20.53
C TYR C 189 -37.07 9.47 -19.84
N LEU C 190 -37.18 10.76 -20.12
CA LEU C 190 -36.31 11.75 -19.50
C LEU C 190 -36.53 11.81 -17.99
N SER C 191 -37.79 11.76 -17.56
CA SER C 191 -38.08 11.76 -16.12
C SER C 191 -37.53 10.51 -15.45
N ALA C 192 -37.66 9.35 -16.09
CA ALA C 192 -37.15 8.10 -15.53
C ALA C 192 -35.63 8.14 -15.43
N PHE C 193 -34.95 8.64 -16.46
CA PHE C 193 -33.49 8.73 -16.42
C PHE C 193 -33.03 9.73 -15.36
N TYR C 194 -33.77 10.83 -15.21
CA TYR C 194 -33.45 11.78 -14.15
C TYR C 194 -33.58 11.15 -12.78
N TRP C 195 -34.65 10.37 -12.56
CA TRP C 195 -34.81 9.67 -11.29
C TRP C 195 -33.69 8.67 -11.06
N THR C 196 -33.30 7.92 -12.10
CA THR C 196 -32.26 6.92 -11.95
C THR C 196 -30.91 7.56 -11.62
N ILE C 197 -30.58 8.65 -12.30
CA ILE C 197 -29.32 9.35 -12.00
C ILE C 197 -29.36 9.95 -10.61
N THR C 198 -30.51 10.47 -10.18
CA THR C 198 -30.63 11.00 -8.83
C THR C 198 -30.44 9.90 -7.78
N THR C 199 -31.04 8.73 -8.00
CA THR C 199 -30.96 7.65 -7.02
C THR C 199 -29.57 7.02 -6.97
N LEU C 200 -28.98 6.74 -8.13
CA LEU C 200 -27.68 6.07 -8.17
C LEU C 200 -26.58 6.94 -7.57
N THR C 201 -26.60 8.23 -7.87
CA THR C 201 -25.57 9.16 -7.38
C THR C 201 -25.74 9.45 -5.89
N THR C 202 -26.84 9.01 -5.29
CA THR C 202 -27.21 9.28 -3.89
C THR C 202 -27.41 10.76 -3.63
N ILE C 203 -27.92 11.49 -4.63
CA ILE C 203 -28.33 12.88 -4.40
C ILE C 203 -29.62 12.92 -3.60
N GLY C 204 -30.67 12.29 -4.12
CA GLY C 204 -31.94 12.21 -3.44
C GLY C 204 -32.67 13.53 -3.32
N TYR C 205 -33.06 14.11 -4.46
CA TYR C 205 -33.83 15.35 -4.45
C TYR C 205 -35.20 15.15 -3.81
N GLY C 206 -35.85 14.04 -4.13
CA GLY C 206 -37.15 13.73 -3.58
C GLY C 206 -38.33 14.37 -4.26
N ASP C 207 -38.12 15.09 -5.37
CA ASP C 207 -39.23 15.70 -6.10
C ASP C 207 -40.16 14.67 -6.71
N ILE C 208 -39.63 13.52 -7.14
CA ILE C 208 -40.44 12.39 -7.58
C ILE C 208 -39.99 11.16 -6.82
N THR C 209 -40.94 10.43 -6.24
CA THR C 209 -40.70 9.34 -5.33
C THR C 209 -41.65 8.20 -5.64
N PRO C 210 -41.32 6.98 -5.23
CA PRO C 210 -42.27 5.87 -5.39
C PRO C 210 -43.54 6.11 -4.58
N SER C 211 -44.66 5.60 -5.11
CA SER C 211 -45.97 5.81 -4.50
C SER C 211 -46.78 4.54 -4.31
N THR C 212 -46.33 3.40 -4.81
CA THR C 212 -47.02 2.12 -4.70
C THR C 212 -46.09 1.11 -4.08
N PRO C 213 -46.63 0.07 -3.42
CA PRO C 213 -45.75 -0.94 -2.78
C PRO C 213 -44.79 -1.61 -3.74
N THR C 214 -45.20 -1.90 -4.97
CA THR C 214 -44.28 -2.50 -5.93
C THR C 214 -43.18 -1.51 -6.32
N GLN C 215 -43.53 -0.23 -6.50
CA GLN C 215 -42.51 0.77 -6.76
C GLN C 215 -41.62 0.97 -5.55
N THR C 216 -42.18 0.83 -4.34
CA THR C 216 -41.38 0.92 -3.13
C THR C 216 -40.36 -0.21 -3.07
N VAL C 217 -40.77 -1.43 -3.41
CA VAL C 217 -39.85 -2.57 -3.41
C VAL C 217 -38.76 -2.38 -4.47
N TYR C 218 -39.15 -1.92 -5.67
CA TYR C 218 -38.17 -1.65 -6.72
C TYR C 218 -37.16 -0.60 -6.27
N THR C 219 -37.65 0.47 -5.63
CA THR C 219 -36.76 1.52 -5.13
C THR C 219 -35.82 0.99 -4.05
N ILE C 220 -36.33 0.13 -3.18
CA ILE C 220 -35.48 -0.45 -2.13
C ILE C 220 -34.38 -1.29 -2.76
N VAL C 221 -34.72 -2.10 -3.76
CA VAL C 221 -33.71 -2.93 -4.42
C VAL C 221 -32.66 -2.05 -5.10
N ILE C 222 -33.10 -1.02 -5.81
CA ILE C 222 -32.18 -0.14 -6.53
C ILE C 222 -31.27 0.60 -5.55
N GLU C 223 -31.83 1.07 -4.43
CA GLU C 223 -31.02 1.74 -3.42
C GLU C 223 -30.01 0.78 -2.80
N LEU C 224 -30.42 -0.46 -2.53
CA LEU C 224 -29.53 -1.39 -1.85
C LEU C 224 -28.38 -1.85 -2.73
N LEU C 225 -28.67 -2.26 -3.97
CA LEU C 225 -27.63 -2.89 -4.79
C LEU C 225 -27.34 -2.11 -6.08
N GLY C 226 -27.82 -0.88 -6.18
CA GLY C 226 -27.46 -0.05 -7.31
C GLY C 226 -26.69 1.19 -6.89
N ALA C 227 -26.97 1.69 -5.68
CA ALA C 227 -26.27 2.86 -5.16
C ALA C 227 -24.93 2.52 -4.54
N ALA C 228 -24.65 1.23 -4.31
CA ALA C 228 -23.36 0.81 -3.79
C ALA C 228 -22.42 0.35 -4.90
N MET C 229 -22.98 -0.28 -5.94
CA MET C 229 -22.16 -0.69 -7.07
C MET C 229 -21.65 0.51 -7.86
N TYR C 230 -22.45 1.57 -7.94
CA TYR C 230 -22.02 2.80 -8.60
C TYR C 230 -20.78 3.38 -7.92
N GLY C 231 -20.77 3.37 -6.59
CA GLY C 231 -19.58 3.82 -5.88
C GLY C 231 -18.37 2.97 -6.17
N LEU C 232 -18.56 1.66 -6.29
CA LEU C 232 -17.45 0.76 -6.63
C LEU C 232 -16.89 1.09 -8.01
N VAL C 233 -17.77 1.30 -8.98
CA VAL C 233 -17.31 1.57 -10.34
C VAL C 233 -16.63 2.94 -10.41
N ILE C 234 -17.15 3.92 -9.68
CA ILE C 234 -16.53 5.24 -9.66
C ILE C 234 -15.15 5.18 -9.01
N GLY C 235 -15.03 4.43 -7.90
CA GLY C 235 -13.73 4.26 -7.28
C GLY C 235 -12.73 3.54 -8.17
N ASN C 236 -13.21 2.54 -8.92
CA ASN C 236 -12.34 1.86 -9.88
C ASN C 236 -11.89 2.81 -10.99
N ILE C 237 -12.79 3.65 -11.47
CA ILE C 237 -12.43 4.63 -12.49
C ILE C 237 -11.37 5.58 -11.97
N ALA C 238 -11.53 6.04 -10.72
CA ALA C 238 -10.51 6.90 -10.12
C ALA C 238 -9.18 6.17 -9.97
N SER C 239 -9.22 4.92 -9.53
CA SER C 239 -7.99 4.16 -9.30
C SER C 239 -7.22 3.94 -10.59
N LEU C 240 -7.92 3.61 -11.68
CA LEU C 240 -7.25 3.36 -12.94
C LEU C 240 -7.13 4.58 -13.84
N VAL C 241 -7.60 5.75 -13.42
CA VAL C 241 -7.10 6.97 -14.05
C VAL C 241 -5.88 7.49 -13.30
N SER C 242 -5.76 7.15 -12.01
CA SER C 242 -4.51 7.37 -11.31
C SER C 242 -3.46 6.35 -11.72
N LYS C 243 -3.87 5.17 -12.16
CA LYS C 243 -2.94 4.13 -12.61
C LYS C 243 -2.22 4.53 -13.90
N LEU C 244 -2.78 5.47 -14.66
CA LEU C 244 -2.11 5.97 -15.86
C LEU C 244 -0.81 6.68 -15.48
N ASP C 245 0.09 6.78 -16.47
CA ASP C 245 1.41 7.44 -16.40
C ASP C 245 2.07 7.29 -15.03
N ALA C 246 2.13 6.05 -14.53
CA ALA C 246 2.65 5.79 -13.20
C ALA C 246 4.14 6.03 -13.08
N ALA C 247 4.87 6.05 -14.21
CA ALA C 247 6.29 6.35 -14.15
C ALA C 247 6.54 7.77 -13.66
N LYS C 248 5.74 8.73 -14.15
CA LYS C 248 5.84 10.10 -13.67
C LYS C 248 5.46 10.19 -12.20
N LEU C 249 4.40 9.49 -11.79
CA LEU C 249 3.97 9.50 -10.39
C LEU C 249 4.96 8.83 -9.47
N LEU C 250 5.83 7.95 -9.98
CA LEU C 250 6.90 7.37 -9.19
C LEU C 250 8.11 8.27 -9.11
N HIS C 251 8.52 8.85 -10.25
CA HIS C 251 9.68 9.74 -10.26
C HIS C 251 9.41 11.00 -9.45
N ARG C 252 8.20 11.55 -9.53
CA ARG C 252 7.86 12.74 -8.75
C ARG C 252 7.91 12.43 -7.26
N GLU C 253 7.38 11.28 -6.85
CA GLU C 253 7.43 10.90 -5.45
C GLU C 253 8.88 10.70 -4.99
N ARG C 254 9.71 10.08 -5.83
CA ARG C 254 11.11 9.87 -5.46
C ARG C 254 11.85 11.19 -5.29
N VAL C 255 11.67 12.12 -6.23
CA VAL C 255 12.38 13.40 -6.14
C VAL C 255 11.85 14.22 -4.98
N GLU C 256 10.54 14.13 -4.68
CA GLU C 256 10.00 14.82 -3.52
C GLU C 256 10.58 14.26 -2.23
N ARG C 257 10.70 12.93 -2.14
CA ARG C 257 11.28 12.31 -0.95
C ARG C 257 12.72 12.72 -0.76
N VAL C 258 13.50 12.77 -1.85
CA VAL C 258 14.89 13.21 -1.74
C VAL C 258 14.96 14.67 -1.33
N THR C 259 14.14 15.52 -1.96
CA THR C 259 14.19 16.96 -1.72
C THR C 259 13.74 17.33 -0.32
N ALA C 260 12.82 16.57 0.28
CA ALA C 260 12.41 16.86 1.66
C ALA C 260 13.60 16.80 2.62
N PHE C 261 14.35 15.70 2.57
CA PHE C 261 15.53 15.58 3.43
C PHE C 261 16.62 16.55 3.01
N LEU C 262 16.83 16.83 1.75
CA LEU C 262 18.00 17.71 1.47
C LEU C 262 17.77 19.09 2.10
N SER C 263 16.62 19.35 2.73
CA SER C 263 16.39 20.73 3.24
C SER C 263 16.33 20.80 4.77
N TYR C 264 15.97 19.73 5.49
CA TYR C 264 16.00 19.78 6.97
C TYR C 264 17.45 20.06 7.34
N LYS C 265 18.38 19.36 6.70
CA LYS C 265 19.82 19.64 6.88
C LYS C 265 20.03 20.75 5.88
N ARG C 266 20.24 21.99 6.31
CA ARG C 266 20.30 23.11 5.33
C ARG C 266 21.45 22.88 4.35
N ILE C 267 21.18 22.94 3.04
CA ILE C 267 22.21 22.63 2.00
C ILE C 267 22.37 23.85 1.09
N SER C 268 23.61 24.23 0.79
CA SER C 268 23.90 25.43 -0.02
C SER C 268 23.03 25.51 -1.28
N PRO C 269 22.45 26.64 -1.72
CA PRO C 269 21.66 26.63 -2.97
C PRO C 269 22.43 26.16 -4.18
N GLU C 270 23.75 26.42 -4.23
CA GLU C 270 24.55 25.98 -5.37
C GLU C 270 24.62 24.46 -5.49
N LEU C 271 24.39 23.74 -4.40
CA LEU C 271 24.22 22.29 -4.47
C LEU C 271 22.76 21.86 -4.47
N GLN C 272 21.89 22.65 -3.83
CA GLN C 272 20.46 22.32 -3.80
C GLN C 272 19.85 22.38 -5.19
N ARG C 273 20.34 23.27 -6.05
CA ARG C 273 19.82 23.40 -7.41
C ARG C 273 20.56 22.50 -8.39
N ARG C 274 21.75 22.02 -8.01
CA ARG C 274 22.53 21.12 -8.85
C ARG C 274 21.94 19.71 -8.92
N ILE C 275 21.22 19.28 -7.88
CA ILE C 275 20.62 17.95 -7.87
C ILE C 275 19.29 17.95 -8.63
N ILE C 276 18.54 19.05 -8.55
CA ILE C 276 17.29 19.17 -9.29
C ILE C 276 17.58 19.13 -10.80
N GLU C 277 18.69 19.74 -11.22
CA GLU C 277 19.07 19.67 -12.63
C GLU C 277 19.35 18.25 -13.07
N TYR C 278 20.06 17.48 -12.24
CA TYR C 278 20.35 16.09 -12.57
C TYR C 278 19.07 15.25 -12.63
N PHE C 279 18.16 15.47 -11.67
CA PHE C 279 16.90 14.72 -11.68
C PHE C 279 16.06 15.08 -12.90
N ASP C 280 16.02 16.37 -13.26
CA ASP C 280 15.29 16.79 -14.45
C ASP C 280 15.89 16.16 -15.70
N TYR C 281 17.22 16.12 -15.80
CA TYR C 281 17.86 15.49 -16.95
C TYR C 281 17.57 14.00 -17.00
N LEU C 282 17.58 13.33 -15.84
CA LEU C 282 17.31 11.90 -15.81
C LEU C 282 15.89 11.60 -16.25
N TRP C 283 14.91 12.38 -15.75
CA TRP C 283 13.53 12.21 -16.19
C TRP C 283 13.36 12.52 -17.67
N GLU C 284 14.07 13.56 -18.14
CA GLU C 284 13.93 14.04 -19.51
C GLU C 284 14.64 13.16 -20.53
N THR C 285 15.59 12.33 -20.11
CA THR C 285 16.20 11.38 -21.03
C THR C 285 15.80 9.94 -20.79
N ARG C 286 15.13 9.64 -19.68
CA ARG C 286 14.82 8.24 -19.34
C ARG C 286 13.39 8.00 -18.93
N ARG C 287 12.59 9.03 -18.65
CA ARG C 287 11.19 8.93 -18.23
C ARG C 287 11.03 8.15 -16.92
N GLY C 288 12.07 8.10 -16.10
CA GLY C 288 11.98 7.48 -14.79
C GLY C 288 12.02 5.97 -14.79
N TYR C 289 12.04 5.34 -15.96
CA TYR C 289 12.10 3.89 -16.03
C TYR C 289 13.51 3.40 -15.67
N GLU C 290 13.56 2.26 -15.00
CA GLU C 290 14.83 1.61 -14.65
C GLU C 290 14.92 0.28 -15.39
N GLU C 291 16.09 0.01 -15.96
CA GLU C 291 16.27 -1.14 -16.83
C GLU C 291 16.54 -2.44 -16.09
N ARG C 292 16.58 -2.43 -14.76
CA ARG C 292 16.91 -3.64 -14.00
C ARG C 292 15.67 -4.32 -13.41
N GLU C 293 14.80 -3.58 -12.73
CA GLU C 293 13.65 -4.23 -12.11
C GLU C 293 12.64 -4.71 -13.15
N VAL C 294 12.55 -4.03 -14.30
CA VAL C 294 11.63 -4.43 -15.36
C VAL C 294 12.06 -5.77 -15.95
N LEU C 295 13.37 -5.97 -16.14
CA LEU C 295 13.89 -7.20 -16.73
C LEU C 295 14.14 -8.29 -15.70
N LYS C 296 13.84 -8.05 -14.42
CA LYS C 296 14.11 -9.04 -13.39
C LYS C 296 13.28 -10.31 -13.58
N GLU C 297 12.07 -10.18 -14.15
CA GLU C 297 11.17 -11.31 -14.27
C GLU C 297 11.27 -12.03 -15.61
N LEU C 298 11.83 -11.38 -16.64
CA LEU C 298 12.00 -12.06 -17.91
C LEU C 298 13.08 -13.13 -17.80
N PRO C 299 12.96 -14.24 -18.52
CA PRO C 299 14.02 -15.24 -18.52
C PRO C 299 15.27 -14.74 -19.21
N HIS C 300 16.38 -15.41 -18.92
CA HIS C 300 17.68 -14.98 -19.43
C HIS C 300 17.75 -14.92 -20.96
N PRO C 301 17.23 -15.88 -21.75
CA PRO C 301 17.21 -15.65 -23.20
C PRO C 301 16.36 -14.47 -23.62
N LEU C 302 15.19 -14.26 -23.01
CA LEU C 302 14.36 -13.12 -23.36
C LEU C 302 14.99 -11.81 -22.90
N ARG C 303 15.63 -11.82 -21.73
CA ARG C 303 16.37 -10.64 -21.28
C ARG C 303 17.52 -10.33 -22.24
N LEU C 304 18.20 -11.37 -22.71
CA LEU C 304 19.27 -11.18 -23.70
C LEU C 304 18.72 -10.59 -24.99
N ALA C 305 17.57 -11.09 -25.45
CA ALA C 305 16.98 -10.58 -26.69
C ALA C 305 16.57 -9.12 -26.54
N VAL C 306 16.02 -8.76 -25.38
CA VAL C 306 15.63 -7.36 -25.13
C VAL C 306 16.86 -6.47 -25.07
N ALA C 307 17.91 -6.92 -24.37
CA ALA C 307 19.14 -6.12 -24.28
C ALA C 307 19.82 -6.00 -25.64
N MET C 308 19.64 -6.97 -26.53
CA MET C 308 20.11 -6.83 -27.90
C MET C 308 19.42 -5.69 -28.63
N GLU C 309 18.24 -5.27 -28.17
CA GLU C 309 17.50 -4.18 -28.79
C GLU C 309 17.70 -2.83 -28.08
N ILE C 310 17.75 -2.83 -26.75
CA ILE C 310 17.83 -1.56 -26.01
C ILE C 310 19.17 -0.90 -26.25
N HIS C 311 20.26 -1.66 -26.11
CA HIS C 311 21.60 -1.13 -26.31
C HIS C 311 22.04 -1.32 -27.77
N GLY C 312 21.18 -0.90 -28.68
CA GLY C 312 21.45 -0.94 -30.09
C GLY C 312 22.22 0.24 -30.62
N ASP C 313 22.52 1.21 -29.75
CA ASP C 313 23.22 2.41 -30.18
C ASP C 313 24.72 2.38 -29.89
N VAL C 314 25.13 1.83 -28.74
CA VAL C 314 26.56 1.81 -28.41
C VAL C 314 27.30 0.72 -29.17
N ILE C 315 26.68 -0.46 -29.35
CA ILE C 315 27.20 -1.41 -30.31
C ILE C 315 27.09 -0.81 -31.70
N GLU C 316 27.97 -1.26 -32.59
CA GLU C 316 28.13 -0.79 -33.97
C GLU C 316 28.34 0.73 -34.06
N LYS C 317 28.62 1.38 -32.93
CA LYS C 317 29.08 2.76 -32.93
C LYS C 317 30.58 2.86 -32.66
N VAL C 318 31.05 2.29 -31.56
CA VAL C 318 32.49 2.24 -31.29
C VAL C 318 33.14 1.29 -32.29
N PRO C 319 34.36 1.57 -32.74
CA PRO C 319 34.94 0.77 -33.84
C PRO C 319 35.10 -0.72 -33.54
N LEU C 320 35.41 -1.09 -32.30
CA LEU C 320 35.75 -2.47 -31.98
C LEU C 320 34.55 -3.28 -31.47
N PHE C 321 33.34 -2.79 -31.66
CA PHE C 321 32.15 -3.60 -31.42
C PHE C 321 31.51 -4.08 -32.71
N LYS C 322 31.47 -3.24 -33.75
CA LYS C 322 31.02 -3.68 -35.06
C LYS C 322 32.13 -4.48 -35.74
N GLY C 323 31.80 -5.67 -36.20
CA GLY C 323 32.79 -6.57 -36.75
C GLY C 323 33.54 -7.40 -35.73
N ALA C 324 33.26 -7.21 -34.43
CA ALA C 324 33.87 -8.02 -33.40
C ALA C 324 33.28 -9.42 -33.31
N GLY C 325 32.20 -9.69 -34.07
CA GLY C 325 31.57 -11.00 -34.09
C GLY C 325 30.13 -10.93 -33.64
N GLU C 326 29.66 -12.04 -33.09
CA GLU C 326 28.31 -12.12 -32.53
C GLU C 326 28.38 -12.65 -31.10
N GLU C 327 29.33 -13.56 -30.85
CA GLU C 327 29.37 -14.23 -29.55
C GLU C 327 29.98 -13.33 -28.48
N PHE C 328 30.94 -12.48 -28.87
CA PHE C 328 31.53 -11.54 -27.92
C PHE C 328 30.53 -10.47 -27.48
N ILE C 329 29.81 -9.89 -28.43
CA ILE C 329 28.80 -8.89 -28.11
C ILE C 329 27.69 -9.51 -27.26
N ARG C 330 27.28 -10.74 -27.61
CA ARG C 330 26.31 -11.46 -26.80
C ARG C 330 26.85 -11.74 -25.40
N ASP C 331 28.16 -11.92 -25.25
CA ASP C 331 28.75 -12.09 -23.92
C ASP C 331 28.71 -10.80 -23.12
N ILE C 332 28.98 -9.66 -23.75
CA ILE C 332 29.18 -8.42 -23.00
C ILE C 332 27.94 -7.55 -22.85
N ILE C 333 26.87 -7.82 -23.61
CA ILE C 333 25.75 -6.89 -23.69
C ILE C 333 24.99 -6.78 -22.37
N LEU C 334 25.11 -7.76 -21.49
CA LEU C 334 24.37 -7.76 -20.23
C LEU C 334 25.17 -7.21 -19.05
N HIS C 335 26.38 -6.70 -19.29
CA HIS C 335 27.25 -6.27 -18.21
C HIS C 335 27.57 -4.78 -18.25
N LEU C 336 27.06 -4.05 -19.25
CA LEU C 336 27.23 -2.60 -19.36
C LEU C 336 26.11 -1.91 -18.61
N GLU C 337 26.41 -0.98 -17.70
CA GLU C 337 25.34 -0.21 -17.07
C GLU C 337 25.29 1.18 -17.66
N PRO C 338 24.10 1.76 -17.88
CA PRO C 338 24.01 3.20 -18.06
C PRO C 338 24.48 3.90 -16.81
N VAL C 339 25.04 5.10 -17.00
CA VAL C 339 25.36 5.98 -15.89
C VAL C 339 25.41 7.39 -16.47
N ILE C 340 25.08 8.36 -15.63
CA ILE C 340 24.97 9.75 -16.04
C ILE C 340 25.90 10.57 -15.15
N TYR C 341 26.75 11.37 -15.79
CA TYR C 341 27.66 12.26 -15.09
C TYR C 341 27.36 13.69 -15.49
N GLY C 342 27.32 14.58 -14.49
CA GLY C 342 26.98 15.96 -14.73
C GLY C 342 28.15 16.76 -15.27
N PRO C 343 27.93 18.05 -15.52
CA PRO C 343 28.99 18.91 -16.04
C PRO C 343 29.95 19.37 -14.96
N GLY C 344 31.25 19.38 -15.31
CA GLY C 344 32.28 19.71 -14.34
C GLY C 344 32.33 18.72 -13.18
N GLU C 345 32.22 17.43 -13.48
CA GLU C 345 32.04 16.40 -12.46
C GLU C 345 33.03 15.29 -12.75
N TYR C 346 34.01 15.12 -11.85
CA TYR C 346 35.13 14.22 -12.12
C TYR C 346 34.69 12.76 -12.11
N ILE C 347 35.40 11.95 -12.89
CA ILE C 347 35.14 10.51 -12.99
C ILE C 347 36.35 9.70 -12.53
N ILE C 348 37.55 10.11 -12.94
CA ILE C 348 38.79 9.45 -12.58
C ILE C 348 39.70 10.48 -11.92
N ARG C 349 40.34 10.11 -10.81
CA ARG C 349 41.10 11.05 -10.01
C ARG C 349 42.61 10.81 -10.04
N ALA C 350 43.10 10.04 -11.02
CA ALA C 350 44.53 9.94 -11.35
C ALA C 350 45.37 9.46 -10.16
N GLY C 351 45.17 8.18 -9.82
CA GLY C 351 46.05 7.58 -8.84
C GLY C 351 45.44 6.53 -7.94
N GLU C 352 44.12 6.36 -8.00
CA GLU C 352 43.48 5.34 -7.18
C GLU C 352 43.60 3.96 -7.83
N MET C 353 43.16 2.95 -7.09
CA MET C 353 43.19 1.57 -7.53
C MET C 353 41.95 1.29 -8.40
N GLY C 354 41.97 0.17 -9.12
CA GLY C 354 40.84 -0.26 -9.91
C GLY C 354 40.87 0.26 -11.34
N SER C 355 40.09 -0.42 -12.19
CA SER C 355 40.06 -0.09 -13.62
C SER C 355 38.67 -0.43 -14.14
N ASP C 356 37.80 0.58 -14.20
CA ASP C 356 36.49 0.47 -14.82
C ASP C 356 36.51 1.28 -16.10
N VAL C 357 36.08 0.65 -17.20
CA VAL C 357 36.13 1.31 -18.51
C VAL C 357 34.79 1.96 -18.81
N TYR C 358 34.84 3.18 -19.31
CA TYR C 358 33.65 3.98 -19.54
C TYR C 358 33.49 4.16 -21.04
N PHE C 359 32.50 3.48 -21.62
CA PHE C 359 32.18 3.61 -23.03
C PHE C 359 31.25 4.80 -23.21
N ILE C 360 31.74 5.85 -23.85
CA ILE C 360 30.98 7.08 -24.00
C ILE C 360 29.88 6.86 -25.01
N ASN C 361 28.64 7.14 -24.62
CA ASN C 361 27.50 7.08 -25.52
C ASN C 361 27.14 8.46 -26.06
N ARG C 362 27.01 9.45 -25.19
CA ARG C 362 26.81 10.83 -25.62
C ARG C 362 27.41 11.77 -24.60
N GLY C 363 28.05 12.84 -25.09
CA GLY C 363 28.71 13.82 -24.25
C GLY C 363 30.16 13.97 -24.67
N SER C 364 30.95 14.57 -23.78
CA SER C 364 32.37 14.76 -24.03
C SER C 364 33.09 14.90 -22.70
N VAL C 365 34.33 14.42 -22.65
CA VAL C 365 35.15 14.48 -21.45
C VAL C 365 36.34 15.38 -21.73
N GLU C 366 37.02 15.79 -20.66
CA GLU C 366 38.06 16.80 -20.67
C GLU C 366 39.28 16.33 -19.89
N VAL C 367 39.77 15.13 -20.25
CA VAL C 367 40.87 14.45 -19.56
C VAL C 367 42.04 15.39 -19.27
N LEU C 368 42.49 15.40 -18.03
CA LEU C 368 43.57 16.27 -17.57
C LEU C 368 44.57 15.45 -16.77
N SER C 369 45.74 16.05 -16.54
CA SER C 369 46.74 15.47 -15.66
C SER C 369 46.40 15.77 -14.20
N ALA C 370 47.36 15.60 -13.29
CA ALA C 370 47.12 15.85 -11.88
C ALA C 370 46.56 17.24 -11.63
N ASP C 371 47.15 18.26 -12.26
CA ASP C 371 46.54 19.57 -12.40
C ASP C 371 46.44 19.86 -13.90
N GLU C 372 46.02 21.08 -14.24
CA GLU C 372 45.67 21.37 -15.64
C GLU C 372 46.84 21.21 -16.60
N LYS C 373 47.85 22.09 -16.51
CA LYS C 373 49.15 22.00 -17.19
C LYS C 373 49.09 21.45 -18.62
N THR C 374 48.45 22.18 -19.54
CA THR C 374 48.39 21.83 -20.96
C THR C 374 47.70 20.48 -21.17
N ARG C 375 46.38 20.52 -20.96
CA ARG C 375 45.47 19.37 -21.06
C ARG C 375 45.83 18.44 -22.22
N TYR C 376 45.75 17.14 -21.95
CA TYR C 376 46.21 16.11 -22.89
C TYR C 376 45.42 16.16 -24.20
N ALA C 377 44.13 15.86 -24.14
CA ALA C 377 43.30 15.78 -25.34
C ALA C 377 41.84 15.88 -24.94
N ILE C 378 40.95 15.62 -25.90
CA ILE C 378 39.52 15.64 -25.68
C ILE C 378 38.90 14.44 -26.39
N LEU C 379 37.90 13.83 -25.77
CA LEU C 379 37.20 12.69 -26.35
C LEU C 379 35.74 13.05 -26.61
N SER C 380 35.10 12.27 -27.46
CA SER C 380 33.75 12.54 -27.91
C SER C 380 32.96 11.23 -27.97
N GLU C 381 31.83 11.26 -28.65
CA GLU C 381 30.96 10.09 -28.75
C GLU C 381 31.65 8.97 -29.51
N GLY C 382 31.24 7.74 -29.20
CA GLY C 382 31.83 6.57 -29.82
C GLY C 382 33.28 6.33 -29.47
N GLN C 383 33.67 6.64 -28.23
CA GLN C 383 35.03 6.43 -27.75
C GLN C 383 34.96 5.93 -26.31
N PHE C 384 36.08 5.42 -25.83
CA PHE C 384 36.18 4.90 -24.48
C PHE C 384 37.52 5.29 -23.87
N PHE C 385 37.56 5.30 -22.53
CA PHE C 385 38.77 5.65 -21.80
C PHE C 385 38.85 4.77 -20.56
N GLY C 386 39.90 4.97 -19.78
CA GLY C 386 40.09 4.24 -18.53
C GLY C 386 40.30 2.75 -18.70
N GLU C 387 41.01 2.36 -19.77
CA GLU C 387 41.26 0.95 -20.05
C GLU C 387 42.70 0.52 -19.81
N MET C 388 43.65 1.45 -19.83
CA MET C 388 45.05 1.11 -19.67
C MET C 388 45.48 1.01 -18.21
N ALA C 389 44.57 1.26 -17.27
CA ALA C 389 44.87 1.00 -15.87
C ALA C 389 45.00 -0.49 -15.59
N LEU C 390 44.25 -1.33 -16.31
CA LEU C 390 44.38 -2.78 -16.18
C LEU C 390 45.32 -3.40 -17.20
N ILE C 391 45.57 -2.71 -18.32
CA ILE C 391 46.49 -3.24 -19.33
C ILE C 391 47.91 -3.26 -18.79
N LEU C 392 48.34 -2.18 -18.15
CA LEU C 392 49.69 -2.05 -17.63
C LEU C 392 49.80 -2.35 -16.14
N ARG C 393 48.70 -2.78 -15.51
CA ARG C 393 48.65 -3.10 -14.08
C ARG C 393 49.18 -1.94 -13.24
N ALA C 394 48.72 -0.74 -13.58
CA ALA C 394 49.17 0.50 -12.96
C ALA C 394 47.97 1.33 -12.54
N PRO C 395 48.11 2.17 -11.53
CA PRO C 395 47.01 3.06 -11.13
C PRO C 395 46.73 4.11 -12.21
N ARG C 396 45.69 4.90 -11.95
CA ARG C 396 45.26 5.91 -12.91
C ARG C 396 46.33 6.98 -13.09
N THR C 397 46.46 7.47 -14.32
CA THR C 397 47.52 8.40 -14.66
C THR C 397 47.02 9.79 -15.05
N ALA C 398 45.70 9.97 -15.18
CA ALA C 398 45.18 11.26 -15.65
C ALA C 398 43.75 11.42 -15.16
N THR C 399 43.44 12.64 -14.70
CA THR C 399 42.07 12.96 -14.29
C THR C 399 41.16 13.09 -15.50
N VAL C 400 39.91 12.71 -15.33
CA VAL C 400 38.89 12.85 -16.37
C VAL C 400 37.71 13.59 -15.77
N ARG C 401 37.23 14.63 -16.47
CA ARG C 401 36.06 15.36 -16.03
C ARG C 401 35.15 15.63 -17.22
N ALA C 402 33.85 15.54 -17.00
CA ALA C 402 32.89 15.76 -18.07
C ALA C 402 32.75 17.24 -18.38
N ARG C 403 32.34 17.53 -19.62
CA ARG C 403 32.09 18.89 -20.06
C ARG C 403 30.61 19.23 -20.17
N ALA C 404 29.74 18.23 -20.22
CA ALA C 404 28.31 18.44 -20.28
C ALA C 404 27.63 17.27 -19.56
N PHE C 405 26.33 17.11 -19.77
CA PHE C 405 25.58 16.00 -19.15
C PHE C 405 25.87 14.74 -19.97
N CYS C 406 26.92 14.03 -19.56
CA CYS C 406 27.35 12.85 -20.28
C CYS C 406 26.55 11.62 -19.86
N ASP C 407 26.11 10.84 -20.85
CA ASP C 407 25.50 9.54 -20.63
C ASP C 407 26.44 8.49 -21.21
N LEU C 408 26.87 7.54 -20.38
CA LEU C 408 27.86 6.59 -20.83
C LEU C 408 27.71 5.27 -20.09
N TYR C 409 28.26 4.21 -20.68
CA TYR C 409 28.10 2.84 -20.18
C TYR C 409 29.38 2.38 -19.52
N ARG C 410 29.26 1.83 -18.31
CA ARG C 410 30.45 1.35 -17.59
C ARG C 410 30.40 -0.17 -17.51
N LEU C 411 31.55 -0.80 -17.78
CA LEU C 411 31.75 -2.24 -17.62
C LEU C 411 32.84 -2.46 -16.58
N ASP C 412 32.58 -3.36 -15.64
CA ASP C 412 33.45 -3.56 -14.49
C ASP C 412 34.77 -4.23 -14.88
N LYS C 413 35.72 -4.21 -13.94
CA LYS C 413 37.04 -4.77 -14.18
C LYS C 413 36.99 -6.29 -14.39
N GLU C 414 36.11 -6.97 -13.64
CA GLU C 414 36.08 -8.43 -13.66
C GLU C 414 35.77 -8.98 -15.06
N THR C 415 34.67 -8.49 -15.66
CA THR C 415 34.29 -8.96 -16.98
C THR C 415 35.33 -8.56 -18.02
N PHE C 416 35.96 -7.42 -17.79
CA PHE C 416 36.97 -6.90 -18.76
C PHE C 416 38.15 -7.86 -18.79
N ASP C 417 38.69 -8.19 -17.62
CA ASP C 417 39.81 -9.13 -17.58
C ASP C 417 39.39 -10.51 -18.06
N ARG C 418 38.14 -10.90 -17.82
CA ARG C 418 37.63 -12.16 -18.36
C ARG C 418 37.67 -12.16 -19.89
N ILE C 419 37.25 -11.07 -20.51
CA ILE C 419 37.20 -11.04 -21.98
C ILE C 419 38.57 -10.81 -22.58
N LEU C 420 39.49 -10.20 -21.81
CA LEU C 420 40.89 -10.17 -22.22
C LEU C 420 41.46 -11.57 -22.26
N SER C 421 41.23 -12.36 -21.22
CA SER C 421 41.76 -13.71 -21.16
C SER C 421 40.97 -14.67 -22.04
N ARG C 422 39.83 -14.25 -22.58
CA ARG C 422 39.00 -15.13 -23.39
C ARG C 422 39.12 -14.87 -24.89
N TYR C 423 39.42 -13.64 -25.32
CA TYR C 423 39.43 -13.31 -26.74
C TYR C 423 40.78 -12.70 -27.11
N PRO C 424 41.44 -13.21 -28.15
CA PRO C 424 42.75 -12.64 -28.54
C PRO C 424 42.71 -11.35 -29.37
N GLU C 425 41.77 -11.18 -30.29
CA GLU C 425 41.81 -9.99 -31.15
C GLU C 425 41.46 -8.74 -30.35
N ILE C 426 40.42 -8.83 -29.51
CA ILE C 426 40.04 -7.70 -28.67
C ILE C 426 41.17 -7.36 -27.69
N ALA C 427 41.78 -8.38 -27.08
CA ALA C 427 42.87 -8.13 -26.15
C ALA C 427 44.06 -7.47 -26.86
N ALA C 428 44.39 -7.95 -28.05
CA ALA C 428 45.49 -7.36 -28.81
C ALA C 428 45.18 -5.92 -29.20
N GLN C 429 43.94 -5.64 -29.61
CA GLN C 429 43.56 -4.29 -30.00
C GLN C 429 43.66 -3.33 -28.82
N ILE C 430 43.13 -3.73 -27.66
CA ILE C 430 43.21 -2.88 -26.48
C ILE C 430 44.67 -2.70 -26.04
N GLN C 431 45.48 -3.77 -26.15
CA GLN C 431 46.88 -3.67 -25.77
C GLN C 431 47.63 -2.67 -26.66
N GLU C 432 47.44 -2.77 -27.99
CA GLU C 432 48.17 -1.88 -28.88
C GLU C 432 47.65 -0.44 -28.76
N LEU C 433 46.34 -0.27 -28.52
CA LEU C 433 45.81 1.07 -28.33
C LEU C 433 46.34 1.69 -27.04
N ALA C 434 46.45 0.90 -25.98
CA ALA C 434 46.95 1.42 -24.71
C ALA C 434 48.43 1.75 -24.80
N VAL C 435 49.21 0.90 -25.46
CA VAL C 435 50.65 1.18 -25.55
C VAL C 435 50.90 2.32 -26.54
N ARG C 436 50.01 2.52 -27.51
CA ARG C 436 50.16 3.65 -28.43
C ARG C 436 49.78 4.96 -27.76
N ARG C 437 48.73 4.97 -26.94
CA ARG C 437 48.30 6.20 -26.29
C ARG C 437 49.16 6.39 -25.03
N LYS C 438 50.42 6.75 -25.25
CA LYS C 438 51.33 7.09 -24.14
C LYS C 438 52.24 8.20 -24.63
N GLU C 439 51.85 9.44 -24.38
CA GLU C 439 52.65 10.61 -24.79
C GLU C 439 52.12 11.88 -24.13
N THR D 29 0.99 9.67 42.10
CA THR D 29 1.20 10.63 41.02
C THR D 29 0.11 11.69 41.01
N TYR D 30 0.42 12.84 40.41
CA TYR D 30 -0.54 13.94 40.31
C TYR D 30 -0.67 14.52 38.90
N THR D 31 0.26 14.22 37.99
CA THR D 31 0.11 14.68 36.60
C THR D 31 -1.08 14.00 35.95
N LEU D 32 -1.31 12.71 36.23
CA LEU D 32 -2.42 11.98 35.67
C LEU D 32 -3.77 12.53 36.09
N VAL D 33 -3.84 13.28 37.20
CA VAL D 33 -5.09 13.86 37.67
C VAL D 33 -5.21 15.29 37.16
N TRP D 34 -4.08 16.02 37.15
CA TRP D 34 -4.09 17.39 36.68
C TRP D 34 -4.42 17.48 35.20
N LYS D 35 -3.84 16.59 34.39
CA LYS D 35 -4.10 16.61 32.96
C LYS D 35 -5.47 16.03 32.59
N VAL D 36 -6.17 15.42 33.54
CA VAL D 36 -7.57 15.05 33.38
C VAL D 36 -8.49 16.18 33.78
N TRP D 37 -8.17 16.89 34.86
CA TRP D 37 -8.91 18.09 35.23
C TRP D 37 -8.82 19.15 34.14
N ILE D 38 -7.65 19.31 33.53
CA ILE D 38 -7.48 20.27 32.45
C ILE D 38 -8.35 19.90 31.26
N LEU D 39 -8.42 18.61 30.94
CA LEU D 39 -9.30 18.15 29.86
C LEU D 39 -10.76 18.42 30.19
N ALA D 40 -11.18 18.13 31.43
CA ALA D 40 -12.54 18.36 31.84
C ALA D 40 -12.92 19.84 31.86
N VAL D 41 -11.94 20.72 32.02
CA VAL D 41 -12.18 22.16 31.98
C VAL D 41 -12.20 22.70 30.55
N THR D 42 -11.29 22.23 29.70
CA THR D 42 -11.28 22.70 28.32
C THR D 42 -12.43 22.12 27.51
N LEU D 43 -13.02 21.01 27.95
CA LEU D 43 -14.29 20.57 27.40
C LEU D 43 -15.47 21.35 27.97
N TYR D 44 -15.38 21.75 29.24
CA TYR D 44 -16.40 22.61 29.83
C TYR D 44 -16.54 23.92 29.07
N TYR D 45 -15.41 24.56 28.75
CA TYR D 45 -15.46 25.76 27.91
C TYR D 45 -16.04 25.46 26.53
N ALA D 46 -15.57 24.38 25.90
CA ALA D 46 -16.00 24.08 24.53
C ALA D 46 -17.50 23.82 24.46
N ILE D 47 -18.10 23.34 25.55
CA ILE D 47 -19.55 23.17 25.58
C ILE D 47 -20.28 24.45 26.00
N ARG D 48 -19.73 25.21 26.96
CA ARG D 48 -20.45 26.32 27.57
C ARG D 48 -20.37 27.63 26.78
N ILE D 49 -19.24 27.92 26.15
CA ILE D 49 -19.04 29.25 25.55
C ILE D 49 -20.03 29.55 24.42
N PRO D 50 -20.21 28.68 23.41
CA PRO D 50 -21.22 29.02 22.39
C PRO D 50 -22.64 29.07 22.92
N LEU D 51 -22.97 28.18 23.85
CA LEU D 51 -24.31 28.17 24.44
C LEU D 51 -24.60 29.45 25.21
N THR D 52 -23.58 30.05 25.83
CA THR D 52 -23.72 31.37 26.43
C THR D 52 -23.76 32.47 25.39
N LEU D 53 -23.04 32.30 24.28
CA LEU D 53 -23.09 33.30 23.21
C LEU D 53 -24.47 33.41 22.59
N VAL D 54 -25.17 32.29 22.43
CA VAL D 54 -26.51 32.33 21.84
C VAL D 54 -27.57 32.66 22.89
N PHE D 55 -27.47 32.10 24.10
CA PHE D 55 -28.42 32.42 25.15
C PHE D 55 -27.78 33.38 26.15
N PRO D 56 -28.13 34.66 26.14
CA PRO D 56 -27.60 35.58 27.17
C PRO D 56 -28.21 35.37 28.54
N SER D 57 -29.24 34.54 28.67
CA SER D 57 -29.85 34.28 29.97
C SER D 57 -28.92 33.55 30.92
N LEU D 58 -27.85 32.95 30.40
CA LEU D 58 -26.83 32.32 31.23
C LEU D 58 -25.86 33.38 31.75
N PHE D 59 -24.71 32.93 32.26
CA PHE D 59 -23.64 33.73 32.85
C PHE D 59 -24.03 34.27 34.23
N SER D 60 -25.31 34.16 34.59
CA SER D 60 -25.69 34.55 35.95
C SER D 60 -25.37 33.46 36.97
N PRO D 61 -25.72 32.18 36.77
CA PRO D 61 -25.37 31.17 37.78
C PRO D 61 -23.96 30.62 37.60
N LEU D 62 -23.44 30.67 36.38
CA LEU D 62 -22.22 29.94 36.02
C LEU D 62 -20.97 30.82 36.03
N LEU D 63 -20.99 31.90 36.81
CA LEU D 63 -19.82 32.78 36.93
C LEU D 63 -18.77 32.20 37.89
N PRO D 64 -19.14 31.74 39.11
CA PRO D 64 -18.10 31.14 39.97
C PRO D 64 -17.42 29.93 39.36
N LEU D 65 -18.16 29.08 38.65
CA LEU D 65 -17.54 27.94 37.98
C LEU D 65 -16.56 28.41 36.91
N ASP D 66 -16.93 29.44 36.16
CA ASP D 66 -16.07 29.92 35.09
C ASP D 66 -14.79 30.54 35.64
N ILE D 67 -14.89 31.30 36.73
CA ILE D 67 -13.68 31.89 37.32
C ILE D 67 -12.82 30.80 37.99
N LEU D 68 -13.45 29.78 38.57
CA LEU D 68 -12.70 28.66 39.14
C LEU D 68 -11.97 27.89 38.07
N ALA D 69 -12.57 27.77 36.87
CA ALA D 69 -11.85 27.16 35.76
C ALA D 69 -10.73 28.07 35.27
N SER D 70 -10.99 29.37 35.15
CA SER D 70 -10.01 30.30 34.59
C SER D 70 -8.76 30.42 35.46
N LEU D 71 -8.92 30.32 36.79
CA LEU D 71 -7.75 30.36 37.66
C LEU D 71 -6.87 29.14 37.45
N ALA D 72 -7.46 28.01 37.02
CA ALA D 72 -6.66 26.86 36.62
C ALA D 72 -6.05 27.05 35.24
N LEU D 73 -6.75 27.76 34.36
CA LEU D 73 -6.19 28.15 33.08
C LEU D 73 -4.91 28.96 33.24
N ILE D 74 -4.90 29.91 34.18
CA ILE D 74 -3.68 30.68 34.41
C ILE D 74 -2.69 29.97 35.33
N ALA D 75 -3.02 28.78 35.82
CA ALA D 75 -2.16 28.02 36.70
C ALA D 75 -1.43 26.89 35.98
N ASP D 76 -1.11 27.08 34.70
CA ASP D 76 -0.41 26.05 33.92
C ASP D 76 0.89 26.54 33.30
N ILE D 77 1.07 27.85 33.09
CA ILE D 77 2.35 28.36 32.61
C ILE D 77 3.49 28.05 33.58
N PRO D 78 3.36 28.24 34.90
CA PRO D 78 4.43 27.77 35.79
C PRO D 78 4.65 26.27 35.73
N LEU D 79 3.61 25.48 35.49
CA LEU D 79 3.73 24.03 35.39
C LEU D 79 3.97 23.58 33.95
N ASP D 80 4.99 24.15 33.32
CA ASP D 80 5.33 23.82 31.94
C ASP D 80 6.38 22.71 31.85
N LEU D 81 6.81 22.16 32.98
CA LEU D 81 7.79 21.07 32.98
C LEU D 81 7.42 20.01 34.00
N ARG D 100 2.66 25.46 22.15
CA ARG D 100 3.41 26.50 22.84
C ARG D 100 2.62 27.81 22.99
N LEU D 101 2.37 28.50 21.87
CA LEU D 101 1.65 29.77 21.84
C LEU D 101 0.14 29.63 22.02
N PRO D 102 -0.53 28.58 21.48
CA PRO D 102 -1.96 28.42 21.79
C PRO D 102 -2.31 28.38 23.27
N ASP D 103 -1.45 27.80 24.10
CA ASP D 103 -1.71 27.80 25.53
C ASP D 103 -1.61 29.20 26.11
N LEU D 104 -0.69 30.02 25.59
CA LEU D 104 -0.63 31.43 25.99
C LEU D 104 -1.90 32.17 25.57
N LEU D 105 -2.44 31.92 24.37
CA LEU D 105 -3.65 32.71 24.00
C LEU D 105 -4.79 32.35 24.93
N ALA D 106 -4.93 31.05 25.25
CA ALA D 106 -6.09 30.59 26.05
C ALA D 106 -6.15 31.21 27.45
N ALA D 107 -5.02 31.42 28.09
CA ALA D 107 -5.11 31.88 29.48
C ALA D 107 -5.78 33.25 29.58
N LEU D 108 -5.48 34.16 28.67
CA LEU D 108 -6.02 35.54 28.84
C LEU D 108 -7.53 35.45 28.89
N PRO D 109 -8.20 36.10 29.86
CA PRO D 109 -9.63 35.96 29.99
C PRO D 109 -10.44 36.89 29.09
N LEU D 110 -10.50 36.64 27.79
CA LEU D 110 -11.42 37.44 26.93
C LEU D 110 -12.82 37.02 27.40
N ASP D 111 -12.96 35.75 27.78
CA ASP D 111 -14.23 35.30 28.38
C ASP D 111 -14.29 35.97 29.75
N LEU D 112 -15.47 36.25 30.28
CA LEU D 112 -15.68 36.96 31.57
C LEU D 112 -15.78 38.44 31.24
N LEU D 113 -15.32 38.81 30.05
CA LEU D 113 -15.32 40.26 29.68
C LEU D 113 -16.46 40.48 28.70
N VAL D 114 -16.49 39.68 27.65
CA VAL D 114 -17.53 39.86 26.60
C VAL D 114 -18.89 39.58 27.23
N PHE D 115 -18.98 38.56 28.09
CA PHE D 115 -20.29 38.17 28.65
C PHE D 115 -20.74 39.22 29.65
N ALA D 116 -19.80 39.79 30.39
CA ALA D 116 -20.15 40.83 31.40
C ALA D 116 -20.55 42.13 30.72
N LEU D 117 -19.86 42.50 29.65
CA LEU D 117 -20.10 43.83 29.05
C LEU D 117 -21.10 43.79 27.91
N HIS D 118 -21.74 42.64 27.69
CA HIS D 118 -22.79 42.55 26.63
C HIS D 118 -22.28 43.27 25.39
N LEU D 119 -20.98 43.15 25.13
CA LEU D 119 -20.34 43.82 23.97
C LEU D 119 -21.06 43.38 22.69
N PRO D 120 -20.99 44.17 21.60
CA PRO D 120 -21.71 43.86 20.37
C PRO D 120 -21.26 42.54 19.77
N SER D 121 -22.10 41.96 18.91
CA SER D 121 -21.82 40.61 18.39
C SER D 121 -20.47 40.47 17.67
N PRO D 122 -20.00 41.38 16.78
CA PRO D 122 -18.76 41.13 16.04
C PRO D 122 -17.52 41.00 16.95
N LEU D 123 -17.40 41.87 17.94
CA LEU D 123 -16.27 41.76 18.90
C LEU D 123 -16.43 40.49 19.73
N SER D 124 -17.66 40.22 20.18
CA SER D 124 -17.87 39.09 21.11
C SER D 124 -17.63 37.78 20.41
N LEU D 125 -17.84 37.73 19.09
CA LEU D 125 -17.61 36.41 18.53
C LEU D 125 -16.18 35.93 18.76
N LEU D 126 -15.24 36.86 18.95
CA LEU D 126 -13.84 36.52 19.19
C LEU D 126 -13.57 36.05 20.63
N SER D 127 -14.61 35.71 21.38
CA SER D 127 -14.45 35.14 22.71
C SER D 127 -14.14 33.65 22.67
N LEU D 128 -13.98 33.07 21.47
CA LEU D 128 -13.70 31.66 21.29
C LEU D 128 -12.22 31.31 21.44
N VAL D 129 -11.42 32.22 22.01
CA VAL D 129 -9.99 31.97 22.12
C VAL D 129 -9.70 30.87 23.14
N ARG D 130 -10.63 30.62 24.07
CA ARG D 130 -10.42 29.58 25.07
C ARG D 130 -10.53 28.19 24.46
N LEU D 131 -11.06 28.07 23.25
CA LEU D 131 -11.07 26.79 22.55
C LEU D 131 -9.70 26.41 22.01
N LEU D 132 -8.74 27.32 22.02
CA LEU D 132 -7.41 27.03 21.51
C LEU D 132 -6.64 26.06 22.39
N LYS D 133 -7.09 25.84 23.63
CA LYS D 133 -6.48 24.82 24.48
C LYS D 133 -6.79 23.41 23.98
N LEU D 134 -7.84 23.24 23.17
CA LEU D 134 -8.17 21.92 22.65
C LEU D 134 -7.06 21.39 21.74
N ILE D 135 -6.49 22.27 20.90
CA ILE D 135 -5.40 21.84 20.02
C ILE D 135 -4.05 21.86 20.71
N SER D 136 -4.01 22.14 22.01
CA SER D 136 -2.78 22.07 22.80
C SER D 136 -2.82 20.97 23.85
N VAL D 137 -4.00 20.43 24.16
CA VAL D 137 -4.14 19.39 25.16
C VAL D 137 -4.16 17.98 24.57
N GLN D 138 -4.76 17.80 23.38
CA GLN D 138 -4.89 16.46 22.79
C GLN D 138 -3.55 15.80 22.54
N ALA D 139 -2.46 16.56 22.46
CA ALA D 139 -1.11 16.02 22.48
C ALA D 139 -0.47 16.05 23.86
N SER D 140 -0.84 17.03 24.70
CA SER D 140 -0.35 17.03 26.08
C SER D 140 -0.97 15.89 26.89
N ALA D 141 -2.23 15.58 26.64
CA ALA D 141 -2.89 14.44 27.27
C ALA D 141 -2.50 13.11 26.64
N THR D 142 -1.86 13.15 25.47
CA THR D 142 -1.32 11.95 24.83
C THR D 142 -0.08 11.43 25.56
N ARG D 143 0.57 12.26 26.37
CA ARG D 143 1.75 11.86 27.10
C ARG D 143 1.38 11.05 28.34
N ILE D 144 0.59 9.99 28.14
CA ILE D 144 0.10 9.18 29.26
C ILE D 144 0.07 7.72 28.83
N ILE D 149 -3.01 1.14 28.04
CA ILE D 149 -3.94 1.66 27.01
C ILE D 149 -3.25 1.60 25.64
N ASN D 150 -4.00 1.84 24.56
CA ASN D 150 -3.44 1.80 23.19
C ASN D 150 -3.44 3.22 22.62
N PRO D 151 -2.33 3.69 22.00
CA PRO D 151 -2.32 5.02 21.38
C PRO D 151 -3.38 5.11 20.27
N ALA D 152 -3.56 4.03 19.50
CA ALA D 152 -4.59 4.03 18.43
C ALA D 152 -5.98 4.20 19.05
N LEU D 153 -6.24 3.55 20.19
CA LEU D 153 -7.56 3.68 20.87
C LEU D 153 -7.78 5.12 21.31
N LEU D 154 -6.74 5.77 21.85
CA LEU D 154 -6.87 7.17 22.30
C LEU D 154 -7.17 8.05 21.08
N ARG D 155 -6.70 7.65 19.90
CA ARG D 155 -6.91 8.44 18.66
C ARG D 155 -8.26 8.16 18.02
N LEU D 156 -8.92 7.03 18.34
CA LEU D 156 -10.37 6.82 17.99
C LEU D 156 -11.28 7.56 18.96
N LEU D 157 -11.03 7.54 20.25
CA LEU D 157 -11.87 8.35 21.16
C LEU D 157 -11.70 9.83 20.84
N SER D 158 -10.50 10.29 20.53
CA SER D 158 -10.30 11.74 20.30
C SER D 158 -11.05 12.18 19.04
N LEU D 159 -11.10 11.36 18.00
CA LEU D 159 -11.72 11.79 16.73
C LEU D 159 -13.24 11.75 16.87
N VAL D 160 -13.80 11.06 17.86
CA VAL D 160 -15.27 11.13 18.13
C VAL D 160 -15.59 12.47 18.80
N GLY D 161 -15.13 12.72 20.02
CA GLY D 161 -15.35 13.97 20.74
C GLY D 161 -15.22 15.19 19.84
N PHE D 162 -14.28 15.15 18.90
CA PHE D 162 -14.14 16.25 17.95
C PHE D 162 -15.38 16.40 17.09
N ILE D 163 -15.94 15.28 16.62
CA ILE D 163 -17.18 15.34 15.83
C ILE D 163 -18.32 15.88 16.67
N LEU D 164 -18.47 15.38 17.90
CA LEU D 164 -19.57 15.81 18.74
C LEU D 164 -19.44 17.25 19.20
N LEU D 165 -18.22 17.79 19.22
CA LEU D 165 -18.03 19.21 19.54
C LEU D 165 -18.26 20.09 18.31
N ALA D 166 -17.77 19.66 17.14
CA ALA D 166 -18.00 20.44 15.93
C ALA D 166 -19.48 20.49 15.56
N ALA D 167 -20.19 19.38 15.72
CA ALA D 167 -21.62 19.37 15.43
C ALA D 167 -22.37 20.29 16.39
N HIS D 168 -22.00 20.28 17.68
CA HIS D 168 -22.62 21.18 18.64
C HIS D 168 -22.35 22.63 18.28
N GLY D 169 -21.11 22.95 17.89
CA GLY D 169 -20.79 24.32 17.50
C GLY D 169 -21.56 24.78 16.28
N ILE D 170 -21.67 23.91 15.27
CA ILE D 170 -22.40 24.27 14.06
C ILE D 170 -23.88 24.44 14.34
N ALA D 171 -24.46 23.55 15.17
CA ALA D 171 -25.87 23.67 15.53
C ALA D 171 -26.14 24.94 16.33
N CYS D 172 -25.23 25.27 17.25
CA CYS D 172 -25.38 26.49 18.03
C CYS D 172 -25.28 27.73 17.14
N GLY D 173 -24.35 27.71 16.18
CA GLY D 173 -24.26 28.81 15.24
C GLY D 173 -25.50 28.94 14.37
N TRP D 174 -26.06 27.81 13.95
CA TRP D 174 -27.29 27.83 13.16
C TRP D 174 -28.45 28.43 13.98
N MET D 175 -28.60 28.13 15.25
CA MET D 175 -29.77 28.69 15.99
C MET D 175 -29.67 30.21 16.02
N SER D 176 -28.47 30.79 16.12
CA SER D 176 -28.30 32.26 16.28
C SER D 176 -28.84 33.01 15.08
N LEU D 177 -28.83 32.41 13.89
CA LEU D 177 -29.24 33.12 12.66
C LEU D 177 -30.75 33.03 12.39
N GLN D 178 -31.48 32.20 13.13
CA GLN D 178 -32.96 32.08 12.97
C GLN D 178 -33.68 33.31 13.56
N PRO D 179 -34.93 33.64 13.16
CA PRO D 179 -35.63 34.86 13.64
C PRO D 179 -36.11 34.78 15.10
N PRO D 180 -36.62 35.83 15.79
CA PRO D 180 -37.02 35.64 17.20
C PRO D 180 -38.38 35.00 17.33
N SER D 181 -38.41 33.76 17.83
CA SER D 181 -39.64 33.01 17.98
C SER D 181 -39.79 32.55 19.43
N GLU D 182 -41.03 32.48 19.88
CA GLU D 182 -41.35 32.04 21.24
C GLU D 182 -41.35 30.52 21.28
N ASN D 183 -40.16 29.95 21.46
CA ASN D 183 -39.99 28.51 21.53
C ASN D 183 -39.15 28.15 22.76
N PRO D 184 -39.35 26.97 23.33
CA PRO D 184 -38.45 26.52 24.39
C PRO D 184 -37.05 26.31 23.86
N ALA D 185 -36.06 26.51 24.73
CA ALA D 185 -34.67 26.38 24.32
C ALA D 185 -34.33 24.95 23.92
N GLY D 186 -34.93 23.97 24.60
CA GLY D 186 -34.64 22.58 24.28
C GLY D 186 -35.08 22.19 22.88
N THR D 187 -36.31 22.56 22.51
CA THR D 187 -36.81 22.24 21.18
C THR D 187 -36.02 22.98 20.10
N ARG D 188 -35.70 24.24 20.35
CA ARG D 188 -34.94 25.03 19.38
C ARG D 188 -33.52 24.50 19.20
N TYR D 189 -32.91 23.96 20.26
CA TYR D 189 -31.60 23.34 20.12
C TYR D 189 -31.70 21.97 19.45
N LEU D 190 -32.75 21.22 19.75
CA LEU D 190 -32.92 19.89 19.14
C LEU D 190 -33.10 20.00 17.64
N SER D 191 -33.90 20.98 17.18
CA SER D 191 -34.09 21.17 15.75
C SER D 191 -32.78 21.55 15.06
N ALA D 192 -32.00 22.43 15.70
CA ALA D 192 -30.72 22.84 15.12
C ALA D 192 -29.74 21.68 15.04
N PHE D 193 -29.68 20.86 16.10
CA PHE D 193 -28.79 19.71 16.07
C PHE D 193 -29.24 18.68 15.03
N TYR D 194 -30.55 18.51 14.88
CA TYR D 194 -31.07 17.62 13.84
C TYR D 194 -30.67 18.11 12.45
N TRP D 195 -30.79 19.42 12.22
CA TRP D 195 -30.36 19.98 10.94
C TRP D 195 -28.87 19.79 10.71
N THR D 196 -28.06 20.01 11.75
CA THR D 196 -26.61 19.88 11.60
C THR D 196 -26.21 18.43 11.30
N ILE D 197 -26.82 17.47 11.99
CA ILE D 197 -26.51 16.07 11.72
C ILE D 197 -27.00 15.67 10.33
N THR D 198 -28.14 16.20 9.89
CA THR D 198 -28.61 15.92 8.54
C THR D 198 -27.67 16.49 7.48
N THR D 199 -27.17 17.70 7.68
CA THR D 199 -26.31 18.34 6.69
C THR D 199 -24.92 17.70 6.65
N LEU D 200 -24.32 17.46 7.81
CA LEU D 200 -22.97 16.92 7.87
C LEU D 200 -22.90 15.52 7.29
N THR D 201 -23.89 14.68 7.61
CA THR D 201 -23.91 13.29 7.13
C THR D 201 -24.24 13.20 5.65
N THR D 202 -24.63 14.31 5.03
CA THR D 202 -25.07 14.39 3.63
C THR D 202 -26.33 13.56 3.39
N ILE D 203 -27.21 13.48 4.38
CA ILE D 203 -28.53 12.88 4.16
C ILE D 203 -29.41 13.82 3.34
N GLY D 204 -29.62 15.03 3.85
CA GLY D 204 -30.40 16.03 3.14
C GLY D 204 -31.87 15.70 3.04
N TYR D 205 -32.56 15.65 4.18
CA TYR D 205 -34.00 15.40 4.17
C TYR D 205 -34.74 16.56 3.51
N GLY D 206 -34.34 17.78 3.81
CA GLY D 206 -34.96 18.95 3.23
C GLY D 206 -36.22 19.44 3.91
N ASP D 207 -36.62 18.82 5.04
CA ASP D 207 -37.81 19.27 5.74
C ASP D 207 -37.64 20.66 6.34
N ILE D 208 -36.43 21.02 6.76
CA ILE D 208 -36.11 22.38 7.19
C ILE D 208 -34.89 22.84 6.41
N THR D 209 -34.97 24.02 5.82
CA THR D 209 -33.97 24.54 4.88
C THR D 209 -33.76 26.01 5.18
N PRO D 210 -32.60 26.56 4.76
CA PRO D 210 -32.39 28.01 4.89
C PRO D 210 -33.40 28.80 4.07
N SER D 211 -33.76 29.98 4.58
CA SER D 211 -34.77 30.82 3.94
C SER D 211 -34.35 32.26 3.74
N THR D 212 -33.19 32.67 4.23
CA THR D 212 -32.69 34.04 4.10
C THR D 212 -31.30 33.99 3.47
N PRO D 213 -30.88 35.07 2.80
CA PRO D 213 -29.55 35.06 2.16
C PRO D 213 -28.40 34.79 3.13
N THR D 214 -28.45 35.32 4.34
CA THR D 214 -27.39 35.03 5.31
C THR D 214 -27.42 33.56 5.73
N GLN D 215 -28.62 32.99 5.91
CA GLN D 215 -28.71 31.56 6.20
C GLN D 215 -28.27 30.74 5.00
N THR D 216 -28.54 31.22 3.79
CA THR D 216 -28.07 30.55 2.59
C THR D 216 -26.55 30.52 2.53
N VAL D 217 -25.90 31.64 2.86
CA VAL D 217 -24.43 31.69 2.86
C VAL D 217 -23.87 30.77 3.93
N TYR D 218 -24.47 30.77 5.12
CA TYR D 218 -24.03 29.87 6.18
C TYR D 218 -24.16 28.42 5.77
N THR D 219 -25.29 28.07 5.13
CA THR D 219 -25.51 26.70 4.67
C THR D 219 -24.49 26.32 3.59
N ILE D 220 -24.17 27.26 2.69
CA ILE D 220 -23.17 27.00 1.66
C ILE D 220 -21.81 26.71 2.29
N VAL D 221 -21.43 27.52 3.28
CA VAL D 221 -20.13 27.30 3.94
C VAL D 221 -20.10 25.95 4.64
N ILE D 222 -21.19 25.62 5.37
CA ILE D 222 -21.23 24.36 6.10
C ILE D 222 -21.20 23.17 5.14
N GLU D 223 -21.91 23.26 4.02
CA GLU D 223 -21.89 22.20 3.03
C GLU D 223 -20.50 22.05 2.41
N LEU D 224 -19.84 23.17 2.12
CA LEU D 224 -18.55 23.11 1.44
C LEU D 224 -17.45 22.55 2.34
N LEU D 225 -17.33 23.07 3.56
CA LEU D 225 -16.18 22.72 4.39
C LEU D 225 -16.58 22.01 5.68
N GLY D 226 -17.82 21.55 5.79
CA GLY D 226 -18.21 20.75 6.94
C GLY D 226 -18.63 19.35 6.54
N ALA D 227 -19.19 19.22 5.34
CA ALA D 227 -19.62 17.91 4.84
C ALA D 227 -18.47 17.12 4.24
N ALA D 228 -17.33 17.75 3.99
CA ALA D 228 -16.16 17.05 3.48
C ALA D 228 -15.20 16.66 4.60
N MET D 229 -15.09 17.50 5.63
CA MET D 229 -14.23 17.18 6.77
C MET D 229 -14.81 16.03 7.58
N TYR D 230 -16.14 15.94 7.65
CA TYR D 230 -16.78 14.81 8.33
C TYR D 230 -16.41 13.49 7.68
N GLY D 231 -16.38 13.45 6.35
CA GLY D 231 -15.95 12.25 5.65
C GLY D 231 -14.51 11.90 5.96
N LEU D 232 -13.64 12.91 6.05
CA LEU D 232 -12.25 12.66 6.40
C LEU D 232 -12.12 12.05 7.79
N VAL D 233 -12.86 12.60 8.75
CA VAL D 233 -12.76 12.09 10.12
C VAL D 233 -13.35 10.69 10.22
N ILE D 234 -14.44 10.41 9.49
CA ILE D 234 -15.02 9.07 9.49
C ILE D 234 -14.06 8.07 8.86
N GLY D 235 -13.43 8.45 7.75
CA GLY D 235 -12.44 7.58 7.14
C GLY D 235 -11.24 7.31 8.04
N ASN D 236 -10.80 8.35 8.77
CA ASN D 236 -9.72 8.15 9.73
C ASN D 236 -10.13 7.21 10.85
N ILE D 237 -11.37 7.34 11.34
CA ILE D 237 -11.87 6.44 12.38
C ILE D 237 -11.89 5.01 11.87
N ALA D 238 -12.33 4.81 10.63
CA ALA D 238 -12.32 3.47 10.05
C ALA D 238 -10.90 2.93 9.91
N SER D 239 -9.98 3.79 9.45
CA SER D 239 -8.60 3.35 9.23
C SER D 239 -7.92 2.94 10.53
N LEU D 240 -8.14 3.70 11.61
CA LEU D 240 -7.51 3.37 12.88
C LEU D 240 -8.35 2.50 13.80
N VAL D 241 -9.54 2.07 13.38
CA VAL D 241 -10.14 0.92 14.02
C VAL D 241 -9.72 -0.35 13.29
N SER D 242 -9.39 -0.24 12.00
CA SER D 242 -8.73 -1.35 11.32
C SER D 242 -7.27 -1.47 11.74
N LYS D 243 -6.65 -0.36 12.16
CA LYS D 243 -5.26 -0.39 12.61
C LYS D 243 -5.09 -1.17 13.91
N LEU D 244 -6.17 -1.36 14.67
CA LEU D 244 -6.10 -2.17 15.88
C LEU D 244 -5.79 -3.61 15.54
N ASP D 245 -5.27 -4.34 16.54
CA ASP D 245 -4.90 -5.77 16.49
C ASP D 245 -4.35 -6.20 15.13
N ALA D 246 -3.38 -5.43 14.63
CA ALA D 246 -2.84 -5.67 13.29
C ALA D 246 -2.05 -6.96 13.20
N ALA D 247 -1.58 -7.50 14.33
CA ALA D 247 -0.87 -8.78 14.30
C ALA D 247 -1.79 -9.90 13.82
N LYS D 248 -3.03 -9.92 14.32
CA LYS D 248 -4.00 -10.90 13.85
C LYS D 248 -4.32 -10.70 12.37
N LEU D 249 -4.48 -9.44 11.94
CA LEU D 249 -4.77 -9.16 10.55
C LEU D 249 -3.61 -9.48 9.63
N LEU D 250 -2.39 -9.56 10.14
CA LEU D 250 -1.23 -9.98 9.35
C LEU D 250 -1.12 -11.50 9.31
N HIS D 251 -1.30 -12.16 10.46
CA HIS D 251 -1.21 -13.62 10.50
C HIS D 251 -2.33 -14.27 9.68
N ARG D 252 -3.54 -13.71 9.76
CA ARG D 252 -4.66 -14.24 8.99
C ARG D 252 -4.40 -14.11 7.50
N GLU D 253 -3.87 -12.96 7.07
CA GLU D 253 -3.55 -12.77 5.66
C GLU D 253 -2.46 -13.74 5.21
N ARG D 254 -1.44 -13.95 6.06
CA ARG D 254 -0.36 -14.88 5.72
C ARG D 254 -0.88 -16.30 5.56
N VAL D 255 -1.69 -16.76 6.52
CA VAL D 255 -2.18 -18.13 6.45
C VAL D 255 -3.16 -18.29 5.29
N GLU D 256 -3.94 -17.26 4.97
CA GLU D 256 -4.83 -17.32 3.81
C GLU D 256 -4.02 -17.40 2.52
N ARG D 257 -2.94 -16.63 2.42
CA ARG D 257 -2.10 -16.67 1.24
C ARG D 257 -1.45 -18.04 1.07
N VAL D 258 -0.98 -18.63 2.16
CA VAL D 258 -0.40 -19.97 2.09
C VAL D 258 -1.46 -21.00 1.68
N THR D 259 -2.64 -20.93 2.32
CA THR D 259 -3.69 -21.91 2.09
C THR D 259 -4.26 -21.84 0.69
N ALA D 260 -4.28 -20.66 0.06
CA ALA D 260 -4.78 -20.57 -1.31
C ALA D 260 -3.95 -21.43 -2.26
N PHE D 261 -2.63 -21.29 -2.22
CA PHE D 261 -1.77 -22.10 -3.06
C PHE D 261 -1.77 -23.56 -2.61
N LEU D 262 -1.85 -23.88 -1.35
CA LEU D 262 -1.75 -25.33 -1.04
C LEU D 262 -2.94 -26.08 -1.66
N SER D 263 -3.88 -25.39 -2.30
CA SER D 263 -5.07 -26.12 -2.80
C SER D 263 -5.18 -26.16 -4.33
N TYR D 264 -4.60 -25.20 -5.06
CA TYR D 264 -4.62 -25.28 -6.54
C TYR D 264 -3.87 -26.57 -6.89
N LYS D 265 -2.74 -26.79 -6.25
CA LYS D 265 -2.01 -28.07 -6.41
C LYS D 265 -2.71 -28.94 -5.39
N ARG D 266 -3.50 -29.93 -5.81
CA ARG D 266 -4.31 -30.68 -4.81
C ARG D 266 -3.38 -31.37 -3.81
N ILE D 267 -3.61 -31.19 -2.52
CA ILE D 267 -2.70 -31.74 -1.47
C ILE D 267 -3.50 -32.65 -0.54
N SER D 268 -2.97 -33.82 -0.21
CA SER D 268 -3.70 -34.82 0.61
C SER D 268 -4.32 -34.20 1.86
N PRO D 269 -5.56 -34.51 2.31
CA PRO D 269 -6.08 -33.88 3.54
C PRO D 269 -5.21 -34.13 4.76
N GLU D 270 -4.53 -35.28 4.83
CA GLU D 270 -3.69 -35.58 5.98
C GLU D 270 -2.50 -34.64 6.09
N LEU D 271 -2.10 -34.01 4.98
CA LEU D 271 -1.11 -32.93 5.02
C LEU D 271 -1.75 -31.55 5.01
N GLN D 272 -2.92 -31.42 4.36
CA GLN D 272 -3.61 -30.13 4.31
C GLN D 272 -4.06 -29.68 5.69
N ARG D 273 -4.41 -30.61 6.57
CA ARG D 273 -4.85 -30.30 7.92
C ARG D 273 -3.68 -30.24 8.91
N ARG D 274 -2.54 -30.83 8.54
CA ARG D 274 -1.35 -30.81 9.38
C ARG D 274 -0.67 -29.44 9.42
N ILE D 275 -0.82 -28.63 8.37
CA ILE D 275 -0.21 -27.30 8.34
C ILE D 275 -1.08 -26.29 9.07
N ILE D 276 -2.40 -26.45 8.99
CA ILE D 276 -3.31 -25.57 9.73
C ILE D 276 -3.10 -25.74 11.23
N GLU D 277 -2.83 -26.97 11.68
CA GLU D 277 -2.53 -27.19 13.09
C GLU D 277 -1.27 -26.45 13.52
N TYR D 278 -0.22 -26.50 12.68
CA TYR D 278 1.02 -25.80 13.01
C TYR D 278 0.80 -24.28 13.04
N PHE D 279 0.05 -23.75 12.07
CA PHE D 279 -0.22 -22.32 12.05
C PHE D 279 -1.04 -21.89 13.26
N ASP D 280 -2.04 -22.71 13.64
CA ASP D 280 -2.84 -22.41 14.83
C ASP D 280 -1.97 -22.43 16.08
N TYR D 281 -1.06 -23.40 16.19
CA TYR D 281 -0.17 -23.45 17.34
C TYR D 281 0.76 -22.25 17.37
N LEU D 282 1.28 -21.85 16.22
CA LEU D 282 2.18 -20.71 16.16
C LEU D 282 1.47 -19.42 16.57
N TRP D 283 0.25 -19.21 16.08
CA TRP D 283 -0.53 -18.04 16.49
C TRP D 283 -0.89 -18.11 17.97
N GLU D 284 -1.20 -19.31 18.47
CA GLU D 284 -1.66 -19.49 19.84
C GLU D 284 -0.54 -19.42 20.86
N THR D 285 0.72 -19.62 20.45
CA THR D 285 1.84 -19.44 21.37
C THR D 285 2.66 -18.19 21.10
N ARG D 286 2.45 -17.49 19.98
CA ARG D 286 3.30 -16.37 19.62
C ARG D 286 2.54 -15.12 19.19
N ARG D 287 1.24 -15.21 18.90
CA ARG D 287 0.40 -14.09 18.46
C ARG D 287 0.87 -13.48 17.15
N GLY D 288 1.60 -14.25 16.34
CA GLY D 288 2.01 -13.80 15.02
C GLY D 288 3.18 -12.84 15.00
N TYR D 289 3.67 -12.41 16.16
CA TYR D 289 4.80 -11.52 16.21
C TYR D 289 6.09 -12.26 15.87
N GLU D 290 7.00 -11.56 15.20
CA GLU D 290 8.31 -12.08 14.85
C GLU D 290 9.37 -11.27 15.58
N GLU D 291 10.34 -11.97 16.16
CA GLU D 291 11.33 -11.34 17.03
C GLU D 291 12.48 -10.70 16.27
N ARG D 292 12.51 -10.77 14.94
CA ARG D 292 13.63 -10.23 14.18
C ARG D 292 13.33 -8.86 13.57
N GLU D 293 12.21 -8.69 12.88
CA GLU D 293 11.94 -7.41 12.24
C GLU D 293 11.63 -6.32 13.26
N VAL D 294 11.06 -6.68 14.41
CA VAL D 294 10.77 -5.70 15.45
C VAL D 294 12.06 -5.14 16.04
N LEU D 295 13.07 -5.98 16.23
CA LEU D 295 14.33 -5.57 16.82
C LEU D 295 15.33 -5.06 15.79
N LYS D 296 14.95 -5.02 14.51
CA LYS D 296 15.88 -4.58 13.47
C LYS D 296 16.28 -3.12 13.64
N GLU D 297 15.40 -2.29 14.18
CA GLU D 297 15.64 -0.85 14.29
C GLU D 297 16.26 -0.44 15.62
N LEU D 298 16.14 -1.26 16.65
CA LEU D 298 16.76 -0.94 17.93
C LEU D 298 18.28 -1.04 17.82
N PRO D 299 19.03 -0.22 18.53
CA PRO D 299 20.49 -0.34 18.52
C PRO D 299 20.93 -1.61 19.24
N HIS D 300 22.16 -2.02 18.95
CA HIS D 300 22.69 -3.26 19.49
C HIS D 300 22.69 -3.34 21.02
N PRO D 301 23.08 -2.31 21.78
CA PRO D 301 22.89 -2.41 23.24
C PRO D 301 21.44 -2.54 23.68
N LEU D 302 20.52 -1.80 23.03
CA LEU D 302 19.12 -1.92 23.40
C LEU D 302 18.54 -3.27 22.96
N ARG D 303 18.96 -3.76 21.79
CA ARG D 303 18.56 -5.10 21.37
C ARG D 303 19.07 -6.16 22.34
N LEU D 304 20.30 -5.98 22.81
CA LEU D 304 20.86 -6.88 23.82
C LEU D 304 20.06 -6.84 25.10
N ALA D 305 19.68 -5.64 25.55
CA ALA D 305 18.91 -5.51 26.78
C ALA D 305 17.54 -6.16 26.64
N VAL D 306 16.91 -6.00 25.47
CA VAL D 306 15.60 -6.63 25.24
C VAL D 306 15.74 -8.14 25.21
N ALA D 307 16.77 -8.65 24.53
CA ALA D 307 16.97 -10.10 24.46
C ALA D 307 17.32 -10.68 25.83
N MET D 308 17.94 -9.88 26.70
CA MET D 308 18.14 -10.30 28.07
C MET D 308 16.83 -10.52 28.81
N GLU D 309 15.73 -9.92 28.34
CA GLU D 309 14.42 -10.07 28.96
C GLU D 309 13.54 -11.11 28.27
N ILE D 310 13.57 -11.17 26.93
CA ILE D 310 12.66 -12.08 26.22
C ILE D 310 13.05 -13.53 26.48
N HIS D 311 14.33 -13.85 26.35
CA HIS D 311 14.82 -15.21 26.57
C HIS D 311 15.26 -15.39 28.03
N GLY D 312 14.36 -15.00 28.93
CA GLY D 312 14.58 -15.15 30.35
C GLY D 312 14.20 -16.50 30.89
N ASP D 313 13.66 -17.37 30.05
CA ASP D 313 13.21 -18.69 30.51
C ASP D 313 14.22 -19.80 30.23
N VAL D 314 14.91 -19.76 29.09
CA VAL D 314 15.86 -20.83 28.77
C VAL D 314 17.16 -20.66 29.53
N ILE D 315 17.65 -19.42 29.69
CA ILE D 315 18.72 -19.17 30.64
C ILE D 315 18.18 -19.46 32.04
N GLU D 316 19.10 -19.81 32.93
CA GLU D 316 18.85 -20.22 34.32
C GLU D 316 17.84 -21.36 34.43
N LYS D 317 17.54 -22.02 33.31
CA LYS D 317 16.80 -23.28 33.33
C LYS D 317 17.71 -24.48 33.08
N VAL D 318 18.43 -24.48 31.97
CA VAL D 318 19.43 -25.54 31.73
C VAL D 318 20.57 -25.38 32.73
N PRO D 319 21.16 -26.49 33.20
CA PRO D 319 22.15 -26.38 34.30
C PRO D 319 23.37 -25.52 33.98
N LEU D 320 23.86 -25.54 32.75
CA LEU D 320 25.12 -24.90 32.41
C LEU D 320 24.95 -23.47 31.87
N PHE D 321 23.78 -22.87 32.05
CA PHE D 321 23.60 -21.44 31.79
C PHE D 321 23.55 -20.62 33.07
N LYS D 322 22.89 -21.13 34.11
CA LYS D 322 22.93 -20.48 35.42
C LYS D 322 24.25 -20.78 36.10
N GLY D 323 24.95 -19.74 36.54
CA GLY D 323 26.27 -19.89 37.10
C GLY D 323 27.38 -19.93 36.08
N ALA D 324 27.06 -19.85 34.79
CA ALA D 324 28.07 -19.81 33.74
C ALA D 324 28.74 -18.44 33.64
N GLY D 325 28.24 -17.44 34.37
CA GLY D 325 28.81 -16.11 34.37
C GLY D 325 27.81 -15.07 33.91
N GLU D 326 28.34 -13.99 33.33
CA GLU D 326 27.51 -12.94 32.76
C GLU D 326 27.95 -12.67 31.32
N GLU D 327 29.26 -12.79 31.07
CA GLU D 327 29.81 -12.40 29.77
C GLU D 327 29.53 -13.47 28.72
N PHE D 328 29.50 -14.75 29.13
CA PHE D 328 29.19 -15.84 28.20
C PHE D 328 27.74 -15.78 27.75
N ILE D 329 26.81 -15.61 28.71
CA ILE D 329 25.40 -15.50 28.38
C ILE D 329 25.14 -14.27 27.51
N ARG D 330 25.80 -13.16 27.84
CA ARG D 330 25.70 -11.97 27.00
C ARG D 330 26.26 -12.21 25.60
N ASP D 331 27.26 -13.09 25.47
CA ASP D 331 27.78 -13.44 24.16
C ASP D 331 26.78 -14.27 23.37
N ILE D 332 26.10 -15.22 24.01
CA ILE D 332 25.29 -16.19 23.27
C ILE D 332 23.82 -15.82 23.12
N ILE D 333 23.32 -14.83 23.86
CA ILE D 333 21.89 -14.60 23.95
C ILE D 333 21.30 -14.11 22.61
N LEU D 334 22.12 -13.57 21.72
CA LEU D 334 21.64 -13.04 20.45
C LEU D 334 21.75 -14.03 19.30
N HIS D 335 22.16 -15.27 19.55
CA HIS D 335 22.41 -16.23 18.49
C HIS D 335 21.48 -17.45 18.55
N LEU D 336 20.61 -17.52 19.55
CA LEU D 336 19.63 -18.60 19.68
C LEU D 336 18.36 -18.22 18.92
N GLU D 337 17.87 -19.08 18.03
CA GLU D 337 16.58 -18.79 17.39
C GLU D 337 15.49 -19.65 17.99
N PRO D 338 14.29 -19.12 18.20
CA PRO D 338 13.14 -20.00 18.40
C PRO D 338 12.92 -20.85 17.17
N VAL D 339 12.39 -22.05 17.38
CA VAL D 339 11.93 -22.88 16.29
C VAL D 339 10.91 -23.84 16.87
N ILE D 340 9.95 -24.24 16.04
CA ILE D 340 8.82 -25.06 16.47
C ILE D 340 8.82 -26.32 15.61
N TYR D 341 8.77 -27.48 16.26
CA TYR D 341 8.71 -28.76 15.58
C TYR D 341 7.43 -29.47 15.99
N GLY D 342 6.72 -30.03 15.01
CA GLY D 342 5.46 -30.69 15.26
C GLY D 342 5.62 -32.08 15.83
N PRO D 343 4.50 -32.76 16.08
CA PRO D 343 4.56 -34.12 16.63
C PRO D 343 4.85 -35.16 15.57
N GLY D 344 5.68 -36.13 15.93
CA GLY D 344 6.12 -37.13 14.97
C GLY D 344 6.90 -36.55 13.81
N GLU D 345 7.80 -35.61 14.09
CA GLU D 345 8.45 -34.82 13.06
C GLU D 345 9.95 -34.83 13.34
N TYR D 346 10.71 -35.47 12.46
CA TYR D 346 12.12 -35.72 12.73
C TYR D 346 12.93 -34.43 12.70
N ILE D 347 14.01 -34.41 13.48
CA ILE D 347 14.93 -33.29 13.57
C ILE D 347 16.33 -33.67 13.11
N ILE D 348 16.81 -34.84 13.53
CA ILE D 348 18.14 -35.35 13.18
C ILE D 348 17.95 -36.73 12.55
N ARG D 349 18.65 -36.97 11.44
CA ARG D 349 18.43 -38.18 10.66
C ARG D 349 19.62 -39.16 10.72
N ALA D 350 20.52 -39.00 11.69
CA ALA D 350 21.52 -40.02 12.04
C ALA D 350 22.44 -40.36 10.86
N GLY D 351 23.27 -39.38 10.50
CA GLY D 351 24.31 -39.65 9.52
C GLY D 351 24.70 -38.52 8.59
N GLU D 352 23.96 -37.41 8.64
CA GLU D 352 24.31 -36.27 7.81
C GLU D 352 25.43 -35.44 8.44
N MET D 353 25.90 -34.46 7.68
CA MET D 353 26.96 -33.57 8.10
C MET D 353 26.36 -32.44 8.95
N GLY D 354 27.22 -31.71 9.67
CA GLY D 354 26.80 -30.56 10.44
C GLY D 354 26.43 -30.90 11.87
N SER D 355 26.43 -29.86 12.71
CA SER D 355 26.16 -30.03 14.13
C SER D 355 25.50 -28.74 14.64
N ASP D 356 24.17 -28.75 14.70
CA ASP D 356 23.38 -27.68 15.30
C ASP D 356 22.79 -28.20 16.60
N VAL D 357 22.98 -27.45 17.67
CA VAL D 357 22.52 -27.90 18.99
C VAL D 357 21.15 -27.30 19.28
N TYR D 358 20.26 -28.13 19.80
CA TYR D 358 18.88 -27.75 20.02
C TYR D 358 18.64 -27.72 21.52
N PHE D 359 18.49 -26.53 22.08
CA PHE D 359 18.19 -26.35 23.49
C PHE D 359 16.68 -26.42 23.66
N ILE D 360 16.22 -27.47 24.32
CA ILE D 360 14.78 -27.70 24.47
C ILE D 360 14.23 -26.71 25.47
N ASN D 361 13.21 -25.97 25.06
CA ASN D 361 12.50 -25.05 25.96
C ASN D 361 11.22 -25.67 26.50
N ARG D 362 10.39 -26.24 25.64
CA ARG D 362 9.22 -26.99 26.09
C ARG D 362 8.90 -28.08 25.08
N GLY D 363 8.52 -29.25 25.59
CA GLY D 363 8.22 -30.41 24.78
C GLY D 363 9.05 -31.60 25.20
N SER D 364 9.11 -32.60 24.34
CA SER D 364 9.91 -33.80 24.61
C SER D 364 10.27 -34.45 23.29
N VAL D 365 11.45 -35.06 23.26
CA VAL D 365 11.95 -35.75 22.07
C VAL D 365 12.04 -37.25 22.37
N GLU D 366 12.18 -38.03 21.31
CA GLU D 366 12.11 -39.49 21.35
C GLU D 366 13.26 -40.10 20.58
N VAL D 367 14.49 -39.69 20.93
CA VAL D 367 15.72 -40.08 20.25
C VAL D 367 15.79 -41.59 20.00
N LEU D 368 16.07 -41.96 18.74
CA LEU D 368 16.12 -43.34 18.30
C LEU D 368 17.40 -43.58 17.52
N SER D 369 17.71 -44.85 17.30
CA SER D 369 18.81 -45.24 16.44
C SER D 369 18.35 -45.21 14.98
N ALA D 370 19.12 -45.83 14.08
CA ALA D 370 18.77 -45.84 12.66
C ALA D 370 17.35 -46.33 12.43
N ASP D 371 16.98 -47.45 13.06
CA ASP D 371 15.59 -47.83 13.22
C ASP D 371 15.31 -47.93 14.72
N GLU D 372 14.11 -48.41 15.08
CA GLU D 372 13.66 -48.30 16.46
C GLU D 372 14.55 -49.08 17.45
N LYS D 373 14.56 -50.41 17.37
CA LYS D 373 15.47 -51.31 18.07
C LYS D 373 15.85 -50.89 19.49
N THR D 374 14.88 -50.87 20.41
CA THR D 374 15.09 -50.57 21.83
C THR D 374 15.66 -49.16 22.01
N ARG D 375 14.76 -48.19 21.79
CA ARG D 375 15.04 -46.76 21.87
C ARG D 375 15.97 -46.39 23.02
N TYR D 376 16.89 -45.48 22.74
CA TYR D 376 17.97 -45.15 23.66
C TYR D 376 17.43 -44.56 24.96
N ALA D 377 16.80 -43.38 24.89
CA ALA D 377 16.31 -42.69 26.07
C ALA D 377 15.28 -41.66 25.65
N ILE D 378 14.90 -40.80 26.60
CA ILE D 378 13.93 -39.73 26.35
C ILE D 378 14.43 -38.47 27.06
N LEU D 379 14.24 -37.33 26.41
CA LEU D 379 14.63 -36.03 26.97
C LEU D 379 13.40 -35.17 27.21
N SER D 380 13.58 -34.15 28.05
CA SER D 380 12.48 -33.31 28.49
C SER D 380 12.95 -31.86 28.52
N GLU D 381 12.18 -31.01 29.18
CA GLU D 381 12.50 -29.59 29.25
C GLU D 381 13.80 -29.35 30.01
N GLY D 382 14.46 -28.25 29.69
CA GLY D 382 15.73 -27.91 30.30
C GLY D 382 16.86 -28.85 29.96
N GLN D 383 16.88 -29.37 28.73
CA GLN D 383 17.94 -30.26 28.27
C GLN D 383 18.27 -29.91 26.83
N PHE D 384 19.38 -30.44 26.36
CA PHE D 384 19.84 -30.19 24.99
C PHE D 384 20.43 -31.46 24.41
N PHE D 385 20.45 -31.52 23.08
CA PHE D 385 20.98 -32.68 22.37
C PHE D 385 21.70 -32.18 21.11
N GLY D 386 22.23 -33.11 20.34
CA GLY D 386 22.91 -32.80 19.09
C GLY D 386 24.17 -31.99 19.26
N GLU D 387 24.94 -32.24 20.32
CA GLU D 387 26.15 -31.49 20.59
C GLU D 387 27.43 -32.30 20.38
N MET D 388 27.35 -33.63 20.41
CA MET D 388 28.53 -34.47 20.27
C MET D 388 28.88 -34.75 18.82
N ALA D 389 28.10 -34.25 17.86
CA ALA D 389 28.49 -34.33 16.46
C ALA D 389 29.71 -33.45 16.16
N LEU D 390 29.85 -32.32 16.87
CA LEU D 390 31.02 -31.48 16.72
C LEU D 390 32.10 -31.76 17.76
N ILE D 391 31.75 -32.38 18.89
CA ILE D 391 32.76 -32.70 19.90
C ILE D 391 33.71 -33.77 19.37
N LEU D 392 33.17 -34.82 18.75
CA LEU D 392 33.96 -35.93 18.26
C LEU D 392 34.26 -35.83 16.76
N ARG D 393 33.87 -34.74 16.11
CA ARG D 393 34.07 -34.52 14.67
C ARG D 393 33.53 -35.70 13.85
N ALA D 394 32.34 -36.13 14.20
CA ALA D 394 31.70 -37.29 13.60
C ALA D 394 30.28 -36.94 13.19
N PRO D 395 29.74 -37.62 12.17
CA PRO D 395 28.34 -37.37 11.78
C PRO D 395 27.37 -37.83 12.85
N ARG D 396 26.10 -37.57 12.60
CA ARG D 396 25.05 -37.89 13.57
C ARG D 396 24.95 -39.40 13.77
N THR D 397 24.67 -39.80 15.00
CA THR D 397 24.65 -41.21 15.37
C THR D 397 23.28 -41.72 15.77
N ALA D 398 22.27 -40.86 15.89
CA ALA D 398 20.96 -41.29 16.36
C ALA D 398 19.89 -40.34 15.86
N THR D 399 18.77 -40.90 15.40
CA THR D 399 17.64 -40.09 14.98
C THR D 399 16.94 -39.49 16.18
N VAL D 400 16.40 -38.28 15.99
CA VAL D 400 15.63 -37.59 17.02
C VAL D 400 14.29 -37.19 16.42
N ARG D 401 13.20 -37.50 17.11
CA ARG D 401 11.88 -37.10 16.67
C ARG D 401 11.08 -36.58 17.86
N ALA D 402 10.30 -35.54 17.61
CA ALA D 402 9.50 -34.94 18.67
C ALA D 402 8.29 -35.81 18.99
N ARG D 403 7.80 -35.66 20.23
CA ARG D 403 6.61 -36.37 20.68
C ARG D 403 5.39 -35.47 20.78
N ALA D 404 5.57 -34.16 20.80
CA ALA D 404 4.47 -33.20 20.84
C ALA D 404 4.90 -31.94 20.10
N PHE D 405 4.17 -30.85 20.29
CA PHE D 405 4.51 -29.58 19.66
C PHE D 405 5.65 -28.94 20.46
N CYS D 406 6.87 -29.28 20.06
CA CYS D 406 8.05 -28.82 20.78
C CYS D 406 8.46 -27.41 20.33
N ASP D 407 8.75 -26.56 21.30
CA ASP D 407 9.34 -25.25 21.05
C ASP D 407 10.74 -25.26 21.64
N LEU D 408 11.73 -24.97 20.81
CA LEU D 408 13.11 -25.09 21.26
C LEU D 408 14.00 -24.12 20.50
N TYR D 409 15.16 -23.82 21.08
CA TYR D 409 16.08 -22.82 20.58
C TYR D 409 17.28 -23.50 19.92
N ARG D 410 17.62 -23.06 18.71
CA ARG D 410 18.76 -23.65 18.00
C ARG D 410 19.87 -22.61 17.89
N LEU D 411 21.11 -23.06 18.17
CA LEU D 411 22.32 -22.27 18.01
C LEU D 411 23.21 -22.97 16.98
N ASP D 412 23.72 -22.20 16.02
CA ASP D 412 24.43 -22.75 14.87
C ASP D 412 25.81 -23.29 15.29
N LYS D 413 26.41 -24.03 14.35
CA LYS D 413 27.71 -24.66 14.61
C LYS D 413 28.80 -23.62 14.80
N GLU D 414 28.76 -22.53 14.03
CA GLU D 414 29.84 -21.55 14.04
C GLU D 414 30.04 -20.93 15.41
N THR D 415 28.96 -20.42 16.01
CA THR D 415 29.06 -19.80 17.32
C THR D 415 29.43 -20.82 18.38
N PHE D 416 28.99 -22.06 18.17
CA PHE D 416 29.26 -23.13 19.15
C PHE D 416 30.77 -23.40 19.19
N ASP D 417 31.37 -23.60 18.02
CA ASP D 417 32.81 -23.83 17.99
C ASP D 417 33.58 -22.60 18.46
N ARG D 418 33.05 -21.41 18.19
CA ARG D 418 33.67 -20.19 18.71
C ARG D 418 33.69 -20.20 20.24
N ILE D 419 32.59 -20.59 20.88
CA ILE D 419 32.53 -20.53 22.34
C ILE D 419 33.26 -21.72 22.95
N LEU D 420 33.40 -22.81 22.20
CA LEU D 420 34.30 -23.88 22.63
C LEU D 420 35.74 -23.39 22.67
N SER D 421 36.17 -22.72 21.61
CA SER D 421 37.54 -22.23 21.55
C SER D 421 37.75 -21.00 22.41
N ARG D 422 36.68 -20.40 22.94
CA ARG D 422 36.80 -19.18 23.73
C ARG D 422 36.68 -19.41 25.23
N TYR D 423 35.96 -20.44 25.67
CA TYR D 423 35.72 -20.65 27.09
C TYR D 423 36.14 -22.05 27.50
N PRO D 424 36.96 -22.20 28.55
CA PRO D 424 37.38 -23.56 28.94
C PRO D 424 36.39 -24.36 29.79
N GLU D 425 35.64 -23.74 30.71
CA GLU D 425 34.77 -24.54 31.57
C GLU D 425 33.60 -25.11 30.78
N ILE D 426 32.99 -24.29 29.92
CA ILE D 426 31.88 -24.76 29.10
C ILE D 426 32.36 -25.85 28.14
N ALA D 427 33.53 -25.64 27.53
CA ALA D 427 34.07 -26.65 26.61
C ALA D 427 34.34 -27.97 27.34
N ALA D 428 34.93 -27.88 28.54
CA ALA D 428 35.20 -29.08 29.32
C ALA D 428 33.92 -29.79 29.72
N GLN D 429 32.89 -29.02 30.11
CA GLN D 429 31.62 -29.62 30.50
C GLN D 429 30.96 -30.34 29.34
N ILE D 430 30.92 -29.70 28.17
CA ILE D 430 30.32 -30.36 27.00
C ILE D 430 31.15 -31.57 26.58
N GLN D 431 32.47 -31.48 26.69
CA GLN D 431 33.34 -32.61 26.33
C GLN D 431 33.07 -33.80 27.24
N GLU D 432 33.02 -33.58 28.56
CA GLU D 432 32.83 -34.70 29.48
C GLU D 432 31.40 -35.25 29.37
N LEU D 433 30.42 -34.38 29.12
CA LEU D 433 29.05 -34.86 28.93
C LEU D 433 28.93 -35.70 27.66
N ALA D 434 29.60 -35.28 26.59
CA ALA D 434 29.54 -36.02 25.33
C ALA D 434 30.26 -37.36 25.45
N VAL D 435 31.42 -37.38 26.10
CA VAL D 435 32.15 -38.63 26.22
C VAL D 435 31.46 -39.56 27.22
N ARG D 436 30.71 -39.00 28.18
CA ARG D 436 29.96 -39.84 29.12
C ARG D 436 28.72 -40.43 28.47
N ARG D 437 28.04 -39.65 27.62
CA ARG D 437 26.82 -40.14 26.98
C ARG D 437 27.24 -40.94 25.74
N LYS D 438 27.80 -42.13 25.97
CA LYS D 438 28.13 -43.05 24.89
C LYS D 438 27.90 -44.46 25.40
N GLU D 439 26.71 -45.00 25.16
CA GLU D 439 26.35 -46.34 25.60
C GLU D 439 25.06 -46.79 24.93
P CMP E . 41.04 0.46 23.21
O1P CMP E . 42.11 -0.33 23.92
O2P CMP E . 40.58 -0.01 21.85
O5' CMP E . 39.75 0.44 24.17
C5' CMP E . 39.60 1.36 25.23
C4' CMP E . 40.07 2.71 24.79
O4' CMP E . 40.12 3.69 25.86
C3' CMP E . 41.49 2.71 24.29
O3' CMP E . 41.57 2.00 23.07
C2' CMP E . 41.81 4.19 24.24
O2' CMP E . 41.20 4.81 23.12
C1' CMP E . 41.09 4.67 25.52
N9 CMP E . 42.00 4.86 26.66
C8 CMP E . 42.69 3.90 27.30
N7 CMP E . 43.45 4.41 28.30
C5 CMP E . 43.23 5.75 28.33
C6 CMP E . 43.71 6.88 29.13
N6 CMP E . 44.58 6.71 30.15
N1 CMP E . 43.24 8.11 28.83
C2 CMP E . 42.37 8.31 27.81
N3 CMP E . 41.90 7.32 27.04
C4 CMP E . 42.28 6.03 27.25
CAD PGW F . -30.55 40.05 5.24
OAE PGW F . -29.35 39.96 6.02
OAF PGW F . -31.50 40.76 3.16
P PGW F . -27.00 41.36 3.74
C01 PGW F . -25.70 38.88 -0.02
C1 PGW F . -23.78 38.96 2.38
O01 PGW F . -25.11 38.73 2.34
C02 PGW F . -25.95 39.43 1.37
C2 PGW F . -22.91 37.90 1.77
O02 PGW F . -23.31 39.93 2.94
C03 PGW F . -25.76 40.93 1.44
C3 PGW F . -21.48 38.31 1.62
O03 PGW F . -26.57 39.58 -0.95
C04 PGW F . -29.22 40.04 3.10
C4 PGW F . -20.64 37.29 0.87
O04 PGW F . -27.10 39.78 -3.11
C05 PGW F . -30.30 40.71 3.91
C5 PGW F . -20.51 35.97 1.57
C06 PGW F . -16.37 32.26 4.28
C6 PGW F . -19.80 36.04 2.90
C07 PGW F . -15.01 31.89 4.80
C7 PGW F . -18.32 36.40 2.80
C8 PGW F . -17.47 35.35 2.17
C9 PGW F . -17.45 34.07 2.94
C10 PGW F . -16.40 33.52 3.49
O11 PGW F . -26.83 41.61 2.16
O12 PGW F . -27.94 40.06 3.80
O13 PGW F . -27.77 42.54 4.29
O14 PGW F . -25.67 41.00 4.31
C15 PGW F . -19.30 32.04 -1.91
C16 PGW F . -18.93 31.55 -0.54
C17 PGW F . -17.76 30.60 -0.52
C18 PGW F . -17.37 30.12 0.85
C19 PGW F . -26.31 39.45 -2.25
C20 PGW F . -24.94 38.92 -2.53
C21 PGW F . -24.94 37.73 -3.43
C22 PGW F . -23.56 37.10 -3.59
C23 PGW F . -22.95 36.62 -2.29
C24 PGW F . -21.73 35.76 -2.47
C25 PGW F . -21.97 34.51 -3.28
C26 PGW F . -20.82 33.54 -3.29
C27 PGW F . -20.45 33.01 -1.92
C28 PGW F . -16.18 29.18 0.88
C2 PGW G . -16.32 31.36 -6.33
C3 PGW G . -16.90 32.73 -6.08
C4 PGW G . -17.11 33.53 -7.33
C5 PGW G . -17.62 34.93 -7.03
C06 PGW G . -22.06 39.25 -9.74
C6 PGW G . -17.70 35.82 -8.25
C07 PGW G . -22.84 40.54 -9.61
C7 PGW G . -17.90 37.28 -7.93
C08 PGW G . -23.40 41.07 -10.90
C8 PGW G . -19.30 37.67 -7.55
C09 PGW G . -24.01 42.45 -10.80
C9 PGW G . -20.25 37.83 -8.71
C10 PGW G . -21.35 38.83 -8.49
C11 PGW G . -24.56 42.98 -12.10
C12 PGW G . -25.16 44.36 -12.01
C13 PGW G . -25.71 44.87 -13.31
C15 PGW H . -19.90 39.95 -3.60
C16 PGW H . -18.87 38.88 -3.92
C17 PGW H . -18.18 38.31 -2.71
C18 PGW H . -17.18 37.23 -3.04
C19 PGW H . -28.81 45.30 -8.16
C20 PGW H . -27.89 45.04 -7.00
C21 PGW H . -26.64 44.31 -7.40
C22 PGW H . -25.74 44.02 -6.21
C23 PGW H . -24.50 43.23 -6.55
C24 PGW H . -23.65 42.86 -5.36
C25 PGW H . -22.47 41.97 -5.69
C26 PGW H . -21.70 41.49 -4.48
C27 PGW H . -20.61 40.50 -4.80
C01 PGW I . -18.59 42.74 -9.81
C1 PGW I . -16.44 41.11 -11.38
O01 PGW I . -17.34 41.99 -11.84
C02 PGW I . -17.75 43.11 -11.01
C2 PGW I . -15.39 40.76 -12.40
O02 PGW I . -16.49 40.59 -10.29
C03 PGW I . -18.40 44.15 -11.90
C3 PGW I . -14.24 39.99 -11.82
O03 PGW I . -17.74 42.47 -8.68
C4 PGW I . -13.38 40.83 -10.89
O04 PGW I . -19.55 42.18 -7.42
C5 PGW I . -12.46 40.01 -9.99
C6 PGW I . -11.57 39.05 -10.74
C19 PGW I . -18.35 42.23 -7.53
C20 PGW I . -17.37 42.11 -6.38
C21 PGW I . -16.67 40.78 -6.32
C22 PGW I . -15.52 40.67 -7.30
C23 PGW I . -14.90 39.29 -7.39
C24 PGW I . -14.25 38.81 -6.10
C25 PGW I . -13.61 37.46 -6.21
C26 PGW I . -12.94 36.98 -4.95
C15 PGW J . -12.63 22.30 0.31
C16 PGW J . -13.73 23.32 0.12
C17 PGW J . -13.85 23.85 -1.29
C22 PGW J . -8.10 18.82 5.28
C23 PGW J . -9.42 19.52 5.06
C24 PGW J . -9.76 19.77 3.61
C25 PGW J . -11.02 20.56 3.39
C26 PGW J . -11.30 20.91 1.95
C27 PGW J . -12.47 21.83 1.74
C01 PGW K . -28.50 30.13 -22.88
C1 PGW K . -27.14 27.26 -23.20
O01 PGW K . -28.34 27.68 -22.78
C02 PGW K . -28.95 28.81 -23.46
C2 PGW K . -26.60 26.10 -22.40
O02 PGW K . -26.57 27.76 -24.14
C03 PGW K . -30.46 28.64 -23.43
C3 PGW K . -25.29 26.41 -21.75
O03 PGW K . -27.10 30.35 -23.18
C4 PGW K . -24.61 25.19 -21.15
O04 PGW K . -27.27 32.40 -22.33
C5 PGW K . -23.26 25.47 -20.57
C6 PGW K . -22.51 24.25 -20.12
C15 PGW K . -19.68 27.19 -17.71
C16 PGW K . -19.19 25.83 -18.13
C17 PGW K . -18.62 25.00 -17.00
C19 PGW K . -26.61 31.55 -22.85
C20 PGW K . -25.17 31.70 -23.26
C21 PGW K . -24.47 30.41 -23.52
C22 PGW K . -24.06 29.70 -22.24
C23 PGW K . -22.97 30.38 -21.46
C24 PGW K . -22.47 29.58 -20.27
C25 PGW K . -21.30 30.21 -19.55
C26 PGW K . -20.76 29.37 -18.42
C27 PGW K . -20.24 28.02 -18.83
C15 PGW L . -25.48 20.97 -21.73
C16 PGW L . -26.90 20.84 -22.25
C17 PGW L . -27.49 22.12 -22.79
C18 PGW L . -28.89 21.97 -23.34
C20 PGW L . -18.48 20.33 -16.08
C21 PGW L . -19.85 20.26 -16.69
C22 PGW L . -20.31 21.61 -17.24
C23 PGW L . -21.70 21.59 -17.82
C24 PGW L . -21.88 20.71 -19.02
C25 PGW L . -23.28 20.68 -19.58
C26 PGW L . -23.45 19.79 -20.79
C27 PGW L . -24.87 19.67 -21.28
C28 PGW L . -29.45 23.24 -23.94
C15 PGW M . -18.56 8.97 -15.14
C16 PGW M . -19.93 9.39 -15.61
C17 PGW M . -20.81 8.26 -16.06
C22 PGW M . -11.43 11.13 -13.81
C23 PGW M . -12.88 11.55 -13.90
C24 PGW M . -13.86 10.41 -14.00
C25 PGW M . -15.29 10.84 -14.20
C26 PGW M . -16.25 9.69 -14.41
C27 PGW M . -17.65 10.11 -14.78
P CMP N . 26.84 -31.55 -22.77
O1P CMP N . 28.15 -31.85 -23.47
O2P CMP N . 26.88 -30.90 -21.41
O5' CMP N . 26.03 -30.56 -23.73
C5' CMP N . 25.24 -31.04 -24.82
C4' CMP N . 24.53 -32.28 -24.39
O4' CMP N . 23.83 -32.95 -25.47
C3' CMP N . 25.44 -33.35 -23.87
O3' CMP N . 26.02 -32.95 -22.65
C2' CMP N . 24.53 -34.56 -23.85
O2' CMP N . 23.65 -34.51 -22.74
C1' CMP N . 23.71 -34.32 -25.13
N9 CMP N . 24.18 -35.13 -26.27
C8 CMP N . 25.38 -35.03 -26.89
N7 CMP N . 25.49 -35.93 -27.90
C5 CMP N . 24.34 -36.65 -27.94
C6 CMP N . 23.79 -37.74 -28.76
N6 CMP N . 24.51 -38.29 -29.77
N1 CMP N . 22.55 -38.19 -28.47
C2 CMP N . 21.82 -37.66 -27.47
N3 CMP N . 22.26 -36.66 -26.68
C4 CMP N . 23.49 -36.11 -26.87
CAD PGW O . -50.09 -3.13 -5.81
OAE PGW O . -49.24 -3.98 -6.57
OAF PGW O . -51.29 -2.88 -3.73
P PGW O . -48.80 -6.67 -4.28
C01 PGW O . -46.12 -6.05 -0.49
C1 PGW O . -44.90 -7.57 -2.88
O01 PGW O . -45.58 -6.40 -2.84
C02 PGW O . -46.67 -6.23 -1.89
C2 PGW O . -43.54 -7.53 -2.25
O02 PGW O . -45.32 -8.54 -3.44
C03 PGW O . -47.68 -7.35 -1.97
C3 PGW O . -42.92 -8.89 -2.09
O03 PGW O . -47.23 -5.85 0.42
C04 PGW O . -49.25 -4.14 -3.64
C4 PGW O . -41.61 -8.86 -1.33
O04 PGW O . -47.76 -5.60 2.57
C05 PGW O . -50.45 -3.76 -4.47
C5 PGW O . -40.51 -8.09 -2.01
C06 PGW O . -34.96 -8.80 -4.64
C6 PGW O . -40.07 -8.67 -3.33
C07 PGW O . -33.79 -9.60 -5.14
C7 PGW O . -39.39 -10.03 -3.23
C8 PGW O . -38.04 -10.00 -2.57
C9 PGW O . -37.05 -9.17 -3.33
C10 PGW O . -35.94 -9.61 -3.87
O11 PGW O . -48.89 -6.98 -2.71
O12 PGW O . -48.42 -5.12 -4.34
O13 PGW O . -50.18 -6.86 -4.85
O14 PGW O . -47.64 -7.46 -4.85
C15 PGW O . -36.79 -6.47 1.53
C16 PGW O . -36.15 -6.41 0.16
C17 PGW O . -34.66 -6.68 0.18
C18 PGW O . -34.03 -6.66 -1.19
C19 PGW O . -46.98 -5.97 1.73
C20 PGW O . -45.69 -6.67 2.03
C21 PGW O . -44.79 -5.89 2.94
C22 PGW O . -43.42 -6.53 3.11
C23 PGW O . -42.64 -6.67 1.83
C24 PGW O . -41.20 -7.04 2.02
C25 PGW O . -40.42 -6.04 2.85
C26 PGW O . -38.94 -6.29 2.88
C27 PGW O . -38.28 -6.22 1.52
C28 PGW O . -32.54 -6.95 -1.20
C2 PGW P . -34.39 -8.29 5.98
C3 PGW P . -35.80 -8.73 5.71
C4 PGW P . -36.56 -9.10 6.94
C5 PGW P . -37.95 -9.63 6.63
C06 PGW P . -44.17 -9.08 9.25
C6 PGW P . -38.69 -10.15 7.84
C07 PGW P . -45.64 -9.33 9.10
C7 PGW P . -39.93 -10.95 7.50
C08 PGW P . -46.43 -9.26 10.39
C8 PGW P . -41.14 -10.14 7.10
C09 PGW P . -47.87 -9.70 10.26
C9 PGW P . -41.88 -9.53 8.26
C10 PGW P . -43.36 -9.35 8.01
C11 PGW P . -48.65 -9.63 11.55
C12 PGW P . -50.09 -10.07 11.43
C13 PGW P . -50.85 -9.99 12.73
C15 PGW Q . -43.20 -11.16 3.12
C16 PGW Q . -41.73 -11.26 3.46
C17 PGW Q . -40.83 -11.39 2.26
C18 PGW Q . -39.35 -11.44 2.60
C19 PGW Q . -53.13 -7.91 7.55
C20 PGW Q . -52.32 -8.43 6.40
C21 PGW Q . -50.95 -8.91 6.81
C22 PGW Q . -50.12 -9.40 5.63
C23 PGW Q . -48.73 -9.83 5.99
C24 PGW Q . -47.88 -10.22 4.81
C25 PGW Q . -46.44 -10.53 5.16
C26 PGW Q . -45.56 -10.81 3.97
C27 PGW Q . -44.10 -10.98 4.32
C01 PGW R . -44.56 -13.99 9.30
C1 PGW R . -41.93 -14.56 10.90
O01 PGW R . -43.20 -14.46 11.35
C02 PGW R . -44.30 -14.89 10.50
C2 PGW R . -41.00 -15.14 11.94
O02 PGW R . -41.56 -14.18 9.82
C03 PGW R . -45.52 -15.06 11.38
C3 PGW R . -39.66 -15.51 11.38
O03 PGW R . -43.76 -14.46 8.19
C4 PGW R . -39.72 -16.70 10.43
O04 PGW R . -44.71 -12.90 6.91
C5 PGW R . -38.49 -16.86 9.56
C6 PGW R . -37.19 -16.91 10.32
C19 PGW R . -43.97 -13.84 7.03
C20 PGW R . -43.23 -14.49 5.89
C21 PGW R . -41.76 -14.16 5.85
C22 PGW R . -40.94 -14.97 6.85
C23 PGW R . -39.50 -14.54 6.95
C24 PGW R . -38.69 -14.72 5.68
C25 PGW R . -37.24 -14.31 5.81
C26 PGW R . -36.43 -14.52 4.55
C15 PGW S . -25.03 -5.15 -0.53
C16 PGW S . -26.51 -4.99 -0.36
C17 PGW S . -27.00 -5.25 1.04
C22 PGW S . -19.36 -6.31 -5.41
C23 PGW S . -20.76 -5.77 -5.21
C24 PGW S . -21.18 -5.68 -3.77
C25 PGW S . -22.61 -5.24 -3.57
C26 PGW S . -23.07 -5.26 -2.13
C27 PGW S . -24.54 -4.98 -1.94
C01 PGW T . -41.63 1.70 22.46
C1 PGW T . -38.57 2.54 22.82
O01 PGW T . -39.67 3.17 22.38
C02 PGW T . -40.94 2.91 23.04
C2 PGW T . -37.34 2.89 22.04
O02 PGW T . -38.59 1.79 23.75
C03 PGW T . -41.78 4.16 23.01
C3 PGW T . -36.71 1.69 21.39
O03 PGW T . -40.89 0.50 22.77
C4 PGW T . -35.33 1.99 20.82
O04 PGW T . -42.54 -0.71 21.89
C5 PGW T . -34.65 0.77 20.23
C6 PGW T . -33.22 1.01 19.80
C15 PGW T . -33.58 -3.05 17.39
C16 PGW T . -32.23 -2.54 17.82
C17 PGW T . -31.22 -2.42 16.71
C19 PGW T . -41.48 -0.65 22.43
C20 PGW T . -40.66 -1.84 22.85
C21 PGW T . -39.22 -1.53 23.13
C22 PGW T . -38.40 -1.38 21.86
C23 PGW T . -38.20 -2.64 21.07
C24 PGW T . -37.25 -2.51 19.90
C25 PGW T . -36.96 -3.80 19.18
C26 PGW T . -35.95 -3.66 18.06
C27 PGW T . -34.60 -3.16 18.50
C15 PGW U . -32.71 5.40 21.44
C16 PGW U . -33.54 6.55 21.95
C17 PGW U . -34.89 6.16 22.47
C18 PGW U . -35.70 7.31 23.01
C20 PGW U . -27.58 0.51 15.86
C21 PGW U . -28.43 1.59 16.45
C22 PGW U . -29.75 1.07 16.98
C23 PGW U . -30.66 2.13 17.55
C24 PGW U . -30.11 2.84 18.77
C25 PGW U . -31.02 3.92 19.31
C26 PGW U . -30.47 4.62 20.53
C27 PGW U . -31.31 5.77 21.01
C28 PGW U . -37.04 6.92 23.60
C15 PGW V . -19.17 8.27 14.99
C16 PGW V . -20.39 9.02 15.46
C17 PGW V . -20.11 10.44 15.87
C22 PGW V . -16.11 1.44 13.78
C23 PGW V . -17.38 2.25 13.86
C24 PGW V . -17.17 3.74 13.92
C25 PGW V . -18.43 4.55 14.12
C26 PGW V . -18.19 6.03 14.30
C27 PGW V . -19.43 6.81 14.65
P CMP W . 43.61 5.45 -17.28
O1P CMP W . 45.08 5.55 -17.00
O2P CMP W . 42.83 4.31 -16.67
O5' CMP W . 42.95 6.81 -16.71
C5' CMP W . 42.93 8.01 -17.49
C4' CMP W . 42.63 7.67 -18.92
O4' CMP W . 42.76 8.79 -19.82
C3' CMP W . 43.58 6.67 -19.49
O3' CMP W . 43.41 5.41 -18.90
C2' CMP W . 43.29 6.78 -20.99
O2' CMP W . 42.08 6.10 -21.30
C1' CMP W . 43.05 8.30 -21.11
N9 CMP W . 44.21 9.02 -21.65
C8 CMP W . 45.41 9.16 -21.05
N7 CMP W . 46.27 9.88 -21.83
C5 CMP W . 45.60 10.22 -22.95
C6 CMP W . 45.91 10.98 -24.19
N6 CMP W . 47.14 11.54 -24.38
N1 CMP W . 44.93 11.10 -25.11
C2 CMP W . 43.72 10.55 -24.93
N3 CMP W . 43.37 9.85 -23.84
C4 CMP W . 44.26 9.66 -22.83
CAD PGW X . -37.92 23.44 -23.84
OAE PGW X . -36.58 23.68 -24.26
OAF PGW X . -39.86 22.03 -24.13
P PGW X . -36.12 20.97 -26.52
C01 PGW X . -35.69 16.61 -24.83
C1 PGW X . -33.13 18.08 -25.68
O01 PGW X . -34.15 18.49 -24.92
C02 PGW X . -35.51 18.06 -25.22
C2 PGW X . -32.27 17.00 -25.08
O02 PGW X . -32.86 18.59 -26.75
C03 PGW X . -35.89 18.33 -26.66
C3 PGW X . -31.30 16.39 -26.05
O03 PGW X . -37.06 16.22 -25.11
C04 PGW X . -37.73 20.98 -24.41
C4 PGW X . -30.54 15.22 -25.47
O04 PGW X . -38.47 14.50 -25.09
C05 PGW X . -38.53 22.26 -24.57
C5 PGW X . -29.64 15.56 -24.32
C06 PGW X . -23.70 15.78 -22.62
C6 PGW X . -28.52 16.51 -24.67
C07 PGW X . -22.22 15.67 -22.86
C7 PGW X . -27.48 15.93 -25.61
C8 PGW X . -26.64 14.84 -25.01
C9 PGW X . -25.82 15.30 -23.84
C10 PGW X . -24.52 15.29 -23.78
O11 PGW X . -36.73 19.50 -26.83
O12 PGW X . -36.38 21.14 -24.95
O13 PGW X . -36.95 21.97 -27.26
O14 PGW X . -34.64 20.91 -26.75
C15 PGW X . -28.65 11.23 -21.27
C16 PGW X . -27.57 12.25 -20.96
C17 PGW X . -26.24 11.65 -20.58
C18 PGW X . -25.16 12.67 -20.30
C19 PGW X . -37.35 14.92 -25.12
C20 PGW X . -36.12 14.05 -25.20
C21 PGW X . -36.06 13.02 -24.12
C22 PGW X . -34.75 12.24 -24.13
C23 PGW X . -33.53 13.09 -23.93
C24 PGW X . -32.27 12.32 -23.64
C25 PGW X . -32.34 11.45 -22.42
C26 PGW X . -31.03 10.83 -22.02
C27 PGW X . -29.96 11.84 -21.67
C28 PGW X . -23.83 12.06 -19.93
C2 PGW Y . -27.78 5.96 -21.92
C3 PGW Y . -28.66 6.67 -22.92
C4 PGW Y . -29.65 5.76 -23.57
C5 PGW Y . -30.47 6.47 -24.64
C06 PGW Y . -36.90 6.47 -26.75
C6 PGW Y . -31.38 5.55 -25.42
C07 PGW Y . -37.97 7.13 -27.60
C7 PGW Y . -31.95 6.18 -26.66
C08 PGW Y . -39.17 6.25 -27.86
C8 PGW Y . -33.10 7.14 -26.44
C09 PGW Y . -40.14 6.82 -28.87
C9 PGW Y . -34.43 6.46 -26.20
C10 PGW Y . -35.63 7.27 -26.66
C11 PGW Y . -41.34 5.95 -29.14
C12 PGW Y . -42.32 6.52 -30.14
C13 PGW Y . -43.51 5.63 -30.39
C15 PGW Z . -32.79 11.35 -28.24
C16 PGW Z . -31.68 10.48 -27.69
C17 PGW Z . -30.38 11.22 -27.44
C18 PGW Z . -29.29 10.35 -26.88
C19 PGW Z . -44.07 11.56 -29.46
C20 PGW Z . -42.73 12.22 -29.59
C21 PGW Z . -41.58 11.26 -29.45
C22 PGW Z . -40.23 11.93 -29.54
C23 PGW Z . -39.06 11.01 -29.34
C24 PGW Z . -37.72 11.71 -29.35
C25 PGW Z . -36.55 10.80 -29.02
C26 PGW Z . -35.23 11.52 -28.90
C27 PGW Z . -34.09 10.63 -28.44
C01 PGW AA . -35.37 5.73 -31.37
C1 PGW AA . -33.62 3.19 -30.79
O01 PGW AA . -34.89 3.28 -31.22
C02 PGW AA . -35.30 4.39 -32.07
C2 PGW AA . -33.05 1.80 -30.91
O02 PGW AA . -33.02 4.10 -30.28
C03 PGW AA . -36.60 4.01 -32.74
C3 PGW AA . -31.57 1.75 -30.68
O03 PGW AA . -34.07 6.37 -31.46
C4 PGW AA . -30.78 2.43 -31.79
O04 PGW AA . -34.93 8.16 -30.44
C5 PGW AA . -29.35 2.74 -31.42
C6 PGW AA . -28.56 1.56 -30.93
C19 PGW AA . -34.00 7.62 -30.99
C20 PGW AA . -32.68 8.26 -31.27
C21 PGW AA . -31.56 7.81 -30.35
C22 PGW AA . -30.99 6.47 -30.73
C23 PGW AA . -30.00 5.91 -29.74
C24 PGW AA . -28.75 6.73 -29.56
C25 PGW AA . -27.75 6.15 -28.59
C26 PGW AA . -26.49 6.96 -28.42
C01 PGW BA . -44.34 -4.65 -15.89
C1 PGW BA . -42.29 -5.97 -13.84
O01 PGW BA . -43.25 -5.06 -13.73
C02 PGW BA . -44.48 -5.24 -14.52
C2 PGW BA . -41.07 -5.66 -13.01
O02 PGW BA . -42.40 -6.95 -14.54
C03 PGW BA . -45.64 -4.68 -13.73
C3 PGW BA . -39.82 -5.51 -13.82
O03 PGW BA . -43.39 -5.42 -16.67
C4 PGW BA . -38.57 -5.45 -12.98
O04 PGW BA . -43.94 -4.21 -18.46
C5 PGW BA . -37.30 -5.38 -13.80
C6 PGW BA . -36.03 -5.47 -13.00
C15 PGW BA . -33.78 -3.83 -16.82
C16 PGW BA . -33.04 -4.65 -15.79
C17 PGW BA . -31.79 -3.99 -15.27
C19 PGW BA . -43.30 -5.09 -17.96
C20 PGW BA . -42.34 -5.98 -18.70
C21 PGW BA . -41.38 -6.72 -17.81
C22 PGW BA . -40.25 -5.83 -17.33
C23 PGW BA . -39.27 -5.41 -18.40
C24 PGW BA . -38.06 -4.68 -17.87
C25 PGW BA . -37.02 -4.35 -18.91
C26 PGW BA . -35.79 -3.68 -18.38
C27 PGW BA . -35.03 -4.49 -17.36
C15 PGW CA . -37.96 -6.40 -8.79
C16 PGW CA . -39.30 -6.36 -8.09
C17 PGW CA . -40.49 -6.39 -9.01
C18 PGW CA . -41.82 -6.40 -8.31
C20 PGW CA . -29.55 -4.05 -11.06
C21 PGW CA . -30.91 -4.09 -10.45
C22 PGW CA . -32.03 -4.18 -11.48
C23 PGW CA . -33.41 -4.18 -10.89
C24 PGW CA . -33.73 -5.37 -10.02
C25 PGW CA . -35.12 -5.34 -9.42
C26 PGW CA . -35.44 -6.53 -8.56
C27 PGW CA . -36.77 -6.45 -7.86
C28 PGW CA . -43.01 -6.51 -9.24
P CMP DA . 24.30 -36.27 17.91
O1P CMP DA . 25.20 -37.47 17.64
O2P CMP DA . 24.66 -34.95 17.28
O5' CMP DA . 22.86 -36.68 17.35
C5' CMP DA . 21.92 -37.44 18.13
C4' CMP DA . 21.99 -36.96 19.55
O4' CMP DA . 21.23 -37.78 20.46
C3' CMP DA . 23.38 -37.02 20.14
O3' CMP DA . 24.21 -36.07 19.52
C2' CMP DA . 23.10 -36.84 21.62
O2' CMP DA . 22.81 -35.48 21.92
C1' CMP DA . 21.80 -37.65 21.76
N9 CMP DA . 22.01 -39.00 22.32
C8 CMP DA . 22.69 -40.00 21.74
N7 CMP DA . 22.71 -41.11 22.54
C5 CMP DA . 22.02 -40.81 23.65
C6 CMP DA . 21.65 -41.52 24.90
N6 CMP DA . 22.02 -42.80 25.11
N1 CMP DA . 20.92 -40.85 25.82
C2 CMP DA . 20.54 -39.57 25.61
N3 CMP DA . 20.84 -38.87 24.50
C4 CMP DA . 21.56 -39.43 23.51
CAD PGW EA . -42.80 13.51 23.60
OAE PGW EA . -42.09 12.35 24.03
OAF PGW EA . -43.01 15.90 23.83
P PGW EA . -39.75 13.83 26.27
C01 PGW EA . -36.18 16.33 24.54
C1 PGW EA . -35.61 13.44 25.44
O01 PGW EA . -36.59 13.93 24.67
C02 PGW EA . -37.16 15.25 24.94
C2 PGW EA . -34.23 13.50 24.83
O02 PGW EA . -35.81 12.93 26.51
C03 PGW EA . -37.61 15.39 26.38
C3 PGW EA . -33.14 13.18 25.81
O03 PGW EA . -36.78 17.62 24.80
C04 PGW EA . -40.81 14.99 24.14
C4 PGW EA . -31.75 13.37 25.23
O04 PGW EA . -36.42 19.82 24.74
C05 PGW EA . -42.30 14.75 24.30
C5 PGW EA . -31.42 12.45 24.09
C06 PGW EA . -27.68 7.79 22.47
C6 PGW EA . -31.40 10.99 24.46
C07 PGW EA . -26.62 6.76 22.73
C7 PGW EA . -30.28 10.60 25.41
C8 PGW EA . -28.90 10.67 24.82
C9 PGW EA . -28.71 9.74 23.66
C10 PGW EA . -27.86 8.75 23.62
O11 PGW EA . -39.04 15.24 26.55
O12 PGW EA . -40.05 13.88 24.69
O13 PGW EA . -41.05 13.82 27.01
O14 PGW EA . -38.73 12.73 26.52
C15 PGW EA . -27.50 14.48 21.02
C16 PGW EA . -27.56 13.01 20.73
C17 PGW EA . -26.23 12.39 20.36
C18 PGW EA . -26.29 10.90 20.10
C19 PGW EA . -35.99 18.70 24.78
C20 PGW EA . -34.53 18.34 24.87
C21 PGW EA . -33.70 18.96 23.78
C22 PGW EA . -32.27 18.47 23.80
C23 PGW EA . -32.11 16.99 23.63
C24 PGW EA . -30.70 16.55 23.35
C25 PGW EA . -30.09 17.15 22.11
C26 PGW EA . -28.76 16.56 21.72
C27 PGW EA . -28.81 15.09 21.41
C28 PGW EA . -24.96 10.28 19.74
C2 PGW FA . -22.95 17.31 21.61
C3 PGW FA . -24.06 17.52 22.60
C4 PGW FA . -24.02 18.88 23.24
C5 PGW FA . -25.11 19.05 24.29
C06 PGW FA . -29.33 23.93 26.33
C6 PGW FA . -25.02 20.35 25.06
C07 PGW FA . -30.52 24.32 27.17
C7 PGW FA . -25.87 20.39 26.30
C08 PGW FA . -30.65 25.81 27.41
C8 PGW FA . -27.33 20.63 26.07
C09 PGW FA . -31.72 26.18 28.41
C9 PGW FA . -27.70 22.07 25.80
C10 PGW FA . -29.09 22.44 26.26
C11 PGW FA . -31.86 27.67 28.65
C12 PGW FA . -32.92 28.05 29.64
C13 PGW FA . -33.04 29.53 29.87
C15 PGW GA . -30.31 17.65 27.92
C16 PGW GA . -28.92 17.37 27.39
C17 PGW GA . -28.63 15.91 27.15
C18 PGW GA . -27.25 15.65 26.59
C19 PGW GA . -37.87 26.04 29.00
C20 PGW GA . -37.49 24.60 29.16
C21 PGW GA . -36.01 24.37 29.02
C22 PGW GA . -35.64 22.91 29.14
C23 PGW GA . -34.17 22.62 28.95
C24 PGW GA . -33.81 21.15 28.98
C25 PGW GA . -32.37 20.87 28.65
C26 PGW GA . -32.04 19.40 28.55
C27 PGW GA . -30.63 19.11 28.11
C01 PGW HA . -27.76 23.34 30.96
C1 PGW HA . -24.70 23.68 30.37
O01 PGW HA . -25.60 24.59 30.79
C02 PGW HA . -26.71 24.18 31.65
C2 PGW HA . -23.29 24.16 30.50
O02 PGW HA . -25.00 22.62 29.88
C03 PGW HA . -27.27 25.43 32.29
C3 PGW HA . -22.28 23.08 30.28
O03 PGW HA . -27.40 21.95 31.07
C4 PGW HA . -22.26 22.06 31.40
O04 PGW HA . -29.31 21.40 30.07
C5 PGW HA . -21.55 20.76 31.06
C6 PGW HA . -20.14 20.94 30.55
C19 PGW HA . -28.29 21.07 30.62
C20 PGW HA . -27.90 19.64 30.92
C21 PGW HA . -26.84 19.09 30.02
C22 PGW HA . -25.44 19.55 30.39
C23 PGW HA . -24.37 19.15 29.40
C24 PGW HA . -24.17 17.66 29.25
C25 PGW HA . -23.08 17.28 28.28
C26 PGW HA . -22.86 15.79 28.14
C01 PGW IA . -25.82 36.66 15.26
C1 PGW IA . -23.47 35.95 13.22
O01 PGW IA . -24.80 36.07 13.10
C02 PGW IA . -25.47 37.12 13.86
C2 PGW IA . -22.91 34.81 12.40
O02 PGW IA . -22.81 36.68 13.90
C03 PGW IA . -26.65 37.62 13.07
C3 PGW IA . -22.21 33.78 13.23
O03 PGW IA . -24.62 36.46 16.04
C4 PGW IA . -21.42 32.78 12.41
O04 PGW IA . -25.90 36.11 17.83
C5 PGW IA . -20.65 31.79 13.25
C6 PGW IA . -19.75 30.88 12.45
C15 PGW IA . -19.51 28.17 16.32
C16 PGW IA . -18.40 28.13 15.30
C17 PGW IA . -18.07 26.75 14.79
C19 PGW IA . -24.81 36.20 17.33
C20 PGW IA . -23.51 36.08 18.07
C21 PGW IA . -22.33 35.81 17.19
C22 PGW IA . -22.24 34.37 16.73
C23 PGW IA . -21.91 33.37 17.81
C24 PGW IA . -21.68 31.97 17.31
C25 PGW IA . -21.25 30.99 18.37
C26 PGW IA . -20.94 29.60 17.86
C27 PGW IA . -19.83 29.56 16.83
C15 PGW JA . -20.31 32.88 8.22
C16 PGW JA . -21.22 33.84 7.49
C17 PGW JA . -21.97 34.78 8.41
C18 PGW JA . -22.85 35.77 7.69
C20 PGW JA . -16.56 25.03 10.62
C21 PGW JA . -17.43 26.07 9.98
C22 PGW JA . -18.09 26.98 11.00
C23 PGW JA . -19.01 28.02 10.40
C24 PGW JA . -18.32 29.02 9.51
C25 PGW JA . -19.25 30.04 8.89
C26 PGW JA . -18.56 31.05 8.01
C27 PGW JA . -19.49 32.01 7.30
C28 PGW JA . -23.55 36.76 8.60
#